data_6DZM
#
_entry.id   6DZM
#
_cell.length_a   1
_cell.length_b   1
_cell.length_c   1
_cell.angle_alpha   90.00
_cell.angle_beta   90.00
_cell.angle_gamma   90.00
#
_symmetry.space_group_name_H-M   'P 1'
#
loop_
_entity.id
_entity.type
_entity.pdbx_description
1 polymer 'Bundibugyo virus GP1'
2 polymer 'Bundibugyo virus GP2'
3 polymer 'Antibody ADI-15878 Fab, light chain'
4 polymer 'Antibody ADI-15878 Fab, heavy chain'
5 branched 2-acetamido-2-deoxy-beta-D-glucopyranose-(1-4)-2-acetamido-2-deoxy-beta-D-glucopyranose
6 branched alpha-D-mannopyranose-(1-3)-[alpha-D-mannopyranose-(1-6)]beta-D-mannopyranose-(1-4)-2-acetamido-2-deoxy-beta-D-glucopyranose-(1-4)-2-acetamido-2-deoxy-beta-D-glucopyranose
7 non-polymer 2-acetamido-2-deoxy-beta-D-glucopyranose
#
loop_
_entity_poly.entity_id
_entity_poly.type
_entity_poly.pdbx_seq_one_letter_code
_entity_poly.pdbx_strand_id
1 'polypeptide(L)'
;IPLGVVHNNTLQVSDIDKLVCRDKLSSTSQLKSVGLNLEGNGVATDVPTATKRWGFRAGVPPKVVNYEAGEWAENCYNLD
IKKADGSECLPEAPEGVRGFPRCRYVHKVSGTGPCPEGYAFHKEGAFFLYDRLASTIIYRSTTFSEGVVAFLILPETKKD
FFQSPPLHEPANMTTDPSSYYHTVTLNYVADNFGTNMTNFLFQVDHLTYVQLEPRFTPQFLVQLNETIYTNGRRSNTTGT
LIWKVNPTVDTGVGEWAFWENKKNFTKTLSSEELSVIFVPIDISESTEPGPLTNTTRGAANLLTGSRRTRR
;
A,B,C
2 'polypeptide(L)'
;EITLRTQAKCNPNLHYWTTQDEGAAIGLAWIPYFGPAAEGIYTEGIMHNQNGLICGLRQLANETTQALQLFLRATTELRT
FSILNRKAIDFLLQRWGGTCHILGPDCCIEPHDWTKNITDKIDQIIHDFIDKPLPDQTDVEVDDDDKAGWSHPQFEKGGG
SGGGSGGGSWSHPQFEK
;
D,E,F
3 'polypeptide(L)'
;DIVLTQSPSTLSASVGDRVTITCRASQSISSWLAWYQQKPGEAPKLLISDASSLESGVPSRFSGSGSGTEFTLTISSLQP
DDFATYYCQQYYSSPTFGGGTKVEIK
;
H,K,L
4 'polypeptide(L)'
;VQLVQSGVTLVQPGGSLRVSCAASGFTFSSYAMSWVRQAPGKGLEWVSAISGLGGSTYYADSVKGRFTISRDNSKNTLYL
QMNSLRAEDTAVYYCAKDHRVWAAGYHFDYWGQGALVTVS
;
G,I,J
#
# COMPACT_ATOMS: atom_id res chain seq x y z
N ILE A 1 0.78 10.25 -14.46
CA ILE A 1 0.11 9.44 -15.48
C ILE A 1 -1.20 10.15 -15.83
N PRO A 2 -1.68 10.02 -17.08
CA PRO A 2 -3.03 10.51 -17.39
C PRO A 2 -4.13 9.64 -16.79
N LEU A 3 -5.37 9.95 -17.19
CA LEU A 3 -6.50 9.11 -16.83
C LEU A 3 -7.60 9.36 -17.85
N GLY A 4 -8.20 8.27 -18.34
CA GLY A 4 -9.29 8.34 -19.29
C GLY A 4 -10.58 7.86 -18.63
N VAL A 5 -11.70 8.44 -19.04
CA VAL A 5 -12.99 8.17 -18.43
C VAL A 5 -14.02 7.93 -19.52
N VAL A 6 -14.81 6.88 -19.33
CA VAL A 6 -15.95 6.63 -20.20
C VAL A 6 -17.03 7.65 -19.91
N HIS A 7 -17.70 8.11 -20.95
CA HIS A 7 -18.87 8.96 -20.79
C HIS A 7 -19.65 8.92 -22.09
N ASN A 8 -20.84 8.30 -22.06
CA ASN A 8 -21.69 8.19 -23.25
C ASN A 8 -20.93 7.53 -24.41
N ASN A 9 -20.13 6.52 -24.08
CA ASN A 9 -19.37 5.74 -25.05
C ASN A 9 -18.36 6.57 -25.83
N THR A 10 -17.97 7.74 -25.31
CA THR A 10 -16.83 8.48 -25.82
C THR A 10 -15.85 8.72 -24.69
N LEU A 11 -14.58 8.47 -24.96
CA LEU A 11 -13.54 8.61 -23.97
C LEU A 11 -13.13 10.05 -23.82
N GLN A 12 -12.61 10.37 -22.64
CA GLN A 12 -12.11 11.71 -22.34
C GLN A 12 -10.90 11.57 -21.45
N VAL A 13 -9.75 11.98 -21.97
CA VAL A 13 -8.56 12.04 -21.12
C VAL A 13 -8.66 13.30 -20.27
N SER A 14 -8.45 13.14 -18.98
CA SER A 14 -8.49 14.26 -18.04
C SER A 14 -7.06 14.71 -17.83
N ASP A 15 -6.69 15.79 -18.50
CA ASP A 15 -5.42 16.45 -18.20
C ASP A 15 -5.39 16.83 -16.73
N ILE A 16 -4.19 16.77 -16.14
CA ILE A 16 -4.05 16.78 -14.70
C ILE A 16 -4.51 18.11 -14.13
N ASP A 17 -3.85 19.20 -14.52
CA ASP A 17 -4.19 20.51 -13.97
C ASP A 17 -5.62 20.93 -14.30
N LYS A 18 -6.23 20.33 -15.32
CA LYS A 18 -7.58 20.71 -15.69
C LYS A 18 -8.59 20.19 -14.68
N LEU A 19 -9.67 20.95 -14.53
CA LEU A 19 -10.69 20.72 -13.52
C LEU A 19 -12.01 20.43 -14.20
N VAL A 20 -12.69 19.39 -13.71
CA VAL A 20 -13.99 18.98 -14.25
C VAL A 20 -14.91 18.67 -13.09
N CYS A 21 -15.78 19.63 -12.75
CA CYS A 21 -16.83 19.36 -11.78
C CYS A 21 -17.77 18.26 -12.27
N ARG A 22 -17.93 18.15 -13.59
CA ARG A 22 -18.87 17.19 -14.17
C ARG A 22 -18.54 15.76 -13.80
N ASP A 23 -17.29 15.48 -13.43
CA ASP A 23 -16.89 14.11 -13.19
C ASP A 23 -17.60 13.54 -11.97
N LYS A 24 -17.55 12.22 -11.85
CA LYS A 24 -18.14 11.50 -10.74
C LYS A 24 -17.33 10.23 -10.53
N LEU A 25 -17.17 9.84 -9.27
CA LEU A 25 -16.37 8.67 -8.93
C LEU A 25 -16.88 8.11 -7.62
N SER A 26 -17.71 7.08 -7.69
CA SER A 26 -18.37 6.56 -6.50
C SER A 26 -17.65 5.38 -5.86
N SER A 27 -16.70 4.75 -6.54
CA SER A 27 -16.02 3.61 -5.94
C SER A 27 -14.77 3.25 -6.71
N THR A 28 -13.96 2.39 -6.08
CA THR A 28 -12.85 1.74 -6.75
C THR A 28 -13.36 0.74 -7.78
N SER A 29 -14.52 0.15 -7.53
CA SER A 29 -15.11 -0.77 -8.51
C SER A 29 -15.31 -0.10 -9.86
N GLN A 30 -15.49 1.23 -9.86
CA GLN A 30 -15.49 1.97 -11.10
C GLN A 30 -14.11 2.02 -11.75
N LEU A 31 -13.06 1.86 -10.95
CA LEU A 31 -11.70 1.90 -11.47
C LEU A 31 -11.24 0.52 -11.93
N LYS A 32 -10.40 0.54 -12.97
CA LYS A 32 -9.83 -0.69 -13.50
C LYS A 32 -8.45 -0.38 -14.07
N SER A 33 -7.58 -1.37 -13.99
CA SER A 33 -6.26 -1.33 -14.57
C SER A 33 -6.14 -2.47 -15.56
N VAL A 34 -6.08 -2.12 -16.84
CA VAL A 34 -6.32 -3.06 -17.92
C VAL A 34 -5.04 -3.22 -18.73
N GLY A 35 -4.76 -4.46 -19.13
CA GLY A 35 -3.55 -4.80 -19.86
C GLY A 35 -3.89 -5.23 -21.29
N LEU A 36 -3.27 -4.55 -22.25
CA LEU A 36 -3.65 -4.67 -23.65
C LEU A 36 -2.65 -5.51 -24.42
N ASN A 37 -3.14 -6.16 -25.47
CA ASN A 37 -2.30 -6.95 -26.36
C ASN A 37 -1.83 -6.11 -27.53
N LEU A 38 -0.64 -6.46 -28.03
CA LEU A 38 -0.15 -5.95 -29.30
C LEU A 38 -0.47 -6.91 -30.43
N GLU A 39 -1.76 -7.20 -30.53
CA GLU A 39 -2.33 -7.95 -31.63
C GLU A 39 -3.48 -7.22 -32.29
N GLY A 40 -4.19 -6.38 -31.54
CA GLY A 40 -5.20 -5.51 -32.12
C GLY A 40 -4.63 -4.44 -33.03
N ASN A 41 -3.31 -4.25 -33.03
CA ASN A 41 -2.68 -3.19 -33.79
C ASN A 41 -2.12 -3.65 -35.13
N GLY A 42 -2.02 -4.97 -35.34
CA GLY A 42 -1.56 -5.48 -36.61
C GLY A 42 -0.06 -5.58 -36.75
N VAL A 43 0.67 -5.56 -35.64
CA VAL A 43 2.12 -5.70 -35.67
C VAL A 43 2.47 -7.12 -36.05
N ALA A 44 3.75 -7.35 -36.34
CA ALA A 44 4.22 -8.73 -36.48
C ALA A 44 4.14 -9.43 -35.14
N THR A 45 3.71 -10.69 -35.17
CA THR A 45 3.50 -11.48 -33.96
C THR A 45 4.09 -12.87 -34.12
N ASP A 46 5.16 -12.98 -34.90
CA ASP A 46 5.78 -14.26 -35.19
C ASP A 46 7.01 -14.47 -34.32
N VAL A 47 7.43 -15.74 -34.23
CA VAL A 47 8.54 -16.13 -33.38
C VAL A 47 9.81 -15.35 -33.69
N PRO A 48 10.22 -15.18 -34.97
CA PRO A 48 11.43 -14.38 -35.24
C PRO A 48 11.36 -12.99 -34.65
N THR A 49 10.33 -12.23 -35.02
CA THR A 49 10.20 -10.88 -34.50
C THR A 49 10.20 -10.88 -32.98
N ALA A 50 9.51 -11.85 -32.38
CA ALA A 50 9.52 -12.01 -30.94
C ALA A 50 10.92 -12.11 -30.38
N THR A 51 11.83 -12.75 -31.10
CA THR A 51 13.23 -12.62 -30.73
C THR A 51 13.71 -11.19 -30.93
N LYS A 52 13.36 -10.58 -32.06
CA LYS A 52 13.95 -9.29 -32.41
C LYS A 52 13.37 -8.17 -31.56
N ARG A 53 12.21 -8.38 -30.95
CA ARG A 53 11.62 -7.32 -30.14
C ARG A 53 12.32 -7.13 -28.81
N TRP A 54 13.38 -7.88 -28.49
CA TRP A 54 13.94 -7.92 -27.15
C TRP A 54 15.45 -7.73 -27.19
N GLY A 55 16.01 -7.47 -26.00
CA GLY A 55 17.44 -7.40 -25.82
C GLY A 55 17.79 -7.65 -24.37
N PHE A 56 19.07 -7.49 -24.05
CA PHE A 56 19.58 -7.70 -22.70
C PHE A 56 20.34 -6.47 -22.21
N ARG A 57 20.37 -6.34 -20.90
CA ARG A 57 21.21 -5.38 -20.20
C ARG A 57 21.11 -5.66 -18.71
N ALA A 58 22.20 -5.39 -17.99
CA ALA A 58 22.28 -5.56 -16.56
C ALA A 58 22.39 -4.18 -15.89
N GLY A 59 22.56 -4.20 -14.57
CA GLY A 59 22.57 -2.95 -13.83
C GLY A 59 21.21 -2.30 -13.75
N VAL A 60 20.15 -3.11 -13.74
CA VAL A 60 18.78 -2.64 -13.80
C VAL A 60 17.99 -3.49 -12.81
N PRO A 61 17.32 -2.92 -11.81
CA PRO A 61 16.49 -3.76 -10.96
C PRO A 61 15.35 -4.34 -11.74
N PRO A 62 14.67 -5.37 -11.21
CA PRO A 62 13.39 -5.76 -11.79
C PRO A 62 12.24 -4.92 -11.27
N LYS A 63 11.22 -4.83 -12.11
CA LYS A 63 10.17 -3.84 -11.97
C LYS A 63 8.87 -4.49 -12.39
N VAL A 64 7.90 -4.53 -11.48
CA VAL A 64 6.71 -5.36 -11.62
C VAL A 64 5.49 -4.52 -11.27
N VAL A 65 4.35 -4.90 -11.86
CA VAL A 65 3.12 -4.14 -11.74
C VAL A 65 1.94 -5.10 -11.79
N ASN A 66 0.80 -4.66 -11.28
CA ASN A 66 -0.40 -5.48 -11.26
C ASN A 66 -1.56 -4.87 -12.05
N TYR A 67 -2.27 -5.73 -12.78
CA TYR A 67 -3.41 -5.30 -13.58
C TYR A 67 -4.62 -6.16 -13.26
N GLU A 68 -5.81 -5.65 -13.52
CA GLU A 68 -7.03 -6.39 -13.25
C GLU A 68 -7.47 -7.20 -14.46
N ALA A 69 -7.71 -6.53 -15.57
CA ALA A 69 -8.33 -7.13 -16.74
C ALA A 69 -7.40 -7.00 -17.93
N GLY A 70 -7.79 -7.62 -19.04
CA GLY A 70 -7.05 -7.51 -20.28
C GLY A 70 -7.86 -7.92 -21.46
N GLU A 71 -7.19 -8.51 -22.44
CA GLU A 71 -7.80 -8.96 -23.68
C GLU A 71 -7.32 -10.36 -24.03
N TRP A 72 -8.24 -11.17 -24.55
CA TRP A 72 -7.92 -12.54 -24.95
C TRP A 72 -6.75 -12.54 -25.92
N ALA A 73 -5.93 -13.59 -25.83
CA ALA A 73 -4.71 -13.69 -26.62
C ALA A 73 -4.90 -14.62 -27.80
N GLU A 74 -4.51 -14.16 -28.98
CA GLU A 74 -4.28 -15.06 -30.09
C GLU A 74 -3.03 -15.89 -29.85
N ASN A 75 -1.91 -15.22 -29.59
CA ASN A 75 -0.60 -15.84 -29.45
C ASN A 75 -0.02 -15.56 -28.08
N CYS A 76 0.94 -16.39 -27.68
CA CYS A 76 1.63 -16.25 -26.43
C CYS A 76 3.06 -16.75 -26.61
N TYR A 77 3.83 -16.71 -25.52
CA TYR A 77 5.25 -17.02 -25.59
C TYR A 77 5.72 -17.61 -24.26
N ASN A 78 6.67 -18.53 -24.34
CA ASN A 78 7.29 -19.13 -23.18
C ASN A 78 8.69 -19.58 -23.55
N LEU A 79 9.56 -19.66 -22.55
CA LEU A 79 10.97 -19.91 -22.77
C LEU A 79 11.56 -20.83 -21.72
N ASP A 80 12.58 -21.57 -22.15
CA ASP A 80 13.41 -22.41 -21.29
C ASP A 80 14.79 -22.46 -21.95
N ILE A 81 15.69 -21.61 -21.50
CA ILE A 81 16.92 -21.32 -22.23
C ILE A 81 18.12 -21.44 -21.31
N LYS A 82 19.23 -21.88 -21.89
CA LYS A 82 20.54 -21.88 -21.23
C LYS A 82 21.55 -21.26 -22.17
N LYS A 83 22.83 -21.34 -21.81
CA LYS A 83 23.92 -20.86 -22.62
C LYS A 83 24.54 -22.02 -23.38
N ALA A 84 25.62 -21.72 -24.11
CA ALA A 84 26.32 -22.76 -24.86
C ALA A 84 26.83 -23.84 -23.93
N ASP A 85 27.32 -23.46 -22.74
CA ASP A 85 27.82 -24.43 -21.79
C ASP A 85 26.72 -25.31 -21.21
N GLY A 86 25.45 -24.90 -21.34
CA GLY A 86 24.39 -25.49 -20.58
C GLY A 86 24.17 -24.82 -19.25
N SER A 87 24.32 -23.50 -19.19
CA SER A 87 24.04 -22.71 -18.01
C SER A 87 22.90 -21.76 -18.31
N GLU A 88 22.05 -21.52 -17.31
CA GLU A 88 20.80 -20.80 -17.52
C GLU A 88 21.03 -19.41 -18.08
N CYS A 89 19.99 -18.90 -18.74
CA CYS A 89 20.01 -17.62 -19.41
C CYS A 89 19.20 -16.55 -18.70
N LEU A 90 18.28 -16.92 -17.85
CA LEU A 90 17.21 -16.05 -17.35
C LEU A 90 17.11 -16.14 -15.85
N PRO A 91 16.29 -15.30 -15.23
CA PRO A 91 15.93 -15.49 -13.83
C PRO A 91 14.84 -16.56 -13.68
N GLU A 92 14.51 -16.85 -12.44
CA GLU A 92 13.51 -17.84 -12.09
C GLU A 92 12.20 -17.13 -11.75
N ALA A 93 11.10 -17.65 -12.28
CA ALA A 93 9.78 -17.11 -12.01
C ALA A 93 9.47 -17.22 -10.52
N PRO A 94 9.34 -16.11 -9.77
CA PRO A 94 9.06 -16.25 -8.34
C PRO A 94 7.70 -16.85 -8.06
N GLU A 95 7.32 -16.88 -6.80
CA GLU A 95 5.97 -17.29 -6.45
C GLU A 95 4.96 -16.29 -6.98
N GLY A 96 3.69 -16.66 -6.92
CA GLY A 96 2.62 -15.76 -7.31
C GLY A 96 2.48 -15.59 -8.81
N VAL A 97 3.55 -15.16 -9.46
CA VAL A 97 3.54 -14.99 -10.91
C VAL A 97 3.22 -16.31 -11.58
N ARG A 98 2.41 -16.26 -12.63
CA ARG A 98 1.98 -17.45 -13.33
C ARG A 98 1.80 -17.14 -14.80
N GLY A 99 1.70 -18.20 -15.60
CA GLY A 99 1.50 -18.03 -17.01
C GLY A 99 0.22 -17.27 -17.30
N PHE A 100 0.23 -16.54 -18.41
CA PHE A 100 -0.94 -15.78 -18.79
C PHE A 100 -2.07 -16.77 -19.09
N PRO A 101 -3.22 -16.67 -18.44
CA PRO A 101 -4.18 -17.78 -18.44
C PRO A 101 -4.79 -18.11 -19.79
N ARG A 102 -4.85 -17.12 -20.68
CA ARG A 102 -5.49 -17.30 -21.96
C ARG A 102 -4.51 -17.29 -23.10
N CYS A 103 -4.56 -18.33 -23.92
CA CYS A 103 -3.67 -18.43 -25.07
C CYS A 103 -4.33 -19.35 -26.08
N ARG A 104 -4.92 -18.75 -27.11
CA ARG A 104 -5.35 -19.53 -28.26
C ARG A 104 -4.15 -20.22 -28.91
N TYR A 105 -2.99 -19.59 -28.85
CA TYR A 105 -1.76 -20.18 -29.35
C TYR A 105 -0.62 -19.91 -28.39
N VAL A 106 0.35 -20.81 -28.40
CA VAL A 106 1.52 -20.74 -27.53
C VAL A 106 2.74 -20.97 -28.39
N HIS A 107 3.61 -19.97 -28.46
CA HIS A 107 4.90 -20.13 -29.12
C HIS A 107 5.95 -20.45 -28.06
N LYS A 108 5.86 -21.67 -27.54
CA LYS A 108 6.85 -22.16 -26.60
C LYS A 108 8.14 -22.50 -27.34
N VAL A 109 9.26 -22.21 -26.70
CA VAL A 109 10.56 -22.25 -27.33
C VAL A 109 11.58 -22.78 -26.33
N SER A 110 12.64 -23.37 -26.85
CA SER A 110 13.79 -23.78 -26.05
C SER A 110 15.04 -23.43 -26.84
N GLY A 111 16.17 -23.98 -26.43
CA GLY A 111 17.44 -23.76 -27.09
C GLY A 111 18.38 -22.95 -26.23
N THR A 112 19.50 -22.55 -26.84
CA THR A 112 20.52 -21.79 -26.14
C THR A 112 21.11 -20.77 -27.10
N GLY A 113 22.10 -20.05 -26.60
CA GLY A 113 22.80 -19.04 -27.34
C GLY A 113 23.87 -18.45 -26.46
N PRO A 114 24.41 -17.30 -26.83
CA PRO A 114 25.38 -16.64 -25.96
C PRO A 114 24.71 -16.15 -24.69
N CYS A 115 23.54 -15.51 -24.86
CA CYS A 115 22.78 -14.93 -23.78
C CYS A 115 23.65 -14.00 -22.94
N PRO A 116 24.01 -12.82 -23.44
CA PRO A 116 24.80 -11.90 -22.62
C PRO A 116 24.05 -11.50 -21.37
N GLU A 117 24.80 -11.14 -20.34
CA GLU A 117 24.22 -10.92 -19.03
C GLU A 117 23.29 -9.73 -19.04
N GLY A 118 22.20 -9.86 -18.31
CA GLY A 118 21.17 -8.86 -18.27
C GLY A 118 19.82 -9.52 -18.03
N TYR A 119 18.80 -8.98 -18.70
CA TYR A 119 17.46 -9.51 -18.60
C TYR A 119 16.73 -9.24 -19.89
N ALA A 120 15.75 -10.08 -20.19
CA ALA A 120 15.02 -9.98 -21.45
C ALA A 120 14.01 -8.84 -21.35
N PHE A 121 14.37 -7.70 -21.92
CA PHE A 121 13.52 -6.53 -22.00
C PHE A 121 12.89 -6.46 -23.39
N HIS A 122 12.23 -5.34 -23.67
CA HIS A 122 11.58 -5.05 -24.94
C HIS A 122 12.27 -3.85 -25.58
N LYS A 123 12.44 -3.88 -26.90
CA LYS A 123 13.05 -2.76 -27.60
C LYS A 123 12.30 -1.47 -27.33
N GLU A 124 11.02 -1.44 -27.70
CA GLU A 124 10.21 -0.25 -27.56
C GLU A 124 9.75 -0.02 -26.13
N GLY A 125 10.18 -0.83 -25.18
CA GLY A 125 9.86 -0.58 -23.79
C GLY A 125 8.48 -1.05 -23.39
N ALA A 126 8.02 -2.15 -23.95
CA ALA A 126 6.71 -2.70 -23.62
C ALA A 126 6.80 -3.48 -22.31
N PHE A 127 5.76 -4.25 -22.02
CA PHE A 127 5.66 -5.02 -20.80
C PHE A 127 5.55 -6.50 -21.13
N PHE A 128 5.52 -7.30 -20.06
CA PHE A 128 5.55 -8.74 -20.16
C PHE A 128 4.52 -9.27 -19.18
N LEU A 129 3.42 -9.77 -19.72
CA LEU A 129 2.15 -9.78 -19.03
C LEU A 129 1.86 -11.20 -18.57
N TYR A 130 1.67 -11.35 -17.26
CA TYR A 130 1.53 -12.63 -16.61
C TYR A 130 0.15 -12.67 -15.95
N ASP A 131 -0.09 -13.69 -15.13
CA ASP A 131 -1.37 -13.84 -14.48
C ASP A 131 -1.61 -12.66 -13.53
N ARG A 132 -2.41 -11.70 -13.99
CA ARG A 132 -2.77 -10.50 -13.24
C ARG A 132 -1.56 -9.66 -12.83
N LEU A 133 -0.39 -9.90 -13.42
CA LEU A 133 0.79 -9.10 -13.18
C LEU A 133 1.51 -8.91 -14.50
N ALA A 134 2.15 -7.76 -14.63
CA ALA A 134 3.00 -7.47 -15.77
C ALA A 134 4.31 -6.95 -15.25
N SER A 135 5.28 -6.87 -16.14
CA SER A 135 6.61 -6.40 -15.78
C SER A 135 7.39 -6.19 -17.07
N THR A 136 8.68 -5.90 -16.91
CA THR A 136 9.58 -5.61 -18.00
C THR A 136 10.56 -6.75 -18.25
N ILE A 137 10.38 -7.87 -17.57
CA ILE A 137 11.39 -8.93 -17.53
C ILE A 137 10.72 -10.27 -17.73
N ILE A 138 11.46 -11.18 -18.33
CA ILE A 138 11.04 -12.55 -18.58
C ILE A 138 11.46 -13.42 -17.41
N TYR A 139 10.67 -14.46 -17.15
CA TYR A 139 11.06 -15.54 -16.27
C TYR A 139 10.85 -16.86 -16.99
N ARG A 140 11.64 -17.85 -16.57
CA ARG A 140 11.67 -19.12 -17.27
C ARG A 140 10.35 -19.87 -17.15
N SER A 141 10.05 -20.66 -18.17
CA SER A 141 9.00 -21.68 -18.11
C SER A 141 7.65 -21.05 -17.80
N THR A 142 7.35 -19.92 -18.42
CA THR A 142 6.15 -19.18 -18.10
C THR A 142 5.54 -18.58 -19.35
N THR A 143 4.23 -18.57 -19.38
CA THR A 143 3.45 -18.01 -20.46
C THR A 143 3.24 -16.52 -20.22
N PHE A 144 3.12 -15.78 -21.30
CA PHE A 144 2.87 -14.34 -21.20
C PHE A 144 2.46 -13.82 -22.56
N SER A 145 2.40 -12.49 -22.66
CA SER A 145 2.35 -11.82 -23.94
C SER A 145 2.89 -10.41 -23.75
N GLU A 146 3.25 -9.79 -24.85
CA GLU A 146 3.70 -8.41 -24.81
C GLU A 146 2.51 -7.47 -24.82
N GLY A 147 2.62 -6.37 -24.09
CA GLY A 147 1.46 -5.52 -23.94
C GLY A 147 1.78 -4.24 -23.21
N VAL A 148 0.71 -3.50 -22.92
CA VAL A 148 0.76 -2.22 -22.24
C VAL A 148 -0.33 -2.22 -21.19
N VAL A 149 -0.56 -1.07 -20.55
CA VAL A 149 -1.51 -0.94 -19.46
C VAL A 149 -2.38 0.29 -19.69
N ALA A 150 -3.62 0.22 -19.20
CA ALA A 150 -4.53 1.35 -19.17
C ALA A 150 -5.01 1.59 -17.75
N PHE A 151 -5.62 2.75 -17.56
CA PHE A 151 -6.17 3.15 -16.28
C PHE A 151 -7.44 3.94 -16.53
N LEU A 152 -8.53 3.50 -15.90
CA LEU A 152 -9.85 3.92 -16.31
C LEU A 152 -10.75 4.16 -15.10
N ILE A 153 -11.78 4.95 -15.34
CA ILE A 153 -13.01 4.94 -14.55
C ILE A 153 -14.08 4.36 -15.44
N LEU A 154 -15.06 3.68 -14.83
CA LEU A 154 -16.29 3.35 -15.50
C LEU A 154 -17.47 3.98 -14.76
N PRO A 155 -18.55 4.32 -15.45
CA PRO A 155 -19.74 4.80 -14.75
C PRO A 155 -20.54 3.63 -14.17
N GLU A 156 -21.68 3.96 -13.57
CA GLU A 156 -22.58 2.98 -12.99
C GLU A 156 -23.64 2.50 -13.97
N THR A 157 -23.35 2.55 -15.27
CA THR A 157 -24.29 2.07 -16.26
C THR A 157 -24.30 0.55 -16.29
N LYS A 158 -25.28 0.00 -17.00
CA LYS A 158 -25.54 -1.45 -17.00
C LYS A 158 -24.91 -2.07 -18.24
N LYS A 159 -23.59 -2.24 -18.17
CA LYS A 159 -22.84 -2.98 -19.20
C LYS A 159 -21.81 -3.95 -18.65
N ASP A 160 -21.29 -3.75 -17.44
CA ASP A 160 -20.36 -4.64 -16.74
C ASP A 160 -18.95 -4.65 -17.34
N PHE A 161 -18.75 -4.01 -18.48
CA PHE A 161 -17.48 -3.91 -19.22
C PHE A 161 -16.41 -4.99 -18.98
N THR A 183 -7.07 -25.73 -26.47
CA THR A 183 -6.00 -24.77 -26.70
C THR A 183 -4.81 -25.46 -27.37
N VAL A 184 -3.69 -24.76 -27.46
CA VAL A 184 -2.61 -25.11 -28.39
C VAL A 184 -1.27 -25.04 -27.68
N THR A 185 -0.32 -25.83 -28.17
CA THR A 185 1.06 -25.75 -27.73
C THR A 185 1.97 -26.09 -28.90
N LEU A 186 3.03 -25.31 -29.05
CA LEU A 186 4.06 -25.51 -30.05
C LEU A 186 5.39 -25.76 -29.36
N ASN A 187 6.45 -25.95 -30.15
CA ASN A 187 7.80 -26.10 -29.66
C ASN A 187 8.75 -25.56 -30.70
N TYR A 188 9.92 -25.11 -30.25
CA TYR A 188 10.93 -24.59 -31.15
C TYR A 188 12.30 -24.85 -30.54
N VAL A 189 13.32 -24.31 -31.18
CA VAL A 189 14.65 -24.22 -30.59
C VAL A 189 15.27 -22.89 -31.04
N ALA A 190 15.97 -22.24 -30.13
CA ALA A 190 16.73 -21.05 -30.47
C ALA A 190 17.95 -21.43 -31.30
N ASP A 191 18.58 -20.41 -31.86
CA ASP A 191 19.91 -20.57 -32.46
C ASP A 191 20.64 -19.25 -32.29
N ASN A 192 21.38 -19.13 -31.20
CA ASN A 192 22.30 -18.04 -30.89
C ASN A 192 21.64 -16.71 -30.60
N PHE A 193 20.31 -16.62 -30.66
CA PHE A 193 19.58 -15.41 -30.27
C PHE A 193 20.02 -14.20 -31.10
N GLY A 194 19.70 -14.28 -32.39
CA GLY A 194 19.56 -13.09 -33.23
C GLY A 194 20.76 -12.18 -33.26
N THR A 195 21.96 -12.75 -33.26
CA THR A 195 23.20 -11.98 -33.31
C THR A 195 23.50 -11.57 -34.74
N ASN A 196 22.56 -10.81 -35.31
CA ASN A 196 22.30 -10.73 -36.74
C ASN A 196 21.95 -12.10 -37.33
N MET A 197 21.60 -13.07 -36.49
CA MET A 197 21.72 -14.47 -36.84
C MET A 197 20.78 -15.30 -35.98
N THR A 198 19.88 -16.05 -36.63
CA THR A 198 19.18 -17.14 -35.97
C THR A 198 18.57 -18.04 -37.02
N ASN A 199 18.76 -19.35 -36.85
CA ASN A 199 17.90 -20.34 -37.47
C ASN A 199 16.86 -20.77 -36.44
N PHE A 200 15.60 -20.78 -36.86
CA PHE A 200 14.49 -21.23 -36.03
C PHE A 200 13.99 -22.56 -36.57
N LEU A 201 13.63 -23.46 -35.66
CA LEU A 201 13.15 -24.78 -36.06
C LEU A 201 12.01 -25.22 -35.14
N PHE A 202 10.81 -25.25 -35.70
CA PHE A 202 9.72 -25.95 -35.06
C PHE A 202 10.06 -27.42 -34.92
N GLN A 203 9.48 -28.06 -33.90
CA GLN A 203 9.69 -29.48 -33.63
C GLN A 203 8.38 -30.23 -33.72
N VAL A 204 8.43 -31.38 -34.39
CA VAL A 204 7.39 -32.39 -34.32
C VAL A 204 7.82 -33.56 -33.44
N ASP A 205 9.05 -34.04 -33.64
CA ASP A 205 9.68 -34.92 -32.66
C ASP A 205 11.19 -34.78 -32.83
N HIS A 206 11.93 -35.59 -32.07
CA HIS A 206 13.37 -35.46 -32.06
C HIS A 206 14.00 -35.78 -33.40
N LEU A 207 13.31 -36.55 -34.24
CA LEU A 207 13.72 -36.80 -35.62
C LEU A 207 12.81 -36.07 -36.60
N THR A 208 12.36 -34.88 -36.23
CA THR A 208 11.62 -34.06 -37.18
C THR A 208 11.70 -32.60 -36.76
N TYR A 209 12.00 -31.74 -37.73
CA TYR A 209 12.02 -30.30 -37.53
C TYR A 209 11.63 -29.66 -38.85
N VAL A 210 11.57 -28.33 -38.85
CA VAL A 210 11.14 -27.57 -40.01
C VAL A 210 11.91 -26.27 -40.01
N GLN A 211 12.48 -25.90 -41.16
CA GLN A 211 12.98 -24.53 -41.26
C GLN A 211 11.80 -23.60 -41.09
N LEU A 212 11.73 -22.93 -39.96
CA LEU A 212 10.69 -21.94 -39.75
C LEU A 212 10.89 -20.79 -40.72
N GLU A 213 9.77 -20.15 -41.07
CA GLU A 213 9.75 -19.07 -42.04
C GLU A 213 8.86 -17.96 -41.50
N PRO A 214 9.19 -16.68 -41.73
CA PRO A 214 8.47 -15.62 -41.00
C PRO A 214 6.97 -15.56 -41.25
N ARG A 215 6.54 -15.48 -42.51
CA ARG A 215 5.17 -15.08 -42.80
C ARG A 215 4.15 -16.19 -42.63
N PHE A 216 4.54 -17.33 -42.05
CA PHE A 216 3.65 -18.48 -41.95
C PHE A 216 2.98 -18.50 -40.59
N THR A 217 1.72 -18.88 -40.59
CA THR A 217 0.83 -18.69 -39.46
C THR A 217 0.95 -19.86 -38.49
N PRO A 218 0.34 -19.74 -37.31
CA PRO A 218 0.12 -20.94 -36.51
C PRO A 218 -0.67 -21.98 -37.28
N GLN A 219 -1.78 -21.58 -37.88
CA GLN A 219 -2.70 -22.52 -38.50
C GLN A 219 -2.04 -23.27 -39.64
N PHE A 220 -1.27 -22.54 -40.45
CA PHE A 220 -0.49 -23.13 -41.52
C PHE A 220 0.37 -24.27 -41.00
N LEU A 221 0.99 -24.07 -39.85
CA LEU A 221 1.90 -25.05 -39.32
C LEU A 221 1.22 -26.11 -38.50
N VAL A 222 -0.02 -25.88 -38.05
CA VAL A 222 -0.82 -26.96 -37.52
C VAL A 222 -1.20 -27.91 -38.63
N GLN A 223 -1.62 -27.36 -39.78
CA GLN A 223 -1.83 -28.18 -40.96
C GLN A 223 -0.59 -28.96 -41.30
N LEU A 224 0.57 -28.29 -41.21
CA LEU A 224 1.84 -28.95 -41.51
C LEU A 224 2.11 -30.12 -40.57
N ASN A 225 1.97 -29.87 -39.27
CA ASN A 225 2.07 -30.92 -38.27
C ASN A 225 1.19 -32.09 -38.66
N GLU A 226 -0.09 -31.83 -38.91
CA GLU A 226 -1.02 -32.92 -39.08
C GLU A 226 -0.75 -33.70 -40.35
N THR A 227 -0.33 -33.01 -41.42
CA THR A 227 -0.12 -33.70 -42.69
C THR A 227 1.13 -34.56 -42.64
N ILE A 228 2.18 -34.12 -41.94
CA ILE A 228 3.34 -35.01 -41.81
C ILE A 228 3.06 -36.09 -40.78
N TYR A 229 2.30 -35.76 -39.73
CA TYR A 229 1.84 -36.72 -38.75
C TYR A 229 1.05 -37.84 -39.40
N THR A 230 0.39 -37.54 -40.53
CA THR A 230 -0.17 -38.57 -41.38
C THR A 230 0.91 -39.33 -42.14
N ASN A 231 1.92 -38.61 -42.64
CA ASN A 231 2.85 -39.14 -43.63
C ASN A 231 4.08 -39.78 -43.00
N GLY A 232 3.94 -40.37 -41.82
CA GLY A 232 4.97 -41.19 -41.23
C GLY A 232 5.71 -40.59 -40.07
N ARG A 233 5.54 -39.29 -39.81
CA ARG A 233 6.25 -38.63 -38.73
C ARG A 233 5.34 -37.59 -38.06
N LEU A 241 14.07 -35.40 -41.42
CA LEU A 241 14.14 -34.74 -40.12
C LEU A 241 13.93 -33.24 -40.23
N ILE A 242 14.28 -32.68 -41.39
CA ILE A 242 14.12 -31.26 -41.66
C ILE A 242 13.50 -31.12 -43.04
N TRP A 243 12.62 -30.14 -43.20
CA TRP A 243 11.90 -29.95 -44.44
C TRP A 243 11.61 -28.47 -44.63
N LYS A 244 11.14 -28.15 -45.83
CA LYS A 244 10.79 -26.80 -46.21
C LYS A 244 9.54 -26.87 -47.08
N VAL A 245 9.10 -25.70 -47.55
CA VAL A 245 7.85 -25.61 -48.31
C VAL A 245 8.15 -25.64 -49.80
N ASN A 246 9.29 -25.06 -50.19
CA ASN A 246 9.66 -24.93 -51.59
C ASN A 246 8.54 -24.17 -52.30
N PRO A 247 8.37 -22.86 -52.03
CA PRO A 247 7.19 -22.09 -52.46
C PRO A 247 6.89 -22.15 -53.94
N TRP A 256 -1.42 -8.17 -42.27
CA TRP A 256 -2.69 -8.84 -42.51
C TRP A 256 -3.32 -9.32 -41.21
N ALA A 257 -4.16 -8.48 -40.61
CA ALA A 257 -4.80 -8.83 -39.35
C ALA A 257 -5.73 -10.01 -39.55
N PHE A 258 -6.00 -10.72 -38.45
CA PHE A 258 -6.81 -11.92 -38.52
C PHE A 258 -8.30 -11.64 -38.38
N TRP A 259 -8.68 -10.55 -37.70
CA TRP A 259 -10.08 -10.14 -37.73
C TRP A 259 -10.42 -9.78 -39.16
N GLU A 260 -11.29 -10.58 -39.79
CA GLU A 260 -11.62 -10.42 -41.19
C GLU A 260 -13.09 -10.74 -41.44
N CYS B 10 -5.62 -0.46 -37.12
CA CYS B 10 -5.91 -0.89 -35.76
C CYS B 10 -7.19 -1.72 -35.70
N ASN B 11 -7.26 -2.62 -34.72
CA ASN B 11 -8.47 -3.40 -34.56
C ASN B 11 -9.58 -2.51 -34.02
N PRO B 12 -10.78 -2.58 -34.58
CA PRO B 12 -11.93 -2.06 -33.84
C PRO B 12 -12.42 -3.04 -32.80
N ASN B 13 -12.33 -4.32 -33.12
CA ASN B 13 -12.95 -5.34 -32.29
C ASN B 13 -12.23 -5.43 -30.94
N LEU B 14 -13.01 -5.78 -29.92
CA LEU B 14 -12.56 -5.82 -28.54
C LEU B 14 -13.05 -7.10 -27.88
N HIS B 15 -12.63 -8.24 -28.39
CA HIS B 15 -12.84 -9.48 -27.66
C HIS B 15 -11.95 -9.46 -26.42
N TYR B 16 -12.52 -9.10 -25.27
CA TYR B 16 -11.78 -8.80 -24.05
C TYR B 16 -12.19 -9.72 -22.91
N TRP B 17 -11.63 -9.45 -21.74
CA TRP B 17 -11.96 -10.18 -20.52
C TRP B 17 -11.77 -9.28 -19.32
N THR B 18 -12.18 -9.79 -18.16
CA THR B 18 -11.84 -9.23 -16.86
C THR B 18 -11.88 -10.37 -15.85
N THR B 19 -11.79 -10.03 -14.58
CA THR B 19 -11.80 -11.01 -13.51
C THR B 19 -13.15 -11.03 -12.84
N GLN B 20 -13.59 -12.23 -12.48
CA GLN B 20 -14.84 -12.37 -11.73
C GLN B 20 -14.57 -11.93 -10.30
N ASP B 21 -14.63 -10.62 -10.10
CA ASP B 21 -14.62 -10.03 -8.76
C ASP B 21 -15.66 -8.93 -8.68
N GLU B 22 -16.82 -9.19 -9.27
CA GLU B 22 -17.96 -8.30 -9.12
C GLU B 22 -18.62 -8.60 -7.78
N GLY B 23 -19.81 -8.07 -7.57
CA GLY B 23 -20.49 -8.22 -6.29
C GLY B 23 -21.35 -9.45 -6.27
N ALA B 24 -22.64 -9.28 -6.51
CA ALA B 24 -23.57 -10.39 -6.43
C ALA B 24 -23.44 -11.31 -7.63
N ALA B 25 -22.56 -12.28 -7.52
CA ALA B 25 -22.41 -13.32 -8.52
C ALA B 25 -22.25 -14.69 -7.89
N ILE B 26 -22.36 -14.82 -6.57
CA ILE B 26 -21.88 -15.97 -5.84
C ILE B 26 -22.93 -16.45 -4.85
N GLY B 27 -22.95 -17.76 -4.65
CA GLY B 27 -23.69 -18.39 -3.58
C GLY B 27 -22.71 -18.57 -2.44
N LEU B 28 -22.18 -19.78 -2.27
CA LEU B 28 -21.11 -20.02 -1.30
C LEU B 28 -19.83 -20.53 -1.96
N ALA B 29 -19.70 -20.42 -3.28
CA ALA B 29 -18.53 -20.94 -3.96
C ALA B 29 -17.25 -20.21 -3.60
N TRP B 30 -17.33 -19.09 -2.87
CA TRP B 30 -16.16 -18.37 -2.39
C TRP B 30 -15.20 -19.21 -1.58
N ILE B 31 -15.64 -20.35 -1.05
CA ILE B 31 -14.79 -21.12 -0.14
C ILE B 31 -13.51 -21.51 -0.87
N PRO B 32 -12.31 -21.43 -0.23
CA PRO B 32 -11.07 -21.40 -0.98
C PRO B 32 -10.86 -22.59 -1.90
N TYR B 33 -10.93 -23.79 -1.35
CA TYR B 33 -10.64 -25.00 -2.09
C TYR B 33 -11.89 -25.74 -2.51
N PHE B 34 -13.05 -25.19 -2.20
CA PHE B 34 -14.23 -25.45 -3.02
C PHE B 34 -14.43 -24.31 -4.00
N GLY B 35 -13.36 -24.05 -4.72
CA GLY B 35 -13.32 -23.04 -5.75
C GLY B 35 -12.08 -23.25 -6.59
N PRO B 36 -12.10 -22.81 -7.84
CA PRO B 36 -11.02 -23.16 -8.76
C PRO B 36 -9.68 -22.51 -8.43
N ALA B 37 -9.69 -21.18 -8.29
CA ALA B 37 -8.50 -20.37 -8.04
C ALA B 37 -7.53 -20.30 -9.21
N ALA B 38 -7.82 -21.01 -10.30
CA ALA B 38 -6.86 -21.20 -11.38
C ALA B 38 -7.38 -20.72 -12.72
N GLU B 39 -8.57 -21.17 -13.14
CA GLU B 39 -9.16 -20.79 -14.41
C GLU B 39 -10.63 -20.42 -14.32
N GLY B 40 -11.27 -20.62 -13.17
CA GLY B 40 -12.69 -20.37 -13.02
C GLY B 40 -12.97 -19.24 -12.06
N ILE B 41 -12.11 -18.23 -12.08
CA ILE B 41 -12.24 -17.03 -11.26
C ILE B 41 -12.39 -15.80 -12.13
N TYR B 42 -12.81 -16.00 -13.37
CA TYR B 42 -12.58 -15.05 -14.43
C TYR B 42 -13.88 -14.67 -15.11
N THR B 43 -13.77 -13.72 -16.04
CA THR B 43 -14.90 -13.17 -16.74
C THR B 43 -14.43 -12.79 -18.14
N GLU B 44 -15.34 -12.90 -19.11
CA GLU B 44 -15.05 -12.56 -20.50
C GLU B 44 -15.95 -11.40 -20.93
N GLY B 45 -15.89 -11.07 -22.21
CA GLY B 45 -16.74 -10.04 -22.75
C GLY B 45 -16.26 -9.59 -24.11
N ILE B 46 -17.16 -8.93 -24.83
CA ILE B 46 -16.87 -8.42 -26.16
C ILE B 46 -17.52 -7.06 -26.34
N MET B 47 -16.89 -6.22 -27.15
CA MET B 47 -17.48 -4.96 -27.60
C MET B 47 -17.04 -4.72 -29.03
N HIS B 48 -17.52 -3.62 -29.60
CA HIS B 48 -17.16 -3.20 -30.94
C HIS B 48 -16.92 -1.70 -30.92
N ASN B 49 -16.10 -1.24 -31.87
CA ASN B 49 -15.51 0.08 -31.75
C ASN B 49 -16.51 1.20 -31.99
N GLN B 50 -17.38 1.41 -31.02
CA GLN B 50 -18.18 2.62 -30.99
C GLN B 50 -17.27 3.83 -30.98
N ASN B 51 -17.40 4.68 -32.01
CA ASN B 51 -16.80 6.02 -32.02
C ASN B 51 -15.27 5.98 -32.01
N GLY B 52 -14.65 4.99 -32.64
CA GLY B 52 -13.20 4.95 -32.69
C GLY B 52 -12.55 4.81 -31.33
N LEU B 53 -13.32 4.34 -30.34
CA LEU B 53 -12.97 4.49 -28.94
C LEU B 53 -11.78 3.63 -28.56
N ILE B 54 -11.78 2.38 -29.00
CA ILE B 54 -10.77 1.46 -28.54
C ILE B 54 -9.45 1.74 -29.25
N CYS B 55 -9.48 2.09 -30.52
CA CYS B 55 -8.25 2.53 -31.15
C CYS B 55 -7.73 3.80 -30.48
N GLY B 56 -8.66 4.66 -30.02
CA GLY B 56 -8.24 5.82 -29.26
C GLY B 56 -7.46 5.45 -28.02
N LEU B 57 -7.98 4.49 -27.24
CA LEU B 57 -7.24 4.13 -26.04
C LEU B 57 -5.99 3.31 -26.35
N ARG B 58 -5.93 2.64 -27.50
CA ARG B 58 -4.69 1.99 -27.88
C ARG B 58 -3.60 3.02 -28.06
N GLN B 59 -3.91 4.07 -28.83
CA GLN B 59 -3.06 5.24 -28.90
C GLN B 59 -2.71 5.74 -27.50
N LEU B 60 -3.72 5.82 -26.63
CA LEU B 60 -3.53 6.36 -25.29
C LEU B 60 -2.49 5.56 -24.52
N ALA B 61 -2.57 4.23 -24.61
CA ALA B 61 -1.66 3.41 -23.82
C ALA B 61 -0.24 3.48 -24.35
N ASN B 62 -0.10 3.49 -25.68
CA ASN B 62 1.23 3.66 -26.23
C ASN B 62 1.82 5.00 -25.83
N GLU B 63 0.98 5.99 -25.60
CA GLU B 63 1.45 7.26 -25.07
C GLU B 63 1.72 7.20 -23.57
N THR B 64 1.00 6.34 -22.87
CA THR B 64 1.11 6.24 -21.42
C THR B 64 2.45 5.68 -21.00
N THR B 65 2.92 4.67 -21.74
CA THR B 65 4.08 3.86 -21.35
C THR B 65 5.26 4.69 -20.85
N GLN B 66 5.52 5.82 -21.51
CA GLN B 66 6.67 6.66 -21.17
C GLN B 66 6.59 7.17 -19.74
N ALA B 67 5.58 8.01 -19.48
CA ALA B 67 5.40 8.56 -18.16
C ALA B 67 5.19 7.47 -17.13
N LEU B 68 4.62 6.35 -17.54
CA LEU B 68 4.46 5.23 -16.63
C LEU B 68 5.82 4.77 -16.12
N GLN B 69 6.71 4.41 -17.04
CA GLN B 69 7.98 3.85 -16.61
C GLN B 69 8.80 4.87 -15.85
N LEU B 70 8.64 6.16 -16.18
CA LEU B 70 9.43 7.14 -15.45
C LEU B 70 8.90 7.36 -14.04
N PHE B 71 7.58 7.51 -13.91
CA PHE B 71 6.95 7.56 -12.60
C PHE B 71 7.28 6.33 -11.78
N LEU B 72 7.44 5.20 -12.44
CA LEU B 72 7.81 3.97 -11.78
C LEU B 72 9.25 4.01 -11.31
N ARG B 73 10.16 4.48 -12.17
CA ARG B 73 11.58 4.20 -12.03
C ARG B 73 12.16 4.68 -10.71
N ALA B 74 11.54 5.67 -10.08
CA ALA B 74 12.14 6.28 -8.90
C ALA B 74 12.32 5.26 -7.78
N THR B 75 11.26 4.52 -7.47
CA THR B 75 11.33 3.64 -6.32
C THR B 75 12.27 2.47 -6.59
N THR B 76 12.44 1.64 -5.55
CA THR B 76 13.09 0.35 -5.65
C THR B 76 12.09 -0.80 -5.57
N GLU B 77 10.83 -0.52 -5.26
CA GLU B 77 9.87 -1.56 -4.98
C GLU B 77 9.59 -2.39 -6.22
N LEU B 78 9.38 -3.68 -6.02
CA LEU B 78 9.15 -4.59 -7.14
C LEU B 78 7.71 -4.53 -7.61
N ARG B 79 6.80 -4.99 -6.78
CA ARG B 79 5.45 -5.33 -7.18
C ARG B 79 4.54 -4.20 -6.73
N THR B 80 4.31 -3.26 -7.64
CA THR B 80 3.56 -2.07 -7.30
C THR B 80 2.07 -2.38 -7.26
N PHE B 81 1.41 -1.83 -6.25
CA PHE B 81 -0.04 -1.98 -6.10
C PHE B 81 -0.73 -0.69 -5.68
N SER B 82 -0.02 0.35 -5.27
CA SER B 82 -0.60 1.54 -4.67
C SER B 82 -0.79 2.69 -5.65
N ILE B 83 -0.41 2.49 -6.92
CA ILE B 83 -0.44 3.57 -7.89
C ILE B 83 -1.85 4.11 -8.07
N LEU B 84 -2.85 3.25 -7.98
CA LEU B 84 -4.18 3.63 -8.43
C LEU B 84 -4.88 4.47 -7.38
N ASN B 85 -4.79 4.03 -6.13
CA ASN B 85 -5.05 4.90 -5.00
C ASN B 85 -4.40 6.26 -5.20
N ARG B 86 -3.07 6.25 -5.31
CA ARG B 86 -2.30 7.48 -5.40
C ARG B 86 -2.83 8.40 -6.49
N LYS B 87 -3.24 7.82 -7.61
CA LYS B 87 -3.90 8.59 -8.66
C LYS B 87 -5.19 9.22 -8.14
N ALA B 88 -5.97 8.45 -7.40
CA ALA B 88 -7.23 8.97 -6.87
C ALA B 88 -7.00 10.11 -5.89
N ILE B 89 -5.99 9.95 -5.03
CA ILE B 89 -5.69 11.01 -4.07
C ILE B 89 -5.20 12.24 -4.79
N ASP B 90 -4.42 12.06 -5.86
CA ASP B 90 -4.02 13.19 -6.68
C ASP B 90 -5.24 13.92 -7.22
N PHE B 91 -6.22 13.15 -7.69
CA PHE B 91 -7.47 13.73 -8.18
C PHE B 91 -8.12 14.59 -7.11
N LEU B 92 -8.20 14.05 -5.90
CA LEU B 92 -8.90 14.78 -4.85
C LEU B 92 -8.12 15.99 -4.40
N LEU B 93 -6.80 15.91 -4.35
CA LEU B 93 -6.01 17.06 -3.96
C LEU B 93 -6.11 18.16 -4.99
N GLN B 94 -6.19 17.79 -6.26
CA GLN B 94 -6.59 18.76 -7.26
C GLN B 94 -7.94 19.36 -6.91
N ARG B 95 -8.88 18.50 -6.53
CA ARG B 95 -10.19 18.99 -6.13
C ARG B 95 -10.17 19.65 -4.77
N TRP B 96 -9.27 19.20 -3.88
CA TRP B 96 -9.35 19.56 -2.46
C TRP B 96 -7.93 19.65 -1.90
N GLY B 97 -7.36 20.85 -1.98
CA GLY B 97 -6.03 21.07 -1.46
C GLY B 97 -5.96 21.39 0.01
N GLY B 98 -7.09 21.72 0.63
CA GLY B 98 -7.12 22.17 2.00
C GLY B 98 -7.89 23.48 2.17
N THR B 99 -8.24 24.12 1.06
CA THR B 99 -9.02 25.34 1.07
C THR B 99 -9.88 25.35 -0.18
N CYS B 100 -11.06 25.96 -0.06
CA CYS B 100 -12.05 26.00 -1.12
C CYS B 100 -12.50 27.43 -1.35
N HIS B 101 -12.78 27.74 -2.61
CA HIS B 101 -13.44 28.99 -3.01
C HIS B 101 -14.65 28.59 -3.82
N ILE B 102 -15.82 28.61 -3.18
CA ILE B 102 -17.05 28.17 -3.82
C ILE B 102 -17.37 29.00 -5.04
N LEU B 103 -17.02 30.29 -5.02
CA LEU B 103 -17.19 31.13 -6.19
C LEU B 103 -16.04 31.00 -7.16
N GLY B 104 -14.81 31.10 -6.64
CA GLY B 104 -13.63 30.95 -7.44
C GLY B 104 -13.69 29.60 -8.12
N PRO B 105 -13.94 29.56 -9.45
CA PRO B 105 -14.30 28.28 -10.07
C PRO B 105 -13.12 27.31 -10.09
N ASP B 106 -12.81 26.84 -8.89
CA ASP B 106 -11.72 25.91 -8.64
C ASP B 106 -12.10 24.79 -7.69
N CYS B 107 -13.23 24.90 -6.99
CA CYS B 107 -13.61 23.99 -5.93
C CYS B 107 -14.76 23.06 -6.32
N CYS B 108 -15.54 23.45 -7.34
CA CYS B 108 -16.52 22.57 -7.97
C CYS B 108 -17.58 22.08 -6.98
N ILE B 109 -18.38 23.05 -6.57
CA ILE B 109 -19.60 22.80 -5.80
C ILE B 109 -20.74 23.44 -6.58
N GLU B 110 -21.96 22.91 -6.38
CA GLU B 110 -23.17 23.52 -6.92
C GLU B 110 -24.00 24.14 -5.81
N PRO B 111 -23.70 25.37 -5.39
CA PRO B 111 -24.57 26.07 -4.44
C PRO B 111 -25.62 26.97 -5.06
N HIS B 112 -25.73 27.00 -6.39
CA HIS B 112 -26.52 28.03 -7.06
C HIS B 112 -27.98 27.98 -6.61
N ASP B 113 -28.53 26.78 -6.46
CA ASP B 113 -29.93 26.64 -6.12
C ASP B 113 -30.23 27.07 -4.69
N TRP B 114 -29.20 27.25 -3.84
CA TRP B 114 -29.37 27.84 -2.51
C TRP B 114 -30.21 29.10 -2.55
N THR B 115 -29.96 29.94 -3.56
CA THR B 115 -30.72 31.17 -3.74
C THR B 115 -32.22 30.92 -3.84
N LYS B 116 -32.64 29.71 -4.22
CA LYS B 116 -34.07 29.39 -4.23
C LYS B 116 -34.67 29.52 -2.84
N ASN B 117 -34.12 28.80 -1.86
CA ASN B 117 -34.63 28.95 -0.51
C ASN B 117 -34.36 30.35 0.02
N ILE B 118 -33.28 31.01 -0.40
CA ILE B 118 -33.05 32.35 0.11
C ILE B 118 -34.15 33.31 -0.35
N THR B 119 -34.53 33.24 -1.62
CA THR B 119 -35.61 34.10 -2.09
C THR B 119 -36.96 33.66 -1.53
N ASP B 120 -37.11 32.37 -1.22
CA ASP B 120 -38.30 31.94 -0.50
C ASP B 120 -38.37 32.57 0.88
N LYS B 121 -37.23 32.78 1.52
CA LYS B 121 -37.22 33.43 2.84
C LYS B 121 -37.45 34.93 2.73
N ILE B 122 -36.91 35.57 1.69
CA ILE B 122 -37.03 37.02 1.59
C ILE B 122 -38.48 37.41 1.30
N ASP B 123 -39.22 36.56 0.59
CA ASP B 123 -40.64 36.81 0.36
C ASP B 123 -41.51 36.45 1.56
N GLN B 124 -40.92 36.04 2.68
CA GLN B 124 -41.66 35.75 3.90
C GLN B 124 -42.45 36.96 4.37
N ASP C 1 20.24 19.78 -20.11
CA ASP C 1 21.60 19.69 -19.57
C ASP C 1 22.59 19.38 -20.68
N ILE C 2 22.27 18.35 -21.48
CA ILE C 2 23.21 17.88 -22.49
C ILE C 2 23.29 18.91 -23.61
N VAL C 3 24.48 19.02 -24.20
CA VAL C 3 24.81 20.09 -25.14
C VAL C 3 25.49 19.46 -26.34
N LEU C 4 24.89 19.61 -27.51
CA LEU C 4 25.51 19.12 -28.73
C LEU C 4 26.79 19.90 -29.03
N THR C 5 27.48 19.45 -30.07
CA THR C 5 28.69 20.14 -30.52
C THR C 5 28.79 19.94 -32.03
N GLN C 6 28.23 20.88 -32.79
CA GLN C 6 28.47 20.88 -34.22
C GLN C 6 29.93 21.15 -34.48
N SER C 7 30.45 20.57 -35.56
CA SER C 7 31.86 20.70 -35.87
C SER C 7 32.12 20.53 -37.36
N PRO C 8 32.53 21.60 -38.08
CA PRO C 8 32.66 23.02 -37.77
C PRO C 8 31.35 23.78 -37.93
N SER C 9 31.39 25.09 -37.71
CA SER C 9 30.19 25.91 -37.80
C SER C 9 29.82 26.28 -39.22
N THR C 10 30.77 26.29 -40.14
CA THR C 10 30.45 26.54 -41.53
C THR C 10 31.52 25.94 -42.42
N LEU C 11 31.17 25.75 -43.69
CA LEU C 11 32.06 25.21 -44.70
C LEU C 11 32.07 26.11 -45.92
N SER C 12 33.18 26.03 -46.66
CA SER C 12 33.23 26.53 -48.03
C SER C 12 33.64 25.38 -48.93
N ALA C 13 33.04 25.31 -50.11
CA ALA C 13 33.06 24.08 -50.91
C ALA C 13 32.98 24.45 -52.38
N SER C 14 32.56 23.49 -53.20
CA SER C 14 32.18 23.72 -54.59
C SER C 14 31.49 22.46 -55.09
N VAL C 15 30.48 22.65 -55.95
CA VAL C 15 29.48 21.63 -56.30
C VAL C 15 30.16 20.34 -56.74
N GLY C 16 29.51 19.21 -56.42
CA GLY C 16 30.05 17.91 -56.73
C GLY C 16 31.00 17.35 -55.71
N ASP C 17 31.52 18.20 -54.82
CA ASP C 17 32.46 17.74 -53.82
C ASP C 17 31.77 16.78 -52.84
N ARG C 18 32.58 16.06 -52.08
CA ARG C 18 32.12 15.18 -51.02
C ARG C 18 32.51 15.81 -49.68
N VAL C 19 31.54 15.90 -48.78
CA VAL C 19 31.66 16.70 -47.57
C VAL C 19 31.17 15.90 -46.38
N THR C 20 31.77 16.16 -45.22
CA THR C 20 31.51 15.45 -43.99
C THR C 20 31.27 16.44 -42.87
N ILE C 21 30.40 16.05 -41.94
CA ILE C 21 30.17 16.78 -40.70
C ILE C 21 30.29 15.80 -39.55
N THR C 22 30.77 16.31 -38.41
CA THR C 22 30.75 15.59 -37.15
C THR C 22 29.97 16.39 -36.13
N CYS C 23 29.26 15.67 -35.27
CA CYS C 23 28.50 16.25 -34.19
C CYS C 23 28.74 15.42 -32.94
N ARG C 24 28.93 16.09 -31.82
CA ARG C 24 29.26 15.47 -30.55
C ARG C 24 28.38 16.04 -29.46
N ALA C 25 28.53 15.51 -28.26
CA ALA C 25 27.75 15.95 -27.12
C ALA C 25 28.52 15.60 -25.85
N SER C 26 27.84 15.73 -24.70
CA SER C 26 28.45 15.47 -23.40
C SER C 26 28.38 14.00 -23.02
N GLN C 27 27.21 13.38 -23.20
CA GLN C 27 26.93 12.04 -22.73
C GLN C 27 26.50 11.16 -23.88
N SER C 28 26.56 9.86 -23.64
CA SER C 28 26.33 8.90 -24.70
C SER C 28 24.85 8.80 -25.04
N ILE C 29 24.59 8.55 -26.32
CA ILE C 29 23.25 8.37 -26.85
C ILE C 29 23.31 7.16 -27.77
N SER C 30 22.19 6.44 -27.83
CA SER C 30 22.11 5.15 -28.49
C SER C 30 21.63 5.29 -29.92
N SER C 31 22.35 6.08 -30.71
CA SER C 31 22.02 6.31 -32.11
C SER C 31 20.59 6.86 -32.25
N TRP C 32 20.25 7.80 -31.37
CA TRP C 32 18.96 8.46 -31.35
C TRP C 32 19.19 9.91 -31.68
N LEU C 33 19.94 10.15 -32.74
CA LEU C 33 20.19 11.47 -33.26
C LEU C 33 19.47 11.65 -34.59
N ALA C 34 19.15 12.91 -34.89
CA ALA C 34 18.48 13.27 -36.12
C ALA C 34 19.13 14.52 -36.69
N TRP C 35 18.93 14.71 -37.99
CA TRP C 35 19.48 15.84 -38.72
C TRP C 35 18.36 16.63 -39.36
N TYR C 36 18.65 17.90 -39.64
CA TYR C 36 17.69 18.78 -40.28
C TYR C 36 18.42 19.70 -41.24
N GLN C 37 17.63 20.48 -41.98
CA GLN C 37 18.17 21.53 -42.82
C GLN C 37 17.14 22.63 -42.91
N GLN C 38 17.62 23.85 -43.09
CA GLN C 38 16.78 24.94 -43.56
C GLN C 38 17.67 25.96 -44.25
N LYS C 39 17.03 27.02 -44.70
CA LYS C 39 17.67 28.06 -45.50
C LYS C 39 17.47 29.40 -44.80
N PRO C 40 18.01 30.50 -45.31
CA PRO C 40 17.88 31.78 -44.60
C PRO C 40 16.45 32.30 -44.60
N GLY C 41 15.63 31.74 -43.70
CA GLY C 41 14.28 32.20 -43.50
C GLY C 41 13.23 31.26 -44.07
N GLU C 42 13.54 29.96 -44.06
CA GLU C 42 12.65 28.93 -44.55
C GLU C 42 12.43 27.89 -43.46
N ALA C 43 11.26 27.28 -43.47
CA ALA C 43 10.93 26.29 -42.47
C ALA C 43 11.73 25.01 -42.73
N PRO C 44 12.30 24.36 -41.69
CA PRO C 44 13.18 23.22 -41.95
C PRO C 44 12.50 21.97 -42.50
N LYS C 45 13.29 20.90 -42.63
CA LYS C 45 12.79 19.59 -42.95
C LYS C 45 13.59 18.52 -42.22
N LEU C 46 12.94 17.40 -41.97
CA LEU C 46 13.62 16.21 -41.50
C LEU C 46 14.52 15.65 -42.59
N LEU C 47 15.64 15.07 -42.15
CA LEU C 47 16.53 14.34 -43.04
C LEU C 47 16.72 12.89 -42.62
N ILE C 48 17.14 12.64 -41.39
CA ILE C 48 17.47 11.30 -40.92
C ILE C 48 16.90 11.13 -39.52
N SER C 49 16.43 9.91 -39.25
CA SER C 49 16.09 9.47 -37.91
C SER C 49 17.15 8.49 -37.44
N ASP C 50 17.55 8.60 -36.18
CA ASP C 50 18.55 7.70 -35.60
C ASP C 50 19.95 7.80 -36.22
N ALA C 51 20.17 8.83 -37.03
CA ALA C 51 21.45 9.06 -37.69
C ALA C 51 21.83 7.97 -38.68
N SER C 52 20.88 7.11 -39.07
CA SER C 52 21.14 6.10 -40.09
C SER C 52 19.97 5.89 -41.04
N SER C 53 18.77 6.37 -40.74
CA SER C 53 17.58 6.08 -41.52
C SER C 53 17.13 7.35 -42.20
N LEU C 54 17.43 7.45 -43.49
CA LEU C 54 16.99 8.59 -44.30
C LEU C 54 15.48 8.52 -44.48
N GLU C 55 14.93 9.53 -45.16
CA GLU C 55 13.49 9.72 -45.24
C GLU C 55 13.08 9.89 -46.70
N SER C 56 11.76 9.85 -46.90
CA SER C 56 11.21 10.09 -48.22
C SER C 56 11.47 11.53 -48.64
N GLY C 57 11.75 11.73 -49.92
CA GLY C 57 12.14 13.02 -50.42
C GLY C 57 13.59 13.38 -50.18
N VAL C 58 14.32 12.59 -49.42
CA VAL C 58 15.74 12.86 -49.16
C VAL C 58 16.56 12.33 -50.32
N PRO C 59 17.46 13.12 -50.91
CA PRO C 59 18.40 12.52 -51.85
C PRO C 59 19.36 11.58 -51.15
N SER C 60 19.69 10.48 -51.82
CA SER C 60 20.65 9.52 -51.30
C SER C 60 22.08 10.02 -51.32
N ARG C 61 22.32 11.25 -51.78
CA ARG C 61 23.66 11.83 -51.72
C ARG C 61 24.17 11.90 -50.29
N PHE C 62 23.28 12.01 -49.33
CA PHE C 62 23.65 12.16 -47.93
C PHE C 62 24.00 10.82 -47.32
N SER C 63 24.67 10.88 -46.16
CA SER C 63 25.05 9.67 -45.44
C SER C 63 25.31 10.02 -43.99
N GLY C 64 24.42 9.58 -43.10
CA GLY C 64 24.59 9.77 -41.67
C GLY C 64 25.12 8.52 -41.01
N SER C 65 25.82 8.71 -39.91
CA SER C 65 26.35 7.58 -39.15
C SER C 65 26.79 8.09 -37.78
N GLY C 66 27.18 7.16 -36.92
CA GLY C 66 27.70 7.49 -35.62
C GLY C 66 27.20 6.57 -34.52
N SER C 67 27.66 6.81 -33.30
CA SER C 67 27.24 6.00 -32.16
C SER C 67 27.69 6.70 -30.89
N GLY C 68 26.97 6.41 -29.80
CA GLY C 68 27.38 6.87 -28.49
C GLY C 68 27.33 8.38 -28.34
N THR C 69 28.49 9.02 -28.32
CA THR C 69 28.62 10.46 -28.22
C THR C 69 28.92 11.11 -29.55
N GLU C 70 29.88 10.55 -30.29
CA GLU C 70 30.25 11.10 -31.58
C GLU C 70 29.23 10.67 -32.62
N PHE C 71 28.88 11.62 -33.48
CA PHE C 71 27.99 11.32 -34.59
C PHE C 71 28.40 12.16 -35.78
N THR C 72 27.96 11.73 -36.95
CA THR C 72 28.57 12.15 -38.20
C THR C 72 27.51 12.41 -39.25
N LEU C 73 27.98 12.88 -40.40
CA LEU C 73 27.18 13.04 -41.60
C LEU C 73 28.15 13.17 -42.75
N THR C 74 27.79 12.60 -43.90
CA THR C 74 28.57 12.77 -45.11
C THR C 74 27.64 13.01 -46.28
N ILE C 75 28.08 13.87 -47.19
CA ILE C 75 27.41 14.13 -48.46
C ILE C 75 28.32 13.62 -49.56
N SER C 76 27.78 12.75 -50.41
CA SER C 76 28.53 12.26 -51.56
C SER C 76 28.84 13.41 -52.51
N SER C 77 27.79 14.04 -53.04
CA SER C 77 27.91 15.10 -54.02
C SER C 77 27.13 16.32 -53.55
N LEU C 78 27.64 17.50 -53.90
CA LEU C 78 27.01 18.74 -53.48
C LEU C 78 26.05 19.24 -54.54
N GLN C 79 25.20 20.17 -54.13
CA GLN C 79 24.28 20.86 -55.01
C GLN C 79 24.14 22.29 -54.52
N PRO C 80 23.67 23.20 -55.37
CA PRO C 80 23.39 24.56 -54.87
C PRO C 80 22.38 24.58 -53.75
N ASP C 81 21.30 23.82 -53.89
CA ASP C 81 20.29 23.74 -52.84
C ASP C 81 20.87 23.16 -51.56
N ASP C 82 21.87 22.29 -51.68
CA ASP C 82 22.49 21.67 -50.53
C ASP C 82 23.46 22.59 -49.80
N PHE C 83 23.61 23.84 -50.23
CA PHE C 83 24.49 24.81 -49.59
C PHE C 83 23.82 25.52 -48.43
N ALA C 84 22.74 24.97 -47.88
CA ALA C 84 21.97 25.65 -46.86
C ALA C 84 22.53 25.32 -45.47
N THR C 85 21.77 25.68 -44.44
CA THR C 85 22.15 25.40 -43.06
C THR C 85 21.63 24.03 -42.66
N TYR C 86 22.46 23.28 -41.95
CA TYR C 86 22.11 21.97 -41.43
C TYR C 86 22.28 21.97 -39.91
N TYR C 87 21.57 21.04 -39.26
CA TYR C 87 21.49 21.03 -37.80
C TYR C 87 21.54 19.62 -37.23
N CYS C 88 22.09 19.55 -36.03
CA CYS C 88 22.18 18.33 -35.23
C CYS C 88 21.13 18.44 -34.14
N GLN C 89 20.36 17.37 -33.93
CA GLN C 89 19.19 17.41 -33.04
C GLN C 89 19.16 16.23 -32.09
N GLN C 90 19.54 16.46 -30.85
CA GLN C 90 19.33 15.48 -29.81
C GLN C 90 17.84 15.27 -29.61
N TYR C 91 17.45 14.01 -29.40
CA TYR C 91 16.11 13.74 -28.87
C TYR C 91 16.13 12.69 -27.76
N TYR C 92 17.30 12.36 -27.24
CA TYR C 92 17.46 11.32 -26.22
C TYR C 92 16.72 11.61 -24.93
N SER C 93 17.21 12.62 -24.19
CA SER C 93 16.61 13.01 -22.91
C SER C 93 16.10 14.44 -22.94
N SER C 94 16.98 15.40 -23.22
CA SER C 94 16.62 16.79 -23.39
C SER C 94 16.61 17.06 -24.89
N PRO C 95 15.48 16.99 -25.57
CA PRO C 95 15.51 17.06 -27.03
C PRO C 95 15.88 18.45 -27.50
N THR C 96 17.17 18.69 -27.52
CA THR C 96 17.74 20.02 -27.67
C THR C 96 18.47 20.14 -29.01
N PHE C 97 19.16 21.26 -29.16
CA PHE C 97 19.99 21.54 -30.32
C PHE C 97 21.33 22.10 -29.85
N GLY C 98 22.20 22.30 -30.83
CA GLY C 98 23.40 23.09 -30.66
C GLY C 98 23.37 24.26 -31.64
N GLY C 99 24.53 24.65 -32.14
CA GLY C 99 24.57 25.79 -33.05
C GLY C 99 23.98 25.49 -34.41
N GLY C 100 24.68 24.66 -35.18
CA GLY C 100 24.35 24.37 -36.56
C GLY C 100 25.57 24.48 -37.45
N THR C 101 25.35 24.23 -38.73
CA THR C 101 26.43 24.12 -39.71
C THR C 101 25.99 24.78 -41.00
N LYS C 102 26.95 25.20 -41.80
CA LYS C 102 26.67 26.08 -42.93
C LYS C 102 27.68 25.81 -44.04
N VAL C 103 27.33 26.24 -45.25
CA VAL C 103 28.09 25.96 -46.46
C VAL C 103 28.36 27.27 -47.20
N GLU C 104 29.47 27.32 -47.94
CA GLU C 104 29.86 28.52 -48.66
C GLU C 104 30.63 28.14 -49.92
N ILE C 105 30.99 29.16 -50.71
CA ILE C 105 32.02 29.06 -51.74
C ILE C 105 32.77 30.38 -51.73
N LYS C 106 34.07 30.32 -52.03
CA LYS C 106 34.85 31.53 -52.27
C LYS C 106 36.06 31.21 -53.14
N VAL D 1 -2.01 17.98 -45.43
CA VAL D 1 -0.83 17.94 -44.59
C VAL D 1 -0.34 19.36 -44.36
N GLN D 2 -1.27 20.30 -44.39
CA GLN D 2 -0.95 21.71 -44.48
C GLN D 2 -1.06 22.36 -43.10
N LEU D 3 -0.05 23.15 -42.75
CA LEU D 3 0.05 23.74 -41.43
C LEU D 3 -0.02 25.25 -41.53
N VAL D 4 -0.51 25.86 -40.46
CA VAL D 4 -1.00 27.22 -40.48
C VAL D 4 -0.42 27.95 -39.27
N GLN D 5 0.50 28.88 -39.52
CA GLN D 5 0.85 29.87 -38.53
C GLN D 5 -0.12 31.03 -38.62
N SER D 6 -0.57 31.51 -37.45
CA SER D 6 -1.71 32.43 -37.39
C SER D 6 -1.35 33.80 -36.83
N GLY D 7 -0.78 33.89 -35.64
CA GLY D 7 -0.87 35.10 -34.83
C GLY D 7 0.41 35.84 -34.46
N VAL D 8 1.32 36.03 -35.42
CA VAL D 8 2.54 36.78 -35.13
C VAL D 8 2.20 38.21 -34.72
N THR D 9 2.89 38.73 -33.70
CA THR D 9 2.54 40.02 -33.13
C THR D 9 3.72 40.55 -32.31
N LEU D 10 3.84 41.88 -32.29
CA LEU D 10 4.70 42.59 -31.34
C LEU D 10 3.85 43.05 -30.16
N VAL D 11 4.18 42.54 -28.98
CA VAL D 11 3.44 42.81 -27.75
C VAL D 11 4.43 43.28 -26.71
N GLN D 12 4.04 44.29 -25.93
CA GLN D 12 4.97 44.88 -24.99
C GLN D 12 5.41 43.86 -23.95
N PRO D 13 6.52 44.11 -23.26
CA PRO D 13 6.99 43.16 -22.24
C PRO D 13 5.95 42.95 -21.16
N GLY D 14 5.98 41.76 -20.57
CA GLY D 14 4.96 41.37 -19.62
C GLY D 14 3.63 41.00 -20.22
N GLY D 15 3.49 41.07 -21.54
CA GLY D 15 2.23 40.77 -22.19
C GLY D 15 1.88 39.29 -22.16
N SER D 16 0.95 38.90 -23.03
CA SER D 16 0.41 37.54 -23.03
C SER D 16 -0.37 37.34 -24.32
N LEU D 17 -0.49 36.09 -24.75
CA LEU D 17 -0.99 35.82 -26.09
C LEU D 17 -1.34 34.34 -26.20
N ARG D 18 -2.32 34.05 -27.07
CA ARG D 18 -2.66 32.69 -27.45
C ARG D 18 -2.41 32.53 -28.94
N VAL D 19 -1.37 31.80 -29.29
CA VAL D 19 -1.18 31.34 -30.66
C VAL D 19 -2.13 30.17 -30.89
N SER D 20 -2.52 29.99 -32.14
CA SER D 20 -3.16 28.78 -32.59
C SER D 20 -2.54 28.36 -33.91
N CYS D 21 -2.24 27.06 -34.02
CA CYS D 21 -1.78 26.47 -35.27
C CYS D 21 -2.78 25.40 -35.69
N ALA D 22 -3.32 25.55 -36.89
CA ALA D 22 -4.24 24.60 -37.45
C ALA D 22 -3.48 23.58 -38.30
N ALA D 23 -4.21 22.56 -38.76
CA ALA D 23 -3.64 21.50 -39.57
C ALA D 23 -4.72 20.96 -40.49
N SER D 24 -4.33 20.00 -41.32
CA SER D 24 -5.24 19.44 -42.30
C SER D 24 -4.56 18.25 -42.97
N GLY D 25 -5.40 17.42 -43.60
CA GLY D 25 -4.90 16.37 -44.47
C GLY D 25 -4.19 15.23 -43.77
N PHE D 26 -4.40 15.06 -42.47
CA PHE D 26 -3.90 13.87 -41.80
C PHE D 26 -4.67 13.69 -40.49
N THR D 27 -4.26 12.66 -39.74
CA THR D 27 -4.99 12.20 -38.57
C THR D 27 -4.40 12.88 -37.34
N PHE D 28 -4.77 14.15 -37.18
CA PHE D 28 -4.11 15.03 -36.22
C PHE D 28 -4.16 14.49 -34.82
N SER D 29 -5.29 13.93 -34.41
CA SER D 29 -5.37 13.31 -33.09
C SER D 29 -4.40 12.16 -32.95
N SER D 30 -4.04 11.51 -34.07
CA SER D 30 -3.10 10.40 -34.06
C SER D 30 -1.65 10.84 -34.19
N TYR D 31 -1.34 12.09 -33.81
CA TYR D 31 0.02 12.58 -33.85
C TYR D 31 0.25 13.51 -32.68
N ALA D 32 1.53 13.80 -32.45
CA ALA D 32 1.96 14.77 -31.47
C ALA D 32 2.07 16.14 -32.11
N MET D 33 2.23 17.15 -31.27
CA MET D 33 2.53 18.49 -31.73
C MET D 33 3.46 19.15 -30.74
N SER D 34 4.03 20.27 -31.15
CA SER D 34 5.04 20.93 -30.34
C SER D 34 5.11 22.39 -30.71
N TRP D 35 5.94 23.11 -29.98
CA TRP D 35 6.31 24.48 -30.30
C TRP D 35 7.82 24.59 -30.15
N VAL D 36 8.44 25.31 -31.08
CA VAL D 36 9.90 25.32 -31.22
C VAL D 36 10.33 26.72 -31.58
N ARG D 37 11.46 27.14 -31.04
CA ARG D 37 11.91 28.52 -31.12
C ARG D 37 13.12 28.64 -32.06
N GLN D 38 13.07 29.65 -32.94
CA GLN D 38 14.26 30.18 -33.60
C GLN D 38 14.42 31.61 -33.14
N ALA D 39 15.38 31.85 -32.27
CA ALA D 39 15.80 33.20 -31.99
C ALA D 39 16.65 33.68 -33.15
N PRO D 40 16.27 34.76 -33.84
CA PRO D 40 17.13 35.24 -34.93
C PRO D 40 18.50 35.64 -34.41
N GLY D 41 19.49 35.53 -35.29
CA GLY D 41 20.86 35.70 -34.90
C GLY D 41 21.50 34.47 -34.27
N LYS D 42 20.74 33.40 -34.07
CA LYS D 42 21.29 32.19 -33.48
C LYS D 42 20.35 31.03 -33.80
N GLY D 43 20.58 29.89 -33.12
CA GLY D 43 19.95 28.64 -33.50
C GLY D 43 18.66 28.28 -32.81
N LEU D 44 18.55 27.00 -32.45
CA LEU D 44 17.27 26.37 -32.16
C LEU D 44 17.22 25.87 -30.72
N GLU D 45 16.02 25.47 -30.31
CA GLU D 45 15.78 24.85 -29.01
C GLU D 45 14.34 24.37 -28.97
N TRP D 46 14.12 23.30 -28.22
CA TRP D 46 12.78 22.76 -28.04
C TRP D 46 12.12 23.33 -26.80
N VAL D 47 10.83 23.62 -26.92
CA VAL D 47 10.07 24.26 -25.86
C VAL D 47 9.16 23.24 -25.18
N SER D 48 8.22 22.69 -25.94
CA SER D 48 7.06 22.08 -25.32
C SER D 48 6.31 21.26 -26.35
N ALA D 49 5.51 20.32 -25.86
CA ALA D 49 4.79 19.39 -26.71
C ALA D 49 3.69 18.72 -25.89
N ILE D 50 3.01 17.76 -26.52
CA ILE D 50 1.73 17.27 -26.05
C ILE D 50 1.62 15.79 -26.39
N SER D 51 0.66 15.12 -25.74
CA SER D 51 0.29 13.77 -26.09
C SER D 51 -0.55 13.80 -27.37
N GLY D 52 -1.15 12.66 -27.70
CA GLY D 52 -2.04 12.57 -28.85
C GLY D 52 -3.44 13.08 -28.59
N LEU D 53 -3.81 13.23 -27.31
CA LEU D 53 -5.20 13.50 -26.95
C LEU D 53 -5.32 14.54 -25.84
N GLY D 54 -4.25 15.20 -25.44
CA GLY D 54 -4.31 16.26 -24.45
C GLY D 54 -4.07 15.82 -23.03
N GLY D 55 -3.85 14.54 -22.79
CA GLY D 55 -3.53 14.08 -21.45
C GLY D 55 -2.21 14.60 -20.96
N SER D 56 -1.12 14.15 -21.58
CA SER D 56 0.21 14.51 -21.13
C SER D 56 0.71 15.74 -21.90
N THR D 57 1.53 16.52 -21.21
CA THR D 57 2.13 17.72 -21.76
C THR D 57 3.57 17.80 -21.30
N TYR D 58 4.34 18.61 -22.00
CA TYR D 58 5.76 18.73 -21.72
C TYR D 58 6.20 20.15 -22.02
N TYR D 59 7.12 20.65 -21.20
CA TYR D 59 7.67 21.98 -21.34
C TYR D 59 9.18 21.95 -21.20
N ALA D 60 9.81 22.99 -21.73
CA ALA D 60 11.20 23.26 -21.43
C ALA D 60 11.30 23.98 -20.09
N ASP D 61 12.52 24.05 -19.58
CA ASP D 61 12.73 24.63 -18.25
C ASP D 61 12.63 26.15 -18.27
N SER D 62 13.09 26.78 -19.36
CA SER D 62 13.25 28.22 -19.37
C SER D 62 11.92 28.94 -19.22
N VAL D 63 10.84 28.34 -19.71
CA VAL D 63 9.52 28.96 -19.71
C VAL D 63 8.51 28.12 -18.92
N LYS D 64 9.01 27.21 -18.09
CA LYS D 64 8.12 26.34 -17.33
C LYS D 64 7.27 27.16 -16.38
N GLY D 65 5.97 26.88 -16.36
CA GLY D 65 5.02 27.61 -15.57
C GLY D 65 4.47 28.84 -16.27
N ARG D 66 5.27 29.50 -17.11
CA ARG D 66 4.78 30.64 -17.85
C ARG D 66 3.69 30.24 -18.83
N PHE D 67 4.02 29.31 -19.72
CA PHE D 67 3.18 29.02 -20.87
C PHE D 67 2.27 27.83 -20.60
N THR D 68 1.25 27.71 -21.45
CA THR D 68 0.15 26.76 -21.25
C THR D 68 -0.18 26.16 -22.61
N ILE D 69 0.39 24.99 -22.89
CA ILE D 69 0.06 24.30 -24.12
C ILE D 69 -1.43 23.96 -24.14
N SER D 70 -1.97 23.82 -25.34
CA SER D 70 -3.39 23.58 -25.50
C SER D 70 -3.67 23.10 -26.92
N ARG D 71 -4.73 22.30 -27.05
CA ARG D 71 -5.04 21.61 -28.30
C ARG D 71 -6.54 21.47 -28.44
N ASP D 72 -6.98 21.30 -29.69
CA ASP D 72 -8.37 20.98 -30.00
C ASP D 72 -8.36 19.92 -31.10
N ASN D 73 -8.38 18.66 -30.68
CA ASN D 73 -8.44 17.57 -31.64
C ASN D 73 -9.80 17.47 -32.32
N SER D 74 -10.82 18.14 -31.78
CA SER D 74 -12.08 18.23 -32.50
C SER D 74 -11.92 19.11 -33.73
N LYS D 75 -11.37 20.30 -33.55
CA LYS D 75 -10.96 21.13 -34.67
C LYS D 75 -9.63 20.72 -35.27
N ASN D 76 -8.93 19.78 -34.64
CA ASN D 76 -7.58 19.41 -35.02
C ASN D 76 -6.68 20.63 -35.02
N THR D 77 -6.89 21.50 -34.03
CA THR D 77 -6.20 22.78 -33.92
C THR D 77 -5.30 22.76 -32.69
N LEU D 78 -4.13 23.34 -32.86
CA LEU D 78 -3.18 23.53 -31.76
C LEU D 78 -3.36 24.91 -31.16
N TYR D 79 -2.90 25.06 -29.93
CA TYR D 79 -3.01 26.31 -29.21
C TYR D 79 -1.85 26.46 -28.26
N LEU D 80 -1.56 27.70 -27.88
CA LEU D 80 -0.57 27.95 -26.84
C LEU D 80 -0.85 29.32 -26.23
N GLN D 81 -1.52 29.34 -25.08
CA GLN D 81 -1.56 30.54 -24.28
C GLN D 81 -0.18 30.80 -23.70
N MET D 82 0.13 32.08 -23.50
CA MET D 82 1.46 32.49 -23.07
C MET D 82 1.35 33.66 -22.11
N ASN D 83 2.08 33.57 -21.02
CA ASN D 83 2.06 34.55 -19.95
C ASN D 83 3.20 35.56 -20.17
N SER D 84 3.55 36.31 -19.12
CA SER D 84 4.49 37.43 -19.14
C SER D 84 5.69 37.21 -20.05
N LEU D 85 6.01 38.25 -20.82
CA LEU D 85 7.01 38.17 -21.87
C LEU D 85 8.31 38.83 -21.44
N ARG D 86 9.37 38.48 -22.15
CA ARG D 86 10.71 38.96 -21.87
C ARG D 86 11.43 39.16 -23.20
N ALA D 87 12.74 39.37 -23.14
CA ALA D 87 13.51 39.65 -24.35
C ALA D 87 13.73 38.38 -25.16
N GLU D 88 14.25 37.32 -24.51
CA GLU D 88 14.51 36.07 -25.20
C GLU D 88 13.25 35.50 -25.84
N ASP D 89 12.09 35.83 -25.29
CA ASP D 89 10.82 35.48 -25.92
C ASP D 89 10.71 36.05 -27.33
N THR D 90 11.47 37.10 -27.64
CA THR D 90 11.54 37.59 -29.01
C THR D 90 12.15 36.51 -29.89
N ALA D 91 11.33 35.84 -30.70
CA ALA D 91 11.82 34.77 -31.54
C ALA D 91 10.66 34.24 -32.38
N VAL D 92 11.02 33.46 -33.41
CA VAL D 92 10.06 32.70 -34.18
C VAL D 92 9.55 31.56 -33.33
N TYR D 93 8.32 31.12 -33.59
CA TYR D 93 7.76 29.97 -32.91
C TYR D 93 6.92 29.17 -33.89
N TYR D 94 7.43 28.00 -34.26
CA TYR D 94 6.78 27.11 -35.21
C TYR D 94 5.87 26.12 -34.52
N CYS D 95 4.96 25.55 -35.29
CA CYS D 95 4.18 24.38 -34.92
C CYS D 95 4.55 23.22 -35.83
N ALA D 96 4.77 22.04 -35.26
CA ALA D 96 5.26 20.90 -36.00
C ALA D 96 4.68 19.61 -35.43
N LYS D 97 5.00 18.50 -36.08
CA LYS D 97 4.52 17.18 -35.69
C LYS D 97 5.68 16.19 -35.77
N ASP D 98 5.51 15.08 -35.07
CA ASP D 98 6.56 14.07 -34.98
C ASP D 98 6.37 12.99 -36.03
N HIS D 99 7.45 12.26 -36.28
CA HIS D 99 7.45 11.20 -37.28
C HIS D 99 6.79 9.93 -36.80
N ARG D 100 6.77 9.70 -35.49
CA ARG D 100 6.19 8.50 -34.97
C ARG D 100 4.67 8.60 -34.93
N VAL D 101 4.04 7.47 -34.76
CA VAL D 101 2.59 7.35 -34.77
C VAL D 101 2.10 7.44 -33.35
N TRP D 102 0.85 7.86 -33.17
CA TRP D 102 0.21 7.92 -31.86
C TRP D 102 0.93 8.87 -30.92
N ALA D 103 1.51 9.93 -31.48
CA ALA D 103 2.03 11.06 -30.71
C ALA D 103 3.13 10.68 -29.71
N ALA D 104 3.65 9.46 -29.79
CA ALA D 104 4.68 8.99 -28.88
C ALA D 104 6.01 9.11 -29.61
N GLY D 105 6.56 10.32 -29.67
CA GLY D 105 7.74 10.50 -30.49
C GLY D 105 8.26 11.92 -30.51
N TYR D 106 9.27 12.08 -31.34
CA TYR D 106 10.10 13.26 -31.49
C TYR D 106 10.57 13.29 -32.94
N HIS D 107 11.66 14.01 -33.21
CA HIS D 107 12.33 14.05 -34.51
C HIS D 107 11.34 14.38 -35.63
N PHE D 108 10.91 15.65 -35.57
CA PHE D 108 9.77 16.16 -36.31
C PHE D 108 9.83 15.85 -37.80
N ASP D 109 8.65 15.69 -38.41
CA ASP D 109 8.54 15.53 -39.84
C ASP D 109 8.69 16.85 -40.57
N TYR D 110 7.74 17.76 -40.33
CA TYR D 110 7.60 18.96 -41.12
C TYR D 110 7.49 20.15 -40.18
N TRP D 111 7.23 21.30 -40.76
CA TRP D 111 7.15 22.57 -40.07
C TRP D 111 6.03 23.38 -40.70
N GLY D 112 5.79 24.57 -40.15
CA GLY D 112 4.77 25.45 -40.65
C GLY D 112 5.36 26.65 -41.37
N GLN D 113 5.17 27.82 -40.77
CA GLN D 113 5.66 29.08 -41.30
C GLN D 113 6.52 29.84 -40.30
N GLY D 114 6.19 29.76 -39.02
CA GLY D 114 6.92 30.48 -38.00
C GLY D 114 6.38 31.87 -37.80
N ALA D 115 6.33 32.31 -36.56
CA ALA D 115 5.80 33.62 -36.19
C ALA D 115 6.83 34.33 -35.34
N LEU D 116 7.48 35.33 -35.92
CA LEU D 116 8.48 36.08 -35.17
C LEU D 116 7.74 36.90 -34.12
N VAL D 117 7.50 36.29 -32.99
CA VAL D 117 6.91 37.00 -31.87
C VAL D 117 8.00 37.81 -31.21
N THR D 118 7.62 38.96 -30.68
CA THR D 118 8.57 40.03 -30.37
C THR D 118 8.06 40.81 -29.17
N VAL D 119 8.94 41.66 -28.62
CA VAL D 119 8.54 42.61 -27.58
C VAL D 119 9.23 43.95 -27.84
N SER D 120 8.80 44.95 -27.08
CA SER D 120 9.29 46.32 -27.24
C SER D 120 9.21 47.08 -25.93
N ILE E 1 3.01 10.69 13.84
CA ILE E 1 4.21 11.41 13.45
C ILE E 1 3.81 12.88 13.23
N PRO E 2 4.71 13.83 13.47
CA PRO E 2 4.42 15.21 13.07
C PRO E 2 4.48 15.43 11.57
N LEU E 3 4.40 16.70 11.18
CA LEU E 3 4.61 17.08 9.79
C LEU E 3 5.01 18.54 9.75
N GLY E 4 6.05 18.83 8.97
CA GLY E 4 6.54 20.19 8.79
C GLY E 4 6.26 20.66 7.38
N VAL E 5 6.00 21.96 7.23
CA VAL E 5 5.62 22.55 5.96
C VAL E 5 6.43 23.80 5.71
N VAL E 6 6.93 23.92 4.48
CA VAL E 6 7.59 25.15 4.06
C VAL E 6 6.53 26.22 3.85
N HIS E 7 6.87 27.45 4.24
CA HIS E 7 6.02 28.59 3.92
C HIS E 7 6.86 29.84 4.06
N ASN E 8 7.14 30.50 2.93
CA ASN E 8 7.94 31.72 2.91
C ASN E 8 9.31 31.49 3.57
N ASN E 9 9.89 30.31 3.31
CA ASN E 9 11.21 29.93 3.79
C ASN E 9 11.29 29.85 5.32
N THR E 10 10.15 29.74 6.00
CA THR E 10 10.12 29.40 7.41
C THR E 10 9.28 28.16 7.60
N LEU E 11 9.79 27.22 8.39
CA LEU E 11 9.12 25.96 8.62
C LEU E 11 8.05 26.12 9.69
N GLN E 12 7.07 25.24 9.62
CA GLN E 12 5.97 25.21 10.57
C GLN E 12 5.59 23.77 10.81
N VAL E 13 5.80 23.29 12.03
CA VAL E 13 5.31 21.97 12.39
C VAL E 13 3.81 22.09 12.67
N SER E 14 3.04 21.21 12.05
CA SER E 14 1.59 21.17 12.23
C SER E 14 1.30 20.14 13.31
N ASP E 15 1.05 20.61 14.52
CA ASP E 15 0.53 19.73 15.55
C ASP E 15 -0.77 19.09 15.06
N ILE E 16 -0.99 17.85 15.49
CA ILE E 16 -1.99 17.00 14.85
C ILE E 16 -3.39 17.57 15.09
N ASP E 17 -3.80 17.68 16.35
CA ASP E 17 -5.14 18.15 16.66
C ASP E 17 -5.39 19.58 16.19
N LYS E 18 -4.32 20.35 15.94
CA LYS E 18 -4.49 21.72 15.51
C LYS E 18 -4.95 21.79 14.06
N LEU E 19 -5.71 22.83 13.77
CA LEU E 19 -6.38 23.02 12.49
C LEU E 19 -5.86 24.27 11.82
N VAL E 20 -5.55 24.15 10.53
CA VAL E 20 -5.04 25.27 9.75
C VAL E 20 -5.74 25.27 8.40
N CYS E 21 -6.75 26.14 8.27
CA CYS E 21 -7.37 26.35 6.97
C CYS E 21 -6.36 26.90 5.96
N ARG E 22 -5.38 27.66 6.45
CA ARG E 22 -4.42 28.32 5.58
C ARG E 22 -3.62 27.33 4.74
N ASP E 23 -3.54 26.07 5.17
CA ASP E 23 -2.69 25.12 4.47
C ASP E 23 -3.23 24.83 3.08
N LYS E 24 -2.37 24.23 2.27
CA LYS E 24 -2.72 23.84 0.91
C LYS E 24 -1.88 22.63 0.55
N LEU E 25 -2.48 21.71 -0.21
CA LEU E 25 -1.78 20.48 -0.58
C LEU E 25 -2.38 19.98 -1.89
N SER E 26 -1.70 20.27 -3.00
CA SER E 26 -2.24 19.98 -4.31
C SER E 26 -1.77 18.65 -4.89
N SER E 27 -0.73 18.03 -4.33
CA SER E 27 -0.28 16.77 -4.90
C SER E 27 0.66 16.05 -3.94
N THR E 28 0.91 14.78 -4.28
CA THR E 28 1.98 14.03 -3.64
C THR E 28 3.34 14.56 -4.03
N SER E 29 3.45 15.11 -5.24
CA SER E 29 4.70 15.71 -5.68
C SER E 29 5.15 16.81 -4.73
N GLN E 30 4.20 17.45 -4.04
CA GLN E 30 4.55 18.37 -2.98
C GLN E 30 5.13 17.65 -1.77
N LEU E 31 4.82 16.38 -1.60
CA LEU E 31 5.31 15.61 -0.47
C LEU E 31 6.66 14.97 -0.77
N LYS E 32 7.46 14.85 0.27
CA LYS E 32 8.77 14.22 0.16
C LYS E 32 9.12 13.57 1.49
N SER E 33 9.86 12.48 1.39
CA SER E 33 10.40 11.77 2.54
C SER E 33 11.91 11.76 2.42
N VAL E 34 12.57 12.50 3.31
CA VAL E 34 13.96 12.89 3.13
C VAL E 34 14.79 12.25 4.23
N GLY E 35 15.98 11.76 3.86
CA GLY E 35 16.87 11.08 4.78
C GLY E 35 18.12 11.91 5.01
N LEU E 36 18.40 12.18 6.29
CA LEU E 36 19.41 13.14 6.68
C LEU E 36 20.67 12.45 7.19
N ASN E 37 21.81 13.12 7.01
CA ASN E 37 23.08 12.62 7.51
C ASN E 37 23.37 13.17 8.89
N LEU E 38 24.11 12.38 9.67
CA LEU E 38 24.69 12.85 10.92
C LEU E 38 26.12 13.32 10.70
N GLU E 39 26.25 14.25 9.77
CA GLU E 39 27.47 14.97 9.51
C GLU E 39 27.28 16.46 9.56
N GLY E 40 26.08 16.95 9.24
CA GLY E 40 25.75 18.35 9.43
C GLY E 40 25.70 18.78 10.88
N ASN E 41 25.72 17.84 11.81
CA ASN E 41 25.60 18.14 13.22
C ASN E 41 26.93 18.23 13.96
N GLY E 42 28.01 17.76 13.34
CA GLY E 42 29.31 17.85 13.95
C GLY E 42 29.66 16.74 14.90
N VAL E 43 28.95 15.61 14.82
CA VAL E 43 29.24 14.45 15.66
C VAL E 43 30.55 13.84 15.21
N ALA E 44 31.07 12.91 16.01
CA ALA E 44 32.20 12.11 15.56
C ALA E 44 31.74 11.22 14.41
N THR E 45 32.60 11.07 13.41
CA THR E 45 32.28 10.32 12.20
C THR E 45 33.45 9.42 11.81
N ASP E 46 34.19 8.95 12.80
CA ASP E 46 35.37 8.14 12.57
C ASP E 46 35.05 6.66 12.77
N VAL E 47 35.94 5.82 12.23
CA VAL E 47 35.74 4.38 12.26
C VAL E 47 35.56 3.86 13.68
N PRO E 48 36.38 4.25 14.68
CA PRO E 48 36.16 3.77 16.05
C PRO E 48 34.76 4.04 16.55
N THR E 49 34.35 5.31 16.54
CA THR E 49 33.02 5.66 17.02
C THR E 49 31.96 4.89 16.26
N ALA E 50 32.15 4.74 14.95
CA ALA E 50 31.24 3.93 14.14
C ALA E 50 31.09 2.52 14.67
N THR E 51 32.16 1.95 15.23
CA THR E 51 31.96 0.73 16.00
C THR E 51 31.16 1.01 17.25
N LYS E 52 31.49 2.09 17.96
CA LYS E 52 30.89 2.30 19.27
C LYS E 52 29.45 2.74 19.16
N ARG E 53 29.02 3.25 18.01
CA ARG E 53 27.64 3.68 17.87
C ARG E 53 26.65 2.53 17.76
N TRP E 54 27.09 1.28 17.82
CA TRP E 54 26.25 0.14 17.49
C TRP E 54 26.31 -0.94 18.56
N GLY E 55 25.37 -1.87 18.47
CA GLY E 55 25.36 -3.05 19.32
C GLY E 55 24.56 -4.15 18.65
N PHE E 56 24.38 -5.24 19.39
CA PHE E 56 23.64 -6.40 18.92
C PHE E 56 22.52 -6.77 19.90
N ARG E 57 21.51 -7.42 19.34
CA ARG E 57 20.45 -8.07 20.10
C ARG E 57 19.59 -8.85 19.12
N ALA E 58 19.03 -9.95 19.60
CA ALA E 58 18.15 -10.82 18.84
C ALA E 58 16.73 -10.72 19.40
N GLY E 59 15.84 -11.53 18.84
CA GLY E 59 14.44 -11.44 19.23
C GLY E 59 13.76 -10.19 18.73
N VAL E 60 14.20 -9.69 17.58
CA VAL E 60 13.75 -8.42 17.03
C VAL E 60 13.56 -8.64 15.53
N PRO E 61 12.39 -8.41 14.95
CA PRO E 61 12.27 -8.54 13.51
C PRO E 61 13.09 -7.48 12.83
N PRO E 62 13.37 -7.61 11.53
CA PRO E 62 13.90 -6.48 10.78
C PRO E 62 12.80 -5.54 10.31
N LYS E 63 13.21 -4.29 10.15
CA LYS E 63 12.29 -3.18 10.01
C LYS E 63 12.89 -2.21 9.01
N VAL E 64 12.16 -1.94 7.93
CA VAL E 64 12.70 -1.27 6.76
C VAL E 64 11.73 -0.18 6.33
N VAL E 65 12.27 0.86 5.67
CA VAL E 65 11.51 2.03 5.31
C VAL E 65 12.08 2.61 4.02
N ASN E 66 11.27 3.39 3.32
CA ASN E 66 11.70 3.99 2.06
C ASN E 66 11.69 5.52 2.09
N TYR E 67 12.72 6.12 1.50
CA TYR E 67 12.83 7.56 1.45
C TYR E 67 13.07 8.01 0.01
N GLU E 68 12.76 9.26 -0.30
CA GLU E 68 12.95 9.77 -1.65
C GLU E 68 14.31 10.43 -1.81
N ALA E 69 14.59 11.43 -1.00
CA ALA E 69 15.76 12.29 -1.16
C ALA E 69 16.62 12.23 0.10
N GLY E 70 17.77 12.86 0.02
CA GLY E 70 18.65 12.96 1.16
C GLY E 70 19.68 14.05 1.01
N GLU E 71 20.85 13.80 1.56
CA GLU E 71 21.97 14.74 1.53
C GLU E 71 23.25 14.00 1.16
N TRP E 72 24.09 14.68 0.35
CA TRP E 72 25.36 14.11 -0.06
C TRP E 72 26.19 13.71 1.14
N ALA E 73 26.96 12.64 0.99
CA ALA E 73 27.72 12.06 2.08
C ALA E 73 29.18 12.46 1.99
N GLU E 74 29.72 12.93 3.10
CA GLU E 74 31.17 12.99 3.26
C GLU E 74 31.73 11.59 3.42
N ASN E 75 31.22 10.84 4.39
CA ASN E 75 31.71 9.53 4.77
C ASN E 75 30.61 8.48 4.62
N CYS E 76 31.04 7.23 4.52
CA CYS E 76 30.14 6.10 4.41
C CYS E 76 30.79 4.91 5.09
N TYR E 77 30.09 3.77 5.06
CA TYR E 77 30.52 2.59 5.80
C TYR E 77 30.07 1.33 5.07
N ASN E 78 30.89 0.29 5.16
CA ASN E 78 30.56 -1.02 4.61
C ASN E 78 31.31 -2.08 5.40
N LEU E 79 30.76 -3.29 5.39
CA LEU E 79 31.27 -4.36 6.24
C LEU E 79 31.24 -5.70 5.52
N ASP E 80 32.19 -6.55 5.94
CA ASP E 80 32.27 -7.95 5.52
C ASP E 80 32.94 -8.69 6.68
N ILE E 81 32.13 -9.29 7.55
CA ILE E 81 32.59 -9.76 8.84
C ILE E 81 32.16 -11.20 9.06
N LYS E 82 33.00 -11.93 9.78
CA LYS E 82 32.72 -13.26 10.27
C LYS E 82 33.05 -13.34 11.75
N LYS E 83 33.00 -14.54 12.31
CA LYS E 83 33.36 -14.78 13.70
C LYS E 83 34.78 -15.31 13.76
N ALA E 84 35.22 -15.65 14.97
CA ALA E 84 36.54 -16.20 15.16
C ALA E 84 36.72 -17.49 14.38
N ASP E 85 35.68 -18.32 14.32
CA ASP E 85 35.76 -19.57 13.57
C ASP E 85 35.83 -19.35 12.07
N GLY E 86 35.49 -18.15 11.60
CA GLY E 86 35.25 -17.94 10.19
C GLY E 86 33.82 -18.20 9.79
N SER E 87 32.86 -17.85 10.65
CA SER E 87 31.44 -17.94 10.35
C SER E 87 30.85 -16.54 10.37
N GLU E 88 29.89 -16.30 9.49
CA GLU E 88 29.38 -14.96 9.23
C GLU E 88 28.82 -14.32 10.49
N CYS E 89 28.80 -12.99 10.48
CA CYS E 89 28.37 -12.18 11.60
C CYS E 89 27.03 -11.51 11.39
N LEU E 90 26.58 -11.38 10.15
CA LEU E 90 25.49 -10.48 9.77
C LEU E 90 24.48 -11.21 8.90
N PRO E 91 23.37 -10.57 8.58
CA PRO E 91 22.48 -11.08 7.54
C PRO E 91 23.00 -10.72 6.15
N GLU E 92 22.29 -11.21 5.15
CA GLU E 92 22.62 -10.99 3.75
C GLU E 92 21.73 -9.89 3.19
N ALA E 93 22.34 -8.96 2.46
CA ALA E 93 21.61 -7.88 1.82
C ALA E 93 20.62 -8.45 0.81
N PRO E 94 19.30 -8.31 1.03
CA PRO E 94 18.35 -8.89 0.06
C PRO E 94 18.42 -8.20 -1.29
N GLU E 95 17.51 -8.56 -2.18
CA GLU E 95 17.40 -7.86 -3.44
C GLU E 95 16.94 -6.43 -3.20
N GLY E 96 17.01 -5.63 -4.25
CA GLY E 96 16.52 -4.26 -4.19
C GLY E 96 17.44 -3.31 -3.43
N VAL E 97 17.72 -3.65 -2.18
CA VAL E 97 18.61 -2.83 -1.36
C VAL E 97 19.97 -2.74 -2.02
N ARG E 98 20.58 -1.56 -1.97
CA ARG E 98 21.85 -1.32 -2.61
C ARG E 98 22.64 -0.31 -1.80
N GLY E 99 23.93 -0.23 -2.10
CA GLY E 99 24.78 0.71 -1.43
C GLY E 99 24.30 2.14 -1.62
N PHE E 100 24.56 2.97 -0.63
CA PHE E 100 24.16 4.36 -0.72
C PHE E 100 24.93 5.01 -1.86
N PRO E 101 24.27 5.60 -2.86
CA PRO E 101 24.93 5.91 -4.12
C PRO E 101 26.04 6.95 -4.02
N ARG E 102 25.95 7.82 -3.03
CA ARG E 102 26.91 8.91 -2.90
C ARG E 102 27.82 8.74 -1.70
N CYS E 103 29.11 8.80 -1.96
CA CYS E 103 30.09 8.67 -0.89
C CYS E 103 31.38 9.35 -1.35
N ARG E 104 31.60 10.56 -0.85
CA ARG E 104 32.91 11.18 -1.01
C ARG E 104 33.99 10.33 -0.36
N TYR E 105 33.64 9.64 0.72
CA TYR E 105 34.55 8.72 1.40
C TYR E 105 33.82 7.45 1.78
N VAL E 106 34.58 6.37 1.86
CA VAL E 106 34.06 5.05 2.19
C VAL E 106 34.96 4.46 3.25
N HIS E 107 34.42 4.20 4.42
CA HIS E 107 35.14 3.48 5.47
C HIS E 107 34.75 2.01 5.41
N LYS E 108 35.24 1.35 4.36
CA LYS E 108 35.04 -0.07 4.22
C LYS E 108 35.95 -0.82 5.18
N VAL E 109 35.43 -1.90 5.74
CA VAL E 109 36.05 -2.60 6.85
C VAL E 109 35.85 -4.09 6.66
N SER E 110 36.76 -4.88 7.24
CA SER E 110 36.63 -6.32 7.31
C SER E 110 37.08 -6.75 8.70
N GLY E 111 37.31 -8.03 8.87
CA GLY E 111 37.77 -8.60 10.12
C GLY E 111 36.70 -9.45 10.77
N THR E 112 36.98 -9.85 12.01
CA THR E 112 36.08 -10.71 12.76
C THR E 112 36.10 -10.29 14.22
N GLY E 113 35.36 -11.04 15.02
CA GLY E 113 35.25 -10.81 16.43
C GLY E 113 34.35 -11.86 17.02
N PRO E 114 33.87 -11.66 18.24
CA PRO E 114 32.90 -12.60 18.80
C PRO E 114 31.59 -12.54 18.05
N CYS E 115 31.12 -11.31 17.79
CA CYS E 115 29.86 -11.06 17.12
C CYS E 115 28.73 -11.81 17.81
N PRO E 116 28.30 -11.38 18.98
CA PRO E 116 27.16 -12.06 19.62
C PRO E 116 25.92 -11.97 18.77
N GLU E 117 25.03 -12.94 18.94
CA GLU E 117 23.89 -13.08 18.07
C GLU E 117 22.95 -11.90 18.19
N GLY E 118 22.40 -11.49 17.07
CA GLY E 118 21.54 -10.33 17.02
C GLY E 118 21.68 -9.67 15.66
N TYR E 119 21.65 -8.34 15.67
CA TYR E 119 21.79 -7.56 14.47
C TYR E 119 22.42 -6.22 14.82
N ALA E 120 23.11 -5.64 13.85
CA ALA E 120 23.83 -4.39 14.08
C ALA E 120 22.84 -3.23 14.08
N PHE E 121 22.48 -2.78 15.27
CA PHE E 121 21.61 -1.64 15.47
C PHE E 121 22.46 -0.41 15.83
N HIS E 122 21.78 0.66 16.22
CA HIS E 122 22.40 1.91 16.64
C HIS E 122 22.08 2.17 18.10
N LYS E 123 23.04 2.69 18.84
CA LYS E 123 22.82 3.01 20.25
C LYS E 123 21.64 3.94 20.41
N GLU E 124 21.72 5.13 19.81
CA GLU E 124 20.68 6.13 19.96
C GLU E 124 19.47 5.85 19.08
N GLY E 125 19.42 4.72 18.40
CA GLY E 125 18.24 4.35 17.66
C GLY E 125 18.12 5.02 16.32
N ALA E 126 19.23 5.25 15.64
CA ALA E 126 19.24 5.88 14.33
C ALA E 126 18.89 4.86 13.27
N PHE E 127 19.09 5.21 12.01
CA PHE E 127 18.77 4.37 10.87
C PHE E 127 20.04 4.06 10.09
N PHE E 128 19.85 3.24 9.06
CA PHE E 128 20.93 2.73 8.25
C PHE E 128 20.49 2.81 6.81
N LEU E 129 21.09 3.75 6.09
CA LEU E 129 20.47 4.37 4.94
C LEU E 129 21.11 3.82 3.67
N TYR E 130 20.28 3.24 2.83
CA TYR E 130 20.71 2.53 1.63
C TYR E 130 20.11 3.24 0.43
N ASP E 131 20.23 2.62 -0.74
CA ASP E 131 19.72 3.22 -1.96
C ASP E 131 18.20 3.36 -1.88
N ARG E 132 17.75 4.57 -1.57
CA ARG E 132 16.34 4.93 -1.44
C ARG E 132 15.60 4.10 -0.39
N LEU E 133 16.32 3.42 0.49
CA LEU E 133 15.73 2.68 1.58
C LEU E 133 16.61 2.87 2.81
N ALA E 134 15.96 2.89 3.97
CA ALA E 134 16.66 2.92 5.23
C ALA E 134 16.08 1.84 6.11
N SER E 135 16.76 1.58 7.21
CA SER E 135 16.35 0.55 8.15
C SER E 135 17.18 0.69 9.41
N THR E 136 17.02 -0.28 10.30
CA THR E 136 17.69 -0.31 11.58
C THR E 136 18.78 -1.37 11.64
N ILE E 137 19.08 -2.00 10.51
CA ILE E 137 19.91 -3.20 10.49
C ILE E 137 20.92 -3.09 9.36
N ILE E 138 22.06 -3.70 9.58
CA ILE E 138 23.15 -3.77 8.61
C ILE E 138 22.99 -5.02 7.77
N TYR E 139 23.45 -4.94 6.54
CA TYR E 139 23.64 -6.09 5.69
C TYR E 139 25.05 -6.07 5.12
N ARG E 140 25.56 -7.26 4.80
CA ARG E 140 26.94 -7.42 4.41
C ARG E 140 27.22 -6.74 3.07
N SER E 141 28.46 -6.29 2.93
CA SER E 141 29.01 -5.89 1.63
C SER E 141 28.19 -4.77 1.00
N THR E 142 27.80 -3.79 1.81
CA THR E 142 26.91 -2.75 1.33
C THR E 142 27.29 -1.42 1.94
N THR E 143 27.15 -0.39 1.14
CA THR E 143 27.41 0.98 1.53
C THR E 143 26.18 1.58 2.17
N PHE E 144 26.40 2.52 3.08
CA PHE E 144 25.28 3.19 3.74
C PHE E 144 25.82 4.41 4.47
N SER E 145 24.96 5.01 5.27
CA SER E 145 25.37 5.96 6.29
C SER E 145 24.30 5.97 7.37
N GLU E 146 24.67 6.49 8.53
CA GLU E 146 23.74 6.65 9.62
C GLU E 146 22.94 7.93 9.43
N GLY E 147 21.67 7.89 9.80
CA GLY E 147 20.82 9.02 9.52
C GLY E 147 19.45 8.90 10.12
N VAL E 148 18.60 9.85 9.75
CA VAL E 148 17.22 9.95 10.22
C VAL E 148 16.36 10.26 9.01
N VAL E 149 15.08 10.54 9.24
CA VAL E 149 14.11 10.76 8.17
C VAL E 149 13.31 12.02 8.49
N ALA E 150 12.87 12.69 7.43
CA ALA E 150 11.94 13.81 7.52
C ALA E 150 10.72 13.55 6.65
N PHE E 151 9.70 14.36 6.88
CA PHE E 151 8.45 14.28 6.14
C PHE E 151 7.92 15.68 5.94
N LEU E 152 7.66 16.04 4.68
CA LEU E 152 7.50 17.43 4.30
C LEU E 152 6.37 17.59 3.30
N ILE E 153 5.86 18.81 3.23
CA ILE E 153 5.17 19.35 2.08
C ILE E 153 6.08 20.41 1.50
N LEU E 154 6.01 20.59 0.18
CA LEU E 154 6.56 21.76 -0.47
C LEU E 154 5.47 22.53 -1.19
N PRO E 155 5.58 23.85 -1.32
CA PRO E 155 4.61 24.59 -2.12
C PRO E 155 4.94 24.46 -3.61
N GLU E 156 4.15 25.16 -4.42
CA GLU E 156 4.33 25.18 -5.87
C GLU E 156 5.22 26.32 -6.33
N THR E 157 6.13 26.78 -5.47
CA THR E 157 7.05 27.84 -5.86
C THR E 157 8.14 27.28 -6.76
N LYS E 158 8.91 28.19 -7.35
CA LYS E 158 9.89 27.84 -8.38
C LYS E 158 11.27 27.75 -7.75
N LYS E 159 11.51 26.63 -7.05
CA LYS E 159 12.83 26.30 -6.53
C LYS E 159 13.26 24.86 -6.74
N ASP E 160 12.33 23.91 -6.89
CA ASP E 160 12.57 22.50 -7.19
C ASP E 160 13.17 21.72 -6.02
N PHE E 161 13.54 22.39 -4.94
CA PHE E 161 14.14 21.82 -3.72
C PHE E 161 14.86 20.47 -3.83
N THR E 183 35.81 9.24 -6.71
CA THR E 183 35.42 8.89 -5.34
C THR E 183 36.52 8.06 -4.68
N VAL E 184 36.22 7.50 -3.52
CA VAL E 184 37.25 7.02 -2.59
C VAL E 184 36.85 5.64 -2.06
N THR E 185 37.87 4.86 -1.70
CA THR E 185 37.68 3.60 -1.01
C THR E 185 38.84 3.38 -0.05
N LEU E 186 38.52 2.93 1.16
CA LEU E 186 39.49 2.57 2.18
C LEU E 186 39.33 1.09 2.51
N ASN E 187 40.15 0.62 3.45
CA ASN E 187 40.06 -0.74 3.97
C ASN E 187 40.53 -0.73 5.40
N TYR E 188 40.04 -1.69 6.18
CA TYR E 188 40.42 -1.82 7.57
C TYR E 188 40.34 -3.28 7.97
N VAL E 189 40.53 -3.54 9.25
CA VAL E 189 40.21 -4.83 9.85
C VAL E 189 39.67 -4.57 11.25
N ALA E 190 38.64 -5.33 11.63
CA ALA E 190 38.14 -5.30 12.98
C ALA E 190 39.13 -5.95 13.94
N ASP E 191 38.88 -5.77 15.23
CA ASP E 191 39.57 -6.55 16.24
C ASP E 191 38.61 -6.70 17.42
N ASN E 192 37.85 -7.78 17.40
CA ASN E 192 36.98 -8.24 18.49
C ASN E 192 35.77 -7.36 18.73
N PHE E 193 35.59 -6.27 17.98
CA PHE E 193 34.37 -5.45 18.05
C PHE E 193 34.15 -4.91 19.47
N GLY E 194 35.06 -4.03 19.87
CA GLY E 194 34.80 -3.06 20.91
C GLY E 194 34.33 -3.61 22.23
N THR E 195 34.87 -4.76 22.63
CA THR E 195 34.51 -5.40 23.89
C THR E 195 35.27 -4.73 25.04
N ASN E 196 35.01 -3.43 25.19
CA ASN E 196 35.94 -2.47 25.79
C ASN E 196 37.26 -2.41 25.04
N MET E 197 37.32 -2.95 23.82
CA MET E 197 38.57 -3.38 23.23
C MET E 197 38.44 -3.42 21.72
N THR E 198 39.31 -2.68 21.03
CA THR E 198 39.53 -2.89 19.61
C THR E 198 40.84 -2.22 19.21
N ASN E 199 41.66 -2.94 18.46
CA ASN E 199 42.68 -2.34 17.62
C ASN E 199 42.14 -2.23 16.21
N PHE E 200 42.29 -1.05 15.62
CA PHE E 200 41.89 -0.79 14.25
C PHE E 200 43.15 -0.64 13.40
N LEU E 201 43.11 -1.16 12.18
CA LEU E 201 44.26 -1.09 11.29
C LEU E 201 43.79 -0.84 9.86
N PHE E 202 44.05 0.35 9.37
CA PHE E 202 43.96 0.60 7.94
C PHE E 202 44.95 -0.29 7.19
N GLN E 203 44.62 -0.60 5.95
CA GLN E 203 45.45 -1.44 5.10
C GLN E 203 45.89 -0.67 3.87
N VAL E 204 47.17 -0.81 3.55
CA VAL E 204 47.71 -0.42 2.25
C VAL E 204 47.97 -1.65 1.38
N ASP E 205 48.59 -2.67 1.96
CA ASP E 205 48.60 -3.99 1.33
C ASP E 205 48.80 -5.02 2.45
N HIS E 206 48.93 -6.28 2.05
CA HIS E 206 49.00 -7.35 3.02
C HIS E 206 50.23 -7.27 3.88
N LEU E 207 51.29 -6.60 3.41
CA LEU E 207 52.47 -6.31 4.20
C LEU E 207 52.54 -4.84 4.56
N THR E 208 51.39 -4.22 4.82
CA THR E 208 51.39 -2.85 5.31
C THR E 208 50.08 -2.58 6.04
N TYR E 209 50.19 -1.98 7.22
CA TYR E 209 49.04 -1.56 8.00
C TYR E 209 49.47 -0.34 8.80
N VAL E 210 48.52 0.21 9.55
CA VAL E 210 48.75 1.42 10.32
C VAL E 210 47.92 1.32 11.59
N GLN E 211 48.53 1.61 12.74
CA GLN E 211 47.70 1.80 13.91
C GLN E 211 46.79 2.98 13.65
N LEU E 212 45.51 2.70 13.45
CA LEU E 212 44.55 3.78 13.29
C LEU E 212 44.44 4.56 14.58
N GLU E 213 44.11 5.84 14.45
CA GLU E 213 44.02 6.76 15.56
C GLU E 213 42.75 7.59 15.40
N PRO E 214 42.06 7.94 16.49
CA PRO E 214 40.72 8.53 16.32
C PRO E 214 40.67 9.83 15.55
N ARG E 215 41.44 10.84 15.96
CA ARG E 215 41.20 12.19 15.48
C ARG E 215 41.74 12.47 14.08
N PHE E 216 42.19 11.44 13.36
CA PHE E 216 42.81 11.64 12.06
C PHE E 216 41.80 11.45 10.95
N THR E 217 41.92 12.28 9.93
CA THR E 217 40.89 12.45 8.93
C THR E 217 41.05 11.43 7.82
N PRO E 218 40.06 11.34 6.92
CA PRO E 218 40.33 10.65 5.67
C PRO E 218 41.50 11.25 4.93
N GLN E 219 41.51 12.57 4.79
CA GLN E 219 42.49 13.24 3.94
C GLN E 219 43.90 13.03 4.48
N PHE E 220 44.04 13.13 5.80
CA PHE E 220 45.31 12.85 6.46
C PHE E 220 45.84 11.49 6.06
N LEU E 221 44.97 10.50 6.00
CA LEU E 221 45.39 9.15 5.71
C LEU E 221 45.49 8.86 4.23
N VAL E 222 44.86 9.67 3.39
CA VAL E 222 45.15 9.60 1.96
C VAL E 222 46.56 10.11 1.71
N GLN E 223 46.92 11.23 2.36
CA GLN E 223 48.30 11.68 2.32
C GLN E 223 49.24 10.60 2.80
N LEU E 224 48.84 9.91 3.87
CA LEU E 224 49.67 8.84 4.42
C LEU E 224 49.87 7.71 3.42
N ASN E 225 48.76 7.25 2.84
CA ASN E 225 48.81 6.26 1.77
C ASN E 225 49.80 6.70 0.71
N GLU E 226 49.64 7.91 0.19
CA GLU E 226 50.43 8.30 -0.96
C GLU E 226 51.89 8.44 -0.62
N THR E 227 52.20 8.92 0.58
CA THR E 227 53.60 9.15 0.94
C THR E 227 54.32 7.84 1.17
N ILE E 228 53.64 6.84 1.73
CA ILE E 228 54.32 5.54 1.87
C ILE E 228 54.32 4.82 0.53
N TYR E 229 53.27 4.99 -0.26
CA TYR E 229 53.20 4.48 -1.61
C TYR E 229 54.35 5.01 -2.47
N THR E 230 54.85 6.20 -2.14
CA THR E 230 56.11 6.68 -2.68
C THR E 230 57.30 5.95 -2.08
N ASN E 231 57.27 5.70 -0.77
CA ASN E 231 58.44 5.28 -0.01
C ASN E 231 58.60 3.77 0.06
N GLY E 232 58.16 3.05 -0.97
CA GLY E 232 58.46 1.65 -1.12
C GLY E 232 57.31 0.70 -0.88
N ARG E 233 56.20 1.20 -0.32
CA ARG E 233 55.05 0.35 -0.02
C ARG E 233 53.75 1.10 -0.29
N LEU E 241 55.59 -3.09 8.15
CA LEU E 241 54.23 -3.55 7.94
C LEU E 241 53.23 -2.76 8.77
N ILE E 242 53.68 -2.23 9.91
CA ILE E 242 52.85 -1.43 10.79
C ILE E 242 53.65 -0.19 11.17
N TRP E 243 52.96 0.94 11.29
CA TRP E 243 53.62 2.20 11.58
C TRP E 243 52.67 3.08 12.39
N LYS E 244 53.24 4.18 12.88
CA LYS E 244 52.50 5.16 13.65
C LYS E 244 53.02 6.54 13.26
N VAL E 245 52.48 7.57 13.91
CA VAL E 245 52.79 8.94 13.58
C VAL E 245 53.88 9.46 14.48
N ASN E 246 53.89 9.01 15.74
CA ASN E 246 54.82 9.50 16.75
C ASN E 246 54.65 11.01 16.86
N PRO E 247 53.52 11.50 17.40
CA PRO E 247 53.14 12.91 17.34
C PRO E 247 54.19 13.89 17.85
N TRP E 256 35.19 19.62 15.25
CA TRP E 256 35.68 20.48 14.16
C TRP E 256 35.02 20.10 12.84
N ALA E 257 33.91 20.76 12.52
CA ALA E 257 33.21 20.49 11.28
C ALA E 257 34.07 20.86 10.08
N PHE E 258 33.77 20.24 8.95
CA PHE E 258 34.56 20.44 7.75
C PHE E 258 34.08 21.62 6.92
N TRP E 259 32.80 21.98 7.00
CA TRP E 259 32.37 23.23 6.38
C TRP E 259 33.08 24.36 7.10
N GLU E 260 33.97 25.04 6.38
CA GLU E 260 34.81 26.08 6.98
C GLU E 260 35.03 27.22 5.98
N CYS F 10 25.66 23.15 14.68
CA CYS F 10 24.97 22.51 13.57
C CYS F 10 25.36 23.15 12.24
N ASN F 11 25.31 22.38 11.17
CA ASN F 11 25.59 22.92 9.86
C ASN F 11 24.46 23.84 9.43
N PRO F 12 24.76 25.02 8.91
CA PRO F 12 23.73 25.73 8.15
C PRO F 12 23.64 25.20 6.73
N ASN F 13 24.78 24.81 6.17
CA ASN F 13 24.83 24.47 4.76
C ASN F 13 24.05 23.21 4.49
N LEU F 14 23.48 23.14 3.29
CA LEU F 14 22.59 22.08 2.86
C LEU F 14 22.97 21.63 1.45
N HIS F 15 24.18 21.14 1.29
CA HIS F 15 24.52 20.46 0.04
C HIS F 15 23.75 19.15 -0.01
N TYR F 16 22.62 19.14 -0.72
CA TYR F 16 21.63 18.04 -0.69
C TYR F 16 21.44 17.43 -2.07
N TRP F 17 20.49 16.50 -2.13
CA TRP F 17 20.12 15.86 -3.38
C TRP F 17 18.67 15.44 -3.31
N THR F 18 18.16 14.97 -4.46
CA THR F 18 16.90 14.25 -4.55
C THR F 18 16.99 13.34 -5.76
N THR F 19 15.87 12.74 -6.14
CA THR F 19 15.82 11.84 -7.27
C THR F 19 15.20 12.53 -8.47
N GLN F 20 15.73 12.23 -9.65
CA GLN F 20 15.16 12.75 -10.88
C GLN F 20 13.88 11.98 -11.16
N ASP F 21 12.81 12.42 -10.50
CA ASP F 21 11.47 11.95 -10.81
C ASP F 21 10.51 13.13 -10.85
N GLU F 22 10.97 14.23 -11.42
CA GLU F 22 10.10 15.37 -11.68
C GLU F 22 9.29 15.08 -12.94
N GLY F 23 8.62 16.09 -13.47
CA GLY F 23 7.76 15.90 -14.62
C GLY F 23 8.51 16.09 -15.91
N ALA F 24 8.40 17.27 -16.50
CA ALA F 24 9.02 17.52 -17.79
C ALA F 24 10.52 17.69 -17.65
N ALA F 25 11.23 16.59 -17.75
CA ALA F 25 12.68 16.59 -17.79
C ALA F 25 13.23 15.62 -18.82
N ILE F 26 12.38 14.99 -19.62
CA ILE F 26 12.74 13.80 -20.38
C ILE F 26 12.26 13.93 -21.82
N GLY F 27 13.03 13.34 -22.71
CA GLY F 27 12.64 13.12 -24.08
C GLY F 27 12.09 11.72 -24.15
N LEU F 28 12.88 10.77 -24.62
CA LEU F 28 12.50 9.36 -24.59
C LEU F 28 13.47 8.51 -23.77
N ALA F 29 14.33 9.13 -22.97
CA ALA F 29 15.31 8.37 -22.20
C ALA F 29 14.70 7.47 -21.13
N TRP F 30 13.39 7.60 -20.89
CA TRP F 30 12.68 6.72 -19.96
C TRP F 30 12.82 5.24 -20.26
N ILE F 31 13.20 4.88 -21.48
CA ILE F 31 13.20 3.46 -21.87
C ILE F 31 14.15 2.71 -20.95
N PRO F 32 13.78 1.49 -20.47
CA PRO F 32 14.44 0.92 -19.29
C PRO F 32 15.94 0.78 -19.42
N TYR F 33 16.39 0.09 -20.46
CA TYR F 33 17.80 -0.21 -20.63
C TYR F 33 18.46 0.69 -21.64
N PHE F 34 17.72 1.64 -22.21
CA PHE F 34 18.34 2.86 -22.69
C PHE F 34 18.20 3.96 -21.64
N GLY F 35 18.66 3.60 -20.45
CA GLY F 35 18.67 4.48 -19.31
C GLY F 35 19.54 3.87 -18.24
N PRO F 36 20.10 4.69 -17.37
CA PRO F 36 21.13 4.20 -16.44
C PRO F 36 20.60 3.24 -15.38
N ALA F 37 19.57 3.68 -14.66
CA ALA F 37 18.95 2.94 -13.55
C ALA F 37 19.85 2.82 -12.32
N ALA F 38 21.08 3.34 -12.39
CA ALA F 38 22.08 3.08 -11.37
C ALA F 38 22.62 4.35 -10.72
N GLU F 39 23.09 5.30 -11.54
CA GLU F 39 23.64 6.55 -11.04
C GLU F 39 23.14 7.78 -11.79
N GLY F 40 22.40 7.61 -12.88
CA GLY F 40 21.94 8.72 -13.70
C GLY F 40 20.45 8.88 -13.67
N ILE F 41 19.86 8.61 -12.51
CA ILE F 41 18.42 8.74 -12.29
C ILE F 41 18.14 9.77 -11.20
N TYR F 42 19.10 10.65 -10.97
CA TYR F 42 19.21 11.38 -9.73
C TYR F 42 19.27 12.87 -9.97
N THR F 43 19.26 13.62 -8.87
CA THR F 43 19.23 15.06 -8.89
C THR F 43 19.99 15.56 -7.68
N GLU F 44 20.64 16.71 -7.83
CA GLU F 44 21.42 17.33 -6.76
C GLU F 44 20.79 18.68 -6.41
N GLY F 45 21.47 19.42 -5.54
CA GLY F 45 21.02 20.74 -5.18
C GLY F 45 21.71 21.24 -3.93
N ILE F 46 21.64 22.56 -3.75
CA ILE F 46 22.24 23.20 -2.59
C ILE F 46 21.33 24.30 -2.10
N MET F 47 21.40 24.56 -0.79
CA MET F 47 20.75 25.72 -0.18
C MET F 47 21.64 26.21 0.95
N HIS F 48 21.20 27.28 1.60
CA HIS F 48 21.88 27.85 2.74
C HIS F 48 20.85 28.22 3.79
N ASN F 49 21.28 28.24 5.04
CA ASN F 49 20.34 28.22 6.15
C ASN F 49 19.61 29.55 6.32
N GLN F 50 18.67 29.80 5.41
CA GLN F 50 17.71 30.86 5.62
C GLN F 50 16.95 30.62 6.92
N ASN F 51 17.06 31.57 7.86
CA ASN F 51 16.20 31.62 9.04
C ASN F 51 16.40 30.42 9.98
N GLY F 52 17.61 29.89 10.07
CA GLY F 52 17.85 28.77 10.98
C GLY F 52 17.06 27.52 10.63
N LEU F 53 16.61 27.44 9.38
CA LEU F 53 15.57 26.51 9.00
C LEU F 53 16.05 25.07 9.02
N ILE F 54 17.24 24.83 8.49
CA ILE F 54 17.69 23.46 8.34
C ILE F 54 18.14 22.91 9.68
N CYS F 55 18.79 23.72 10.51
CA CYS F 55 19.06 23.25 11.86
C CYS F 55 17.76 23.00 12.62
N GLY F 56 16.72 23.81 12.33
CA GLY F 56 15.42 23.53 12.90
C GLY F 56 14.91 22.15 12.55
N LEU F 57 14.97 21.79 11.27
CA LEU F 57 14.47 20.47 10.91
C LEU F 57 15.41 19.36 11.35
N ARG F 58 16.70 19.64 11.56
CA ARG F 58 17.57 18.64 12.14
C ARG F 58 17.11 18.28 13.53
N GLN F 59 16.86 19.31 14.35
CA GLN F 59 16.19 19.13 15.62
C GLN F 59 14.90 18.33 15.45
N LEU F 60 14.11 18.70 14.43
CA LEU F 60 12.82 18.07 14.20
C LEU F 60 12.97 16.57 13.99
N ALA F 61 13.95 16.17 13.19
CA ALA F 61 14.08 14.76 12.87
C ALA F 61 14.58 13.96 14.06
N ASN F 62 15.51 14.54 14.82
CA ASN F 62 15.94 13.85 16.03
C ASN F 62 14.80 13.71 17.00
N GLU F 63 13.83 14.61 16.94
CA GLU F 63 12.62 14.46 17.75
C GLU F 63 11.65 13.46 17.14
N THR F 64 11.68 13.34 15.81
CA THR F 64 10.74 12.47 15.11
C THR F 64 10.99 11.01 15.40
N THR F 65 12.28 10.64 15.45
CA THR F 65 12.72 9.24 15.50
C THR F 65 11.92 8.39 16.49
N GLN F 66 11.62 8.95 17.65
CA GLN F 66 10.93 8.21 18.71
C GLN F 66 9.56 7.74 18.25
N ALA F 67 8.67 8.70 17.99
CA ALA F 67 7.32 8.37 17.55
C ALA F 67 7.35 7.59 16.27
N LEU F 68 8.36 7.82 15.43
CA LEU F 68 8.49 7.05 14.21
C LEU F 68 8.63 5.57 14.53
N GLN F 69 9.63 5.22 15.32
CA GLN F 69 9.87 3.80 15.57
C GLN F 69 8.71 3.17 16.32
N LEU F 70 8.02 3.95 17.15
CA LEU F 70 6.91 3.34 17.88
C LEU F 70 5.72 3.12 16.98
N PHE F 71 5.36 4.12 16.17
CA PHE F 71 4.33 3.95 15.16
C PHE F 71 4.65 2.81 14.23
N LEU F 72 5.94 2.61 13.98
CA LEU F 72 6.38 1.51 13.14
C LEU F 72 6.19 0.17 13.82
N ARG F 73 6.57 0.09 15.09
CA ARG F 73 6.84 -1.18 15.75
C ARG F 73 5.66 -2.12 15.74
N ALA F 74 4.44 -1.60 15.65
CA ALA F 74 3.25 -2.43 15.80
C ALA F 74 3.21 -3.52 14.75
N THR F 75 3.39 -3.15 13.48
CA THR F 75 3.21 -4.12 12.42
C THR F 75 4.32 -5.16 12.44
N THR F 76 4.21 -6.13 11.54
CA THR F 76 5.26 -7.07 11.21
C THR F 76 5.90 -6.78 9.86
N GLU F 77 5.33 -5.86 9.09
CA GLU F 77 5.76 -5.65 7.71
C GLU F 77 7.18 -5.11 7.67
N LEU F 78 7.92 -5.55 6.66
CA LEU F 78 9.32 -5.14 6.53
C LEU F 78 9.43 -3.77 5.88
N ARG F 79 9.06 -3.67 4.62
CA ARG F 79 9.42 -2.55 3.77
C ARG F 79 8.21 -1.64 3.67
N THR F 80 8.16 -0.65 4.55
CA THR F 80 7.00 0.21 4.62
C THR F 80 7.01 1.22 3.48
N PHE F 81 5.83 1.42 2.89
CA PHE F 81 5.66 2.40 1.84
C PHE F 81 4.38 3.22 1.95
N SER F 82 3.44 2.84 2.82
CA SER F 82 2.11 3.43 2.87
C SER F 82 1.97 4.52 3.93
N ILE F 83 3.04 4.80 4.68
CA ILE F 83 2.96 5.74 5.80
C ILE F 83 2.54 7.12 5.33
N LEU F 84 2.97 7.51 4.14
CA LEU F 84 2.86 8.91 3.76
C LEU F 84 1.44 9.24 3.31
N ASN F 85 0.89 8.36 2.48
CA ASN F 85 -0.55 8.31 2.27
C ASN F 85 -1.29 8.42 3.59
N ARG F 86 -1.05 7.46 4.48
CA ARG F 86 -1.76 7.37 5.75
C ARG F 86 -1.70 8.68 6.52
N LYS F 87 -0.56 9.36 6.46
CA LYS F 87 -0.45 10.69 7.03
C LYS F 87 -1.41 11.66 6.34
N ALA F 88 -1.47 11.59 5.02
CA ALA F 88 -2.36 12.49 4.28
C ALA F 88 -3.82 12.24 4.63
N ILE F 89 -4.20 10.97 4.73
CA ILE F 89 -5.57 10.64 5.07
C ILE F 89 -5.87 11.10 6.49
N ASP F 90 -4.91 10.98 7.39
CA ASP F 90 -5.09 11.52 8.74
C ASP F 90 -5.36 13.01 8.68
N PHE F 91 -4.60 13.72 7.83
CA PHE F 91 -4.82 15.15 7.65
C PHE F 91 -6.25 15.43 7.22
N LEU F 92 -6.73 14.67 6.24
CA LEU F 92 -8.06 14.95 5.72
C LEU F 92 -9.13 14.58 6.71
N LEU F 93 -8.95 13.50 7.47
CA LEU F 93 -9.95 13.12 8.46
C LEU F 93 -10.02 14.15 9.57
N GLN F 94 -8.87 14.72 9.93
CA GLN F 94 -8.90 15.91 10.77
C GLN F 94 -9.73 17.00 10.10
N ARG F 95 -9.51 17.20 8.81
CA ARG F 95 -10.28 18.19 8.08
C ARG F 95 -11.70 17.72 7.81
N TRP F 96 -11.90 16.41 7.66
CA TRP F 96 -13.16 15.88 7.13
C TRP F 96 -13.44 14.54 7.79
N GLY F 97 -14.16 14.59 8.91
CA GLY F 97 -14.52 13.38 9.61
C GLY F 97 -15.77 12.70 9.12
N GLY F 98 -16.57 13.38 8.30
CA GLY F 98 -17.85 12.88 7.86
C GLY F 98 -18.98 13.87 8.09
N THR F 99 -18.69 14.96 8.82
CA THR F 99 -19.65 16.02 9.04
C THR F 99 -18.88 17.32 9.13
N CYS F 100 -19.54 18.40 8.71
CA CYS F 100 -18.95 19.72 8.64
C CYS F 100 -19.84 20.73 9.33
N HIS F 101 -19.21 21.71 9.96
CA HIS F 101 -19.89 22.89 10.51
C HIS F 101 -19.18 24.09 9.91
N ILE F 102 -19.78 24.67 8.87
CA ILE F 102 -19.17 25.78 8.15
C ILE F 102 -18.94 26.97 9.06
N LEU F 103 -19.83 27.17 10.05
CA LEU F 103 -19.61 28.23 11.03
C LEU F 103 -18.71 27.78 12.16
N GLY F 104 -19.00 26.61 12.72
CA GLY F 104 -18.18 26.05 13.77
C GLY F 104 -16.77 25.93 13.26
N PRO F 105 -15.84 26.79 13.74
CA PRO F 105 -14.55 26.90 13.05
C PRO F 105 -13.72 25.63 13.22
N ASP F 106 -14.19 24.59 12.54
CA ASP F 106 -13.57 23.28 12.54
C ASP F 106 -13.49 22.67 11.15
N CYS F 107 -14.20 23.21 10.17
CA CYS F 107 -14.34 22.63 8.85
C CYS F 107 -13.55 23.35 7.77
N CYS F 108 -13.21 24.62 8.01
CA CYS F 108 -12.26 25.37 7.19
C CYS F 108 -12.74 25.50 5.74
N ILE F 109 -13.80 26.27 5.61
CA ILE F 109 -14.31 26.72 4.33
C ILE F 109 -14.36 28.24 4.38
N GLU F 110 -14.26 28.88 3.21
CA GLU F 110 -14.46 30.32 3.08
C GLU F 110 -15.77 30.63 2.38
N PRO F 111 -16.89 30.66 3.10
CA PRO F 111 -18.15 31.10 2.50
C PRO F 111 -18.48 32.57 2.69
N HIS F 112 -17.58 33.34 3.30
CA HIS F 112 -17.93 34.69 3.75
C HIS F 112 -18.38 35.57 2.60
N ASP F 113 -17.71 35.45 1.46
CA ASP F 113 -18.01 36.31 0.32
C ASP F 113 -19.35 35.97 -0.32
N TRP F 114 -19.95 34.81 0.02
CA TRP F 114 -21.32 34.48 -0.41
C TRP F 114 -22.28 35.64 -0.15
N THR F 115 -22.13 36.28 1.01
CA THR F 115 -22.96 37.42 1.36
C THR F 115 -22.89 38.53 0.33
N LYS F 116 -21.82 38.60 -0.48
CA LYS F 116 -21.76 39.58 -1.55
C LYS F 116 -22.90 39.38 -2.55
N ASN F 117 -23.01 38.18 -3.11
CA ASN F 117 -24.13 37.94 -4.02
C ASN F 117 -25.45 37.99 -3.28
N ILE F 118 -25.49 37.62 -2.00
CA ILE F 118 -26.77 37.69 -1.30
C ILE F 118 -27.25 39.13 -1.19
N THR F 119 -26.36 40.06 -0.83
CA THR F 119 -26.76 41.45 -0.75
C THR F 119 -27.00 42.04 -2.14
N ASP F 120 -26.34 41.50 -3.16
CA ASP F 120 -26.67 41.89 -4.53
C ASP F 120 -28.09 41.49 -4.88
N LYS F 121 -28.56 40.35 -4.35
CA LYS F 121 -29.93 39.92 -4.61
C LYS F 121 -30.94 40.72 -3.80
N ILE F 122 -30.60 41.07 -2.57
CA ILE F 122 -31.56 41.77 -1.72
C ILE F 122 -31.81 43.19 -2.25
N ASP F 123 -30.80 43.80 -2.87
CA ASP F 123 -30.98 45.11 -3.49
C ASP F 123 -31.67 45.03 -4.85
N GLN F 124 -32.09 43.85 -5.29
CA GLN F 124 -32.83 43.69 -6.53
C GLN F 124 -34.10 44.51 -6.53
N ASP G 1 2.56 2.17 34.56
CA ASP G 1 2.41 0.83 35.08
C ASP G 1 3.52 0.51 36.06
N ILE G 2 4.76 0.77 35.65
CA ILE G 2 5.91 0.39 36.46
C ILE G 2 5.99 1.29 37.69
N VAL G 3 6.47 0.72 38.79
CA VAL G 3 6.40 1.35 40.10
C VAL G 3 7.78 1.20 40.75
N LEU G 4 8.42 2.32 41.05
CA LEU G 4 9.69 2.28 41.74
C LEU G 4 9.51 1.74 43.16
N THR G 5 10.63 1.56 43.85
CA THR G 5 10.60 1.13 45.25
C THR G 5 11.82 1.75 45.94
N GLN G 6 11.62 2.93 46.53
CA GLN G 6 12.66 3.48 47.39
C GLN G 6 12.82 2.58 48.60
N SER G 7 14.04 2.52 49.11
CA SER G 7 14.33 1.63 50.22
C SER G 7 15.52 2.13 51.03
N PRO G 8 15.33 2.58 52.28
CA PRO G 8 14.12 2.87 53.07
C PRO G 8 13.55 4.25 52.78
N SER G 9 12.48 4.60 53.48
CA SER G 9 11.81 5.88 53.27
C SER G 9 12.51 7.03 53.96
N THR G 10 13.25 6.78 55.03
CA THR G 10 14.02 7.84 55.67
C THR G 10 15.19 7.23 56.42
N LEU G 11 16.17 8.08 56.72
CA LEU G 11 17.36 7.70 57.44
C LEU G 11 17.58 8.66 58.60
N SER G 12 18.29 8.16 59.62
CA SER G 12 18.91 9.01 60.63
C SER G 12 20.40 8.72 60.65
N ALA G 13 21.20 9.76 60.82
CA ALA G 13 22.62 9.68 60.48
C ALA G 13 23.39 10.64 61.40
N SER G 14 24.59 11.02 60.96
CA SER G 14 25.35 12.11 61.55
C SER G 14 26.51 12.42 60.61
N VAL G 15 26.86 13.71 60.52
CA VAL G 15 27.71 14.27 59.47
C VAL G 15 29.01 13.49 59.32
N GLY G 16 29.50 13.39 58.10
CA GLY G 16 30.70 12.65 57.80
C GLY G 16 30.48 11.17 57.55
N ASP G 17 29.33 10.64 57.94
CA ASP G 17 29.06 9.22 57.75
C ASP G 17 28.96 8.90 56.26
N ARG G 18 29.04 7.62 55.96
CA ARG G 18 28.86 7.09 54.62
C ARG G 18 27.52 6.35 54.57
N VAL G 19 26.72 6.67 53.56
CA VAL G 19 25.32 6.25 53.52
C VAL G 19 24.99 5.72 52.14
N THR G 20 24.07 4.76 52.10
CA THR G 20 23.67 4.06 50.89
C THR G 20 22.15 4.05 50.77
N ILE G 21 21.68 4.10 49.53
CA ILE G 21 20.27 3.92 49.22
C ILE G 21 20.17 2.87 48.13
N THR G 22 19.07 2.11 48.17
CA THR G 22 18.69 1.20 47.09
C THR G 22 17.32 1.59 46.58
N CYS G 23 17.15 1.43 45.27
CA CYS G 23 15.88 1.68 44.60
C CYS G 23 15.63 0.53 43.64
N ARG G 24 14.39 0.07 43.61
CA ARG G 24 13.99 -1.07 42.80
C ARG G 24 12.71 -0.73 42.05
N ALA G 25 12.26 -1.66 41.23
CA ALA G 25 11.05 -1.49 40.44
C ALA G 25 10.50 -2.86 40.08
N SER G 26 9.53 -2.87 39.16
CA SER G 26 8.88 -4.10 38.74
C SER G 26 9.64 -4.79 37.62
N GLN G 27 10.06 -4.03 36.61
CA GLN G 27 10.63 -4.58 35.40
C GLN G 27 12.01 -3.98 35.17
N SER G 28 12.77 -4.65 34.31
CA SER G 28 14.16 -4.30 34.11
C SER G 28 14.29 -3.02 33.29
N ILE G 29 15.33 -2.25 33.62
CA ILE G 29 15.67 -1.02 32.94
C ILE G 29 17.17 -1.05 32.71
N SER G 30 17.59 -0.43 31.62
CA SER G 30 18.95 -0.53 31.11
C SER G 30 19.80 0.64 31.61
N SER G 31 19.88 0.79 32.93
CA SER G 31 20.67 1.85 33.54
C SER G 31 20.20 3.22 33.05
N TRP G 32 18.89 3.39 32.96
CA TRP G 32 18.25 4.62 32.55
C TRP G 32 17.49 5.17 33.73
N LEU G 33 18.16 5.23 34.86
CA LEU G 33 17.62 5.80 36.08
C LEU G 33 18.33 7.09 36.40
N ALA G 34 17.62 7.98 37.09
CA ALA G 34 18.15 9.27 37.50
C ALA G 34 17.75 9.52 38.95
N TRP G 35 18.50 10.41 39.59
CA TRP G 35 18.28 10.79 40.97
C TRP G 35 18.04 12.28 41.07
N TYR G 36 17.38 12.69 42.15
CA TYR G 36 17.09 14.08 42.40
C TYR G 36 17.20 14.36 43.89
N GLN G 37 17.08 15.64 44.22
CA GLN G 37 16.99 16.06 45.61
C GLN G 37 16.16 17.32 45.67
N GLN G 38 15.48 17.50 46.80
CA GLN G 38 14.94 18.79 47.15
C GLN G 38 14.81 18.86 48.67
N LYS G 39 14.31 19.98 49.14
CA LYS G 39 14.22 20.30 50.56
C LYS G 39 12.75 20.60 50.88
N PRO G 40 12.40 20.85 52.15
CA PRO G 40 10.99 21.07 52.47
C PRO G 40 10.45 22.38 51.89
N GLY G 41 10.12 22.34 50.60
CA GLY G 41 9.50 23.46 49.93
C GLY G 41 10.43 24.20 48.99
N GLU G 42 11.38 23.46 48.41
CA GLU G 42 12.34 24.01 47.46
C GLU G 42 12.28 23.23 46.16
N ALA G 43 12.59 23.90 45.07
CA ALA G 43 12.54 23.26 43.77
C ALA G 43 13.72 22.30 43.63
N PRO G 44 13.51 21.08 43.07
CA PRO G 44 14.60 20.10 43.07
C PRO G 44 15.79 20.44 42.18
N LYS G 45 16.72 19.49 42.10
CA LYS G 45 17.81 19.53 41.14
C LYS G 45 18.14 18.14 40.64
N LEU G 46 18.68 18.09 39.44
CA LEU G 46 19.28 16.88 38.91
C LEU G 46 20.54 16.53 39.68
N LEU G 47 20.77 15.22 39.81
CA LEU G 47 22.02 14.72 40.38
C LEU G 47 22.77 13.80 39.41
N ILE G 48 22.12 12.75 38.92
CA ILE G 48 22.77 11.74 38.08
C ILE G 48 21.85 11.41 36.92
N SER G 49 22.46 11.17 35.77
CA SER G 49 21.80 10.58 34.62
C SER G 49 22.29 9.15 34.46
N ASP G 50 21.36 8.24 34.16
CA ASP G 50 21.71 6.83 33.95
C ASP G 50 22.25 6.11 35.20
N ALA G 51 22.11 6.75 36.36
CA ALA G 51 22.56 6.17 37.61
C ALA G 51 24.08 5.99 37.70
N SER G 52 24.83 6.58 36.78
CA SER G 52 26.29 6.53 36.85
C SER G 52 26.97 7.83 36.47
N SER G 53 26.28 8.79 35.85
CA SER G 53 26.88 9.99 35.31
C SER G 53 26.42 11.18 36.13
N LEU G 54 27.29 11.64 37.04
CA LEU G 54 26.99 12.82 37.83
C LEU G 54 26.99 14.05 36.94
N GLU G 55 26.69 15.20 37.54
CA GLU G 55 26.44 16.43 36.80
C GLU G 55 27.29 17.56 37.36
N SER G 56 27.32 18.66 36.61
CA SER G 56 28.01 19.86 37.08
C SER G 56 27.31 20.41 38.31
N GLY G 57 28.10 20.92 39.25
CA GLY G 57 27.59 21.37 40.52
C GLY G 57 27.35 20.26 41.52
N VAL G 58 27.45 19.02 41.11
CA VAL G 58 27.24 17.89 42.04
C VAL G 58 28.53 17.65 42.81
N PRO G 59 28.50 17.56 44.14
CA PRO G 59 29.69 17.09 44.85
C PRO G 59 29.97 15.63 44.54
N SER G 60 31.26 15.30 44.41
CA SER G 60 31.68 13.93 44.17
C SER G 60 31.50 13.03 45.38
N ARG G 61 31.00 13.54 46.50
CA ARG G 61 30.71 12.70 47.65
C ARG G 61 29.72 11.60 47.31
N PHE G 62 28.85 11.84 46.33
CA PHE G 62 27.82 10.90 45.96
C PHE G 62 28.37 9.80 45.07
N SER G 63 27.60 8.72 44.95
CA SER G 63 28.00 7.61 44.09
C SER G 63 26.76 6.79 43.75
N GLY G 64 26.35 6.85 42.49
CA GLY G 64 25.23 6.07 42.00
C GLY G 64 25.71 4.85 41.25
N SER G 65 24.89 3.81 41.25
CA SER G 65 25.20 2.58 40.53
C SER G 65 23.95 1.74 40.43
N GLY G 66 24.05 0.65 39.68
CA GLY G 66 22.96 -0.30 39.55
C GLY G 66 22.78 -0.82 38.14
N SER G 67 21.81 -1.71 37.97
CA SER G 67 21.53 -2.28 36.65
C SER G 67 20.21 -3.01 36.72
N GLY G 68 19.56 -3.12 35.57
CA GLY G 68 18.37 -3.93 35.45
C GLY G 68 17.19 -3.40 36.23
N THR G 69 16.87 -4.06 37.34
CA THR G 69 15.79 -3.67 38.23
C THR G 69 16.30 -2.98 39.48
N GLU G 70 17.33 -3.55 40.11
CA GLU G 70 17.89 -2.97 41.30
C GLU G 70 18.80 -1.81 40.94
N PHE G 71 18.71 -0.73 41.71
CA PHE G 71 19.58 0.41 41.53
C PHE G 71 19.86 1.01 42.89
N THR G 72 20.94 1.80 42.93
CA THR G 72 21.60 2.13 44.18
C THR G 72 22.02 3.58 44.20
N LEU G 73 22.55 3.98 45.35
CA LEU G 73 23.18 5.27 45.54
C LEU G 73 24.02 5.16 46.80
N THR G 74 25.18 5.81 46.80
CA THR G 74 25.99 5.90 48.00
C THR G 74 26.54 7.30 48.14
N ILE G 75 26.62 7.75 49.39
CA ILE G 75 27.24 9.01 49.76
C ILE G 75 28.49 8.68 50.56
N SER G 76 29.63 9.20 50.12
CA SER G 76 30.87 9.03 50.88
C SER G 76 30.77 9.72 52.24
N SER G 77 30.56 11.03 52.22
CA SER G 77 30.52 11.84 53.42
C SER G 77 29.23 12.66 53.43
N LEU G 78 28.71 12.89 54.63
CA LEU G 78 27.48 13.64 54.77
C LEU G 78 27.75 15.11 55.00
N GLN G 79 26.71 15.91 54.82
CA GLN G 79 26.73 17.33 55.10
C GLN G 79 25.36 17.73 55.63
N PRO G 80 25.26 18.87 56.30
CA PRO G 80 23.92 19.35 56.69
C PRO G 80 23.00 19.56 55.52
N ASP G 81 23.51 20.18 54.45
CA ASP G 81 22.71 20.39 53.25
C ASP G 81 22.29 19.06 52.63
N ASP G 82 23.10 18.03 52.79
CA ASP G 82 22.80 16.72 52.24
C ASP G 82 21.76 15.95 53.04
N PHE G 83 21.21 16.54 54.10
CA PHE G 83 20.17 15.89 54.90
C PHE G 83 18.77 16.08 54.34
N ALA G 84 18.65 16.42 53.07
CA ALA G 84 17.37 16.76 52.47
C ALA G 84 16.70 15.49 51.94
N THR G 85 15.63 15.68 51.17
CA THR G 85 14.91 14.58 50.55
C THR G 85 15.53 14.26 49.20
N TYR G 86 15.66 12.97 48.91
CA TYR G 86 16.17 12.47 47.65
C TYR G 86 15.13 11.57 47.00
N TYR G 87 15.24 11.43 45.68
CA TYR G 87 14.22 10.74 44.90
C TYR G 87 14.82 9.88 43.80
N CYS G 88 14.09 8.81 43.50
CA CYS G 88 14.40 7.87 42.42
C CYS G 88 13.44 8.17 41.28
N GLN G 89 13.95 8.24 40.06
CA GLN G 89 13.16 8.71 38.91
C GLN G 89 13.33 7.80 37.70
N GLN G 90 12.33 6.95 37.47
CA GLN G 90 12.27 6.21 36.22
C GLN G 90 12.10 7.18 35.07
N TYR G 91 12.80 6.91 33.96
CA TYR G 91 12.46 7.56 32.71
C TYR G 91 12.43 6.58 31.53
N TYR G 92 12.43 5.28 31.81
CA TYR G 92 12.47 4.24 30.78
C TYR G 92 11.26 4.26 29.85
N SER G 93 10.10 3.89 30.38
CA SER G 93 8.86 3.85 29.60
C SER G 93 7.82 4.80 30.17
N SER G 94 7.44 4.62 31.43
CA SER G 94 6.54 5.52 32.13
C SER G 94 7.39 6.39 33.03
N PRO G 95 7.79 7.59 32.61
CA PRO G 95 8.76 8.34 33.40
C PRO G 95 8.16 8.83 34.70
N THR G 96 8.15 7.92 35.67
CA THR G 96 7.40 8.06 36.90
C THR G 96 8.33 8.23 38.09
N PHE G 97 7.73 8.20 39.27
CA PHE G 97 8.44 8.26 40.54
C PHE G 97 7.89 7.21 41.47
N GLY G 98 8.53 7.11 42.64
CA GLY G 98 7.99 6.40 43.78
C GLY G 98 7.86 7.37 44.93
N GLY G 99 8.07 6.88 46.16
CA GLY G 99 7.91 7.74 47.31
C GLY G 99 9.01 8.77 47.45
N GLY G 100 10.21 8.32 47.77
CA GLY G 100 11.33 9.16 48.08
C GLY G 100 12.03 8.72 49.34
N THR G 101 13.08 9.45 49.69
CA THR G 101 13.97 9.08 50.79
C THR G 101 14.35 10.33 51.55
N LYS G 102 14.73 10.16 52.81
CA LYS G 102 14.87 11.29 53.73
C LYS G 102 15.96 10.97 54.75
N VAL G 103 16.46 12.02 55.39
CA VAL G 103 17.61 11.96 56.30
C VAL G 103 17.23 12.63 57.62
N GLU G 104 17.84 12.16 58.71
CA GLU G 104 17.55 12.69 60.04
C GLU G 104 18.80 12.59 60.91
N ILE G 105 18.66 13.10 62.14
CA ILE G 105 19.58 12.79 63.24
C ILE G 105 18.74 12.72 64.51
N LYS G 106 19.14 11.85 65.42
CA LYS G 106 18.55 11.82 66.76
C LYS G 106 19.53 11.22 67.76
N VAL H 1 18.92 31.61 32.15
CA VAL H 1 18.51 30.26 32.46
C VAL H 1 17.40 30.29 33.50
N GLN H 2 16.65 31.38 33.50
CA GLN H 2 15.76 31.72 34.60
C GLN H 2 14.33 31.35 34.22
N LEU H 3 13.64 30.68 35.15
CA LEU H 3 12.31 30.15 34.92
C LEU H 3 11.31 30.84 35.82
N VAL H 4 10.08 30.90 35.36
CA VAL H 4 9.07 31.80 35.87
C VAL H 4 7.78 31.01 36.07
N GLN H 5 7.42 30.79 37.34
CA GLN H 5 6.06 30.37 37.65
C GLN H 5 5.19 31.61 37.79
N SER H 6 3.99 31.55 37.21
CA SER H 6 3.16 32.74 37.02
C SER H 6 1.85 32.70 37.79
N GLY H 7 1.01 31.68 37.61
CA GLY H 7 -0.41 31.80 37.87
C GLY H 7 -1.03 30.91 38.94
N VAL H 8 -0.40 30.76 40.11
CA VAL H 8 -0.99 29.95 41.17
C VAL H 8 -2.32 30.55 41.61
N THR H 9 -3.31 29.70 41.84
CA THR H 9 -4.67 30.16 42.12
C THR H 9 -5.47 29.04 42.77
N LEU H 10 -6.40 29.44 43.64
CA LEU H 10 -7.46 28.56 44.13
C LEU H 10 -8.71 28.79 43.28
N VAL H 11 -9.15 27.73 42.60
CA VAL H 11 -10.28 27.77 41.67
C VAL H 11 -11.23 26.66 42.06
N GLN H 12 -12.53 26.94 42.03
CA GLN H 12 -13.49 25.97 42.52
C GLN H 12 -13.46 24.71 41.65
N PRO H 13 -13.99 23.60 42.16
CA PRO H 13 -13.97 22.36 41.37
C PRO H 13 -14.71 22.52 40.05
N GLY H 14 -14.28 21.74 39.07
CA GLY H 14 -14.79 21.90 37.72
C GLY H 14 -14.27 23.09 36.97
N GLY H 15 -13.40 23.90 37.58
CA GLY H 15 -12.89 25.08 36.93
C GLY H 15 -11.91 24.79 35.80
N SER H 16 -11.14 25.79 35.42
CA SER H 16 -10.25 25.70 34.27
C SER H 16 -9.30 26.88 34.30
N LEU H 17 -8.13 26.72 33.70
CA LEU H 17 -7.06 27.69 33.88
C LEU H 17 -5.98 27.46 32.84
N ARG H 18 -5.28 28.54 32.48
CA ARG H 18 -4.09 28.49 31.63
C ARG H 18 -2.90 29.00 32.44
N VAL H 19 -2.03 28.09 32.82
CA VAL H 19 -0.73 28.48 33.35
C VAL H 19 0.15 28.88 32.17
N SER H 20 1.11 29.76 32.44
CA SER H 20 2.20 30.02 31.53
C SER H 20 3.49 30.06 32.32
N CYS H 21 4.52 29.39 31.79
CA CYS H 21 5.87 29.45 32.34
C CYS H 21 6.79 30.03 31.29
N ALA H 22 7.45 31.12 31.64
CA ALA H 22 8.41 31.76 30.76
C ALA H 22 9.81 31.22 31.04
N ALA H 23 10.76 31.63 30.20
CA ALA H 23 12.14 31.20 30.34
C ALA H 23 13.04 32.30 29.80
N SER H 24 14.35 32.05 29.88
CA SER H 24 15.32 33.05 29.45
C SER H 24 16.71 32.42 29.49
N GLY H 25 17.63 33.07 28.79
CA GLY H 25 19.04 32.73 28.91
C GLY H 25 19.44 31.40 28.32
N PHE H 26 18.63 30.83 27.43
CA PHE H 26 19.05 29.66 26.69
C PHE H 26 18.17 29.50 25.46
N THR H 27 18.43 28.42 24.72
CA THR H 27 17.84 28.20 23.40
C THR H 27 16.56 27.37 23.57
N PHE H 28 15.52 28.07 24.03
CA PHE H 28 14.31 27.41 24.50
C PHE H 28 13.69 26.51 23.43
N SER H 29 13.67 26.96 22.18
CA SER H 29 13.17 26.12 21.10
C SER H 29 14.00 24.86 20.95
N SER H 30 15.27 24.90 21.35
CA SER H 30 16.16 23.75 21.26
C SER H 30 16.12 22.87 22.50
N TYR H 31 15.01 22.91 23.24
CA TYR H 31 14.85 22.07 24.41
C TYR H 31 13.41 21.65 24.54
N ALA H 32 13.20 20.66 25.40
CA ALA H 32 11.87 20.19 25.76
C ALA H 32 11.37 20.95 26.96
N MET H 33 10.10 20.78 27.26
CA MET H 33 9.51 21.30 28.48
C MET H 33 8.46 20.32 28.96
N SER H 34 8.03 20.52 30.20
CA SER H 34 7.12 19.57 30.82
C SER H 34 6.36 20.26 31.94
N TRP H 35 5.43 19.52 32.53
CA TRP H 35 4.74 19.92 33.74
C TRP H 35 4.74 18.72 34.67
N VAL H 36 4.96 18.99 35.95
CA VAL H 36 5.22 17.94 36.94
C VAL H 36 4.54 18.32 38.24
N ARG H 37 3.99 17.33 38.92
CA ARG H 37 3.14 17.55 40.08
C ARG H 37 3.85 17.14 41.37
N GLN H 38 3.75 18.01 42.37
CA GLN H 38 3.98 17.63 43.77
C GLN H 38 2.67 17.82 44.50
N ALA H 39 2.01 16.72 44.81
CA ALA H 39 0.91 16.77 45.76
C ALA H 39 1.49 16.89 47.15
N PRO H 40 1.17 17.94 47.91
CA PRO H 40 1.69 18.02 49.27
C PRO H 40 1.21 16.85 50.11
N GLY H 41 2.02 16.50 51.10
CA GLY H 41 1.79 15.30 51.87
C GLY H 41 2.29 14.02 51.21
N LYS H 42 2.81 14.10 49.99
CA LYS H 42 3.32 12.92 49.32
C LYS H 42 4.24 13.36 48.19
N GLY H 43 4.61 12.42 47.32
CA GLY H 43 5.67 12.62 46.38
C GLY H 43 5.28 13.11 45.00
N LEU H 44 5.92 12.54 43.98
CA LEU H 44 6.02 13.13 42.65
C LEU H 44 5.36 12.25 41.60
N GLU H 45 5.20 12.81 40.40
CA GLU H 45 4.70 12.10 39.24
C GLU H 45 4.83 13.00 38.04
N TRP H 46 5.03 12.38 36.88
CA TRP H 46 5.14 13.12 35.63
C TRP H 46 3.78 13.20 34.94
N VAL H 47 3.51 14.37 34.36
CA VAL H 47 2.23 14.66 33.74
C VAL H 47 2.36 14.63 32.23
N SER H 48 3.17 15.53 31.68
CA SER H 48 3.04 15.88 30.28
C SER H 48 4.24 16.68 29.84
N ALA H 49 4.46 16.68 28.53
CA ALA H 49 5.62 17.32 27.93
C ALA H 49 5.40 17.49 26.44
N ILE H 50 6.43 17.98 25.76
CA ILE H 50 6.30 18.54 24.42
C ILE H 50 7.56 18.24 23.62
N SER H 51 7.47 18.40 22.31
CA SER H 51 8.62 18.35 21.44
C SER H 51 9.39 19.66 21.56
N GLY H 52 10.36 19.86 20.67
CA GLY H 52 11.12 21.10 20.64
C GLY H 52 10.41 22.24 19.94
N LEU H 53 9.37 21.93 19.15
CA LEU H 53 8.75 22.91 18.27
C LEU H 53 7.24 22.83 18.26
N GLY H 54 6.62 22.05 19.15
CA GLY H 54 5.18 22.00 19.25
C GLY H 54 4.51 20.92 18.42
N GLY H 55 5.27 20.14 17.67
CA GLY H 55 4.70 19.04 16.92
C GLY H 55 4.14 17.96 17.83
N SER H 56 5.02 17.27 18.54
CA SER H 56 4.61 16.15 19.38
C SER H 56 4.34 16.62 20.80
N THR H 57 3.40 15.93 21.44
CA THR H 57 3.03 16.21 22.81
C THR H 57 2.82 14.89 23.52
N TYR H 58 2.83 14.97 24.85
CA TYR H 58 2.72 13.77 25.67
C TYR H 58 1.97 14.12 26.94
N TYR H 59 1.16 13.19 27.41
CA TYR H 59 0.38 13.34 28.63
C TYR H 59 0.49 12.08 29.48
N ALA H 60 0.21 12.27 30.76
CA ALA H 60 -0.03 11.15 31.65
C ALA H 60 -1.47 10.66 31.48
N ASP H 61 -1.74 9.48 32.03
CA ASP H 61 -3.04 8.86 31.84
C ASP H 61 -4.11 9.52 32.71
N SER H 62 -3.74 9.97 33.90
CA SER H 62 -4.72 10.39 34.89
C SER H 62 -5.49 11.61 34.42
N VAL H 63 -4.86 12.47 33.62
CA VAL H 63 -5.45 13.72 33.15
C VAL H 63 -5.53 13.78 31.63
N LYS H 64 -5.41 12.63 30.98
CA LYS H 64 -5.44 12.58 29.53
C LYS H 64 -6.78 13.07 29.01
N GLY H 65 -6.75 13.95 28.02
CA GLY H 65 -7.94 14.56 27.48
C GLY H 65 -8.37 15.81 28.22
N ARG H 66 -8.15 15.87 29.53
CA ARG H 66 -8.50 17.06 30.29
C ARG H 66 -7.65 18.25 29.85
N PHE H 67 -6.34 18.10 29.93
CA PHE H 67 -5.43 19.23 29.80
C PHE H 67 -4.89 19.35 28.39
N THR H 68 -4.33 20.51 28.11
CA THR H 68 -3.94 20.90 26.75
C THR H 68 -2.60 21.62 26.85
N ILE H 69 -1.51 20.88 26.64
CA ILE H 69 -0.20 21.51 26.64
C ILE H 69 -0.13 22.53 25.52
N SER H 70 0.75 23.51 25.70
CA SER H 70 0.87 24.61 24.73
C SER H 70 2.16 25.36 24.98
N ARG H 71 2.69 25.94 23.90
CA ARG H 71 4.00 26.55 23.92
C ARG H 71 4.03 27.73 22.97
N ASP H 72 4.98 28.64 23.21
CA ASP H 72 5.25 29.75 22.30
C ASP H 72 6.76 29.91 22.22
N ASN H 73 7.35 29.22 21.24
CA ASN H 73 8.79 29.36 21.03
C ASN H 73 9.17 30.71 20.44
N SER H 74 8.20 31.48 19.94
CA SER H 74 8.50 32.86 19.57
C SER H 74 8.77 33.70 20.81
N LYS H 75 7.87 33.62 21.79
CA LYS H 75 8.10 34.20 23.10
C LYS H 75 8.98 33.33 23.98
N ASN H 76 9.27 32.10 23.54
CA ASN H 76 9.97 31.12 24.34
C ASN H 76 9.21 30.88 25.65
N THR H 77 7.88 30.87 25.54
CA THR H 77 6.99 30.77 26.68
C THR H 77 6.25 29.45 26.64
N LEU H 78 6.09 28.84 27.79
CA LEU H 78 5.31 27.63 27.95
C LEU H 78 3.89 27.97 28.38
N TYR H 79 2.98 27.04 28.13
CA TYR H 79 1.58 27.24 28.47
C TYR H 79 0.95 25.91 28.81
N LEU H 80 -0.15 25.97 29.54
CA LEU H 80 -0.94 24.77 29.79
C LEU H 80 -2.36 25.19 30.14
N GLN H 81 -3.27 25.13 29.16
CA GLN H 81 -4.68 25.20 29.46
C GLN H 81 -5.11 23.93 30.18
N MET H 82 -6.10 24.09 31.05
CA MET H 82 -6.54 23.00 31.91
C MET H 82 -8.04 23.03 32.07
N ASN H 83 -8.65 21.88 31.92
CA ASN H 83 -10.10 21.72 31.98
C ASN H 83 -10.52 21.34 33.40
N SER H 84 -11.74 20.81 33.55
CA SER H 84 -12.41 20.52 34.81
C SER H 84 -11.47 19.98 35.89
N LEU H 85 -11.63 20.52 37.09
CA LEU H 85 -10.71 20.26 38.19
C LEU H 85 -11.33 19.29 39.20
N ARG H 86 -10.46 18.70 40.01
CA ARG H 86 -10.84 17.70 40.99
C ARG H 86 -9.96 17.91 42.22
N ALA H 87 -9.99 16.95 43.14
CA ALA H 87 -9.24 17.08 44.39
C ALA H 87 -7.76 16.83 44.17
N GLU H 88 -7.42 15.70 43.54
CA GLU H 88 -6.01 15.38 43.29
C GLU H 88 -5.32 16.46 42.47
N ASP H 89 -6.08 17.20 41.67
CA ASP H 89 -5.54 18.36 40.98
C ASP H 89 -4.97 19.39 41.95
N THR H 90 -5.39 19.36 43.22
CA THR H 90 -4.77 20.20 44.24
C THR H 90 -3.32 19.77 44.41
N ALA H 91 -2.38 20.56 43.89
CA ALA H 91 -0.98 20.21 43.98
C ALA H 91 -0.15 21.33 43.36
N VAL H 92 1.15 21.28 43.63
CA VAL H 92 2.11 22.13 42.94
C VAL H 92 2.26 21.65 41.52
N TYR H 93 2.61 22.56 40.62
CA TYR H 93 2.87 22.21 39.24
C TYR H 93 4.02 23.06 38.72
N TYR H 94 5.17 22.42 38.52
CA TYR H 94 6.38 23.06 38.05
C TYR H 94 6.48 23.03 36.54
N CYS H 95 7.32 23.92 36.02
CA CYS H 95 7.79 23.88 34.64
C CYS H 95 9.29 23.63 34.64
N ALA H 96 9.74 22.71 33.77
CA ALA H 96 11.13 22.29 33.76
C ALA H 96 11.57 21.95 32.35
N LYS H 97 12.84 21.62 32.20
CA LYS H 97 13.44 21.29 30.92
C LYS H 97 14.33 20.07 31.08
N ASP H 98 14.60 19.41 29.97
CA ASP H 98 15.37 18.17 29.96
C ASP H 98 16.85 18.44 29.72
N HIS H 99 17.66 17.46 30.07
CA HIS H 99 19.11 17.57 29.94
C HIS H 99 19.58 17.35 28.52
N ARG H 100 18.83 16.62 27.73
CA ARG H 100 19.24 16.34 26.38
C ARG H 100 18.96 17.54 25.48
N VAL H 101 19.57 17.50 24.32
CA VAL H 101 19.49 18.58 23.35
C VAL H 101 18.36 18.26 22.38
N TRP H 102 17.80 19.29 21.77
CA TRP H 102 16.77 19.14 20.75
C TRP H 102 15.52 18.47 21.30
N ALA H 103 15.23 18.70 22.58
CA ALA H 103 13.96 18.34 23.20
C ALA H 103 13.66 16.84 23.17
N ALA H 104 14.64 16.02 22.80
CA ALA H 104 14.45 14.57 22.70
C ALA H 104 15.04 13.97 23.97
N GLY H 105 14.30 14.04 25.07
CA GLY H 105 14.88 13.61 26.32
C GLY H 105 13.96 13.76 27.51
N TYR H 106 14.56 13.47 28.66
CA TYR H 106 13.92 13.35 29.96
C TYR H 106 14.97 13.74 30.99
N HIS H 107 14.78 13.32 32.24
CA HIS H 107 15.74 13.47 33.34
C HIS H 107 16.17 14.93 33.47
N PHE H 108 15.19 15.72 33.92
CA PHE H 108 15.21 17.17 33.89
C PHE H 108 16.48 17.77 34.49
N ASP H 109 16.88 18.92 33.96
CA ASP H 109 18.00 19.69 34.50
C ASP H 109 17.59 20.45 35.75
N TYR H 110 16.66 21.39 35.58
CA TYR H 110 16.35 22.37 36.60
C TYR H 110 14.85 22.42 36.78
N TRP H 111 14.41 23.35 37.62
CA TRP H 111 13.03 23.55 37.97
C TRP H 111 12.77 25.03 38.08
N GLY H 112 11.51 25.39 38.36
CA GLY H 112 11.13 26.77 38.51
C GLY H 112 10.84 27.13 39.95
N GLN H 113 9.59 27.42 40.24
CA GLN H 113 9.13 27.79 41.57
C GLN H 113 7.99 26.90 42.06
N GLY H 114 7.12 26.48 41.17
CA GLY H 114 5.98 25.66 41.55
C GLY H 114 4.80 26.50 41.95
N ALA H 115 3.61 26.07 41.56
CA ALA H 115 2.37 26.79 41.84
C ALA H 115 1.40 25.83 42.49
N LEU H 116 1.18 26.01 43.79
CA LEU H 116 0.24 25.13 44.48
C LEU H 116 -1.16 25.48 43.99
N VAL H 117 -1.55 24.85 42.92
CA VAL H 117 -2.91 25.00 42.41
C VAL H 117 -3.80 24.13 43.25
N THR H 118 -5.04 24.59 43.45
CA THR H 118 -5.88 24.11 44.53
C THR H 118 -7.33 24.18 44.08
N VAL H 119 -8.22 23.55 44.86
CA VAL H 119 -9.66 23.68 44.67
C VAL H 119 -10.34 23.78 46.04
N SER H 120 -11.63 24.12 45.99
CA SER H 120 -12.41 24.34 47.19
C SER H 120 -13.88 24.02 46.95
N ILE I 1 -16.86 -5.35 1.41
CA ILE I 1 -16.96 -5.81 2.79
C ILE I 1 -17.88 -4.82 3.54
N PRO I 2 -18.61 -5.28 4.55
CA PRO I 2 -19.33 -4.33 5.40
C PRO I 2 -18.43 -3.53 6.32
N LEU I 3 -19.06 -2.78 7.23
CA LEU I 3 -18.32 -2.08 8.27
C LEU I 3 -19.29 -1.82 9.42
N GLY I 4 -18.82 -2.11 10.64
CA GLY I 4 -19.60 -1.89 11.84
C GLY I 4 -18.97 -0.77 12.66
N VAL I 5 -19.81 -0.01 13.34
CA VAL I 5 -19.38 1.17 14.09
C VAL I 5 -19.99 1.15 15.48
N VAL I 6 -19.16 1.43 16.48
CA VAL I 6 -19.64 1.60 17.83
C VAL I 6 -20.38 2.93 17.92
N HIS I 7 -21.47 2.94 18.68
CA HIS I 7 -22.16 4.19 18.98
C HIS I 7 -23.03 3.95 20.20
N ASN I 8 -22.68 4.56 21.32
CA ASN I 8 -23.43 4.41 22.58
C ASN I 8 -23.56 2.93 22.96
N ASN I 9 -22.48 2.17 22.75
CA ASN I 9 -22.40 0.76 23.10
C ASN I 9 -23.40 -0.10 22.35
N THR I 10 -23.93 0.38 21.23
CA THR I 10 -24.69 -0.45 20.30
C THR I 10 -24.04 -0.37 18.93
N LEU I 11 -23.87 -1.52 18.30
CA LEU I 11 -23.23 -1.60 17.01
C LEU I 11 -24.21 -1.26 15.91
N GLN I 12 -23.66 -0.80 14.79
CA GLN I 12 -24.44 -0.46 13.61
C GLN I 12 -23.64 -0.83 12.40
N VAL I 13 -24.13 -1.79 11.63
CA VAL I 13 -23.51 -2.10 10.35
C VAL I 13 -23.96 -1.04 9.36
N SER I 14 -23.01 -0.47 8.64
CA SER I 14 -23.28 0.54 7.63
C SER I 14 -23.34 -0.17 6.29
N ASP I 15 -24.55 -0.42 5.81
CA ASP I 15 -24.71 -0.88 4.45
C ASP I 15 -24.08 0.12 3.50
N ILE I 16 -23.53 -0.39 2.40
CA ILE I 16 -22.61 0.38 1.58
C ILE I 16 -23.34 1.56 0.93
N ASP I 17 -24.35 1.26 0.10
CA ASP I 17 -25.04 2.33 -0.60
C ASP I 17 -25.76 3.29 0.34
N LYS I 18 -26.00 2.89 1.58
CA LYS I 18 -26.68 3.77 2.52
C LYS I 18 -25.77 4.89 2.99
N LEU I 19 -26.39 6.02 3.29
CA LEU I 19 -25.71 7.25 3.61
C LEU I 19 -26.06 7.67 5.03
N VAL I 20 -25.03 8.05 5.79
CA VAL I 20 -25.21 8.48 7.17
C VAL I 20 -24.36 9.71 7.41
N CYS I 21 -24.99 10.88 7.36
CA CYS I 21 -24.30 12.11 7.75
C CYS I 21 -23.87 12.05 9.21
N ARG I 22 -24.62 11.34 10.04
CA ARG I 22 -24.36 11.29 11.47
C ARG I 22 -22.99 10.73 11.78
N ASP I 23 -22.38 9.98 10.88
CA ASP I 23 -21.13 9.31 11.17
C ASP I 23 -20.01 10.34 11.36
N LYS I 24 -18.92 9.86 11.94
CA LYS I 24 -17.74 10.67 12.17
C LYS I 24 -16.54 9.75 12.15
N LEU I 25 -15.42 10.25 11.60
CA LEU I 25 -14.22 9.44 11.48
C LEU I 25 -13.02 10.38 11.46
N SER I 26 -12.37 10.53 12.61
CA SER I 26 -11.30 11.51 12.74
C SER I 26 -9.91 10.94 12.53
N SER I 27 -9.74 9.62 12.52
CA SER I 27 -8.40 9.08 12.33
C SER I 27 -8.46 7.60 12.03
N THR I 28 -7.30 7.08 11.58
CA THR I 28 -7.09 5.65 11.47
C THR I 28 -7.02 5.01 12.84
N SER I 29 -6.55 5.75 13.85
CA SER I 29 -6.52 5.23 15.20
C SER I 29 -7.90 4.82 15.67
N GLN I 30 -8.95 5.44 15.12
CA GLN I 30 -10.31 4.98 15.36
C GLN I 30 -10.58 3.64 14.69
N LEU I 31 -9.84 3.32 13.65
CA LEU I 31 -10.03 2.06 12.93
C LEU I 31 -9.20 0.94 13.53
N LYS I 32 -9.76 -0.27 13.46
CA LYS I 32 -9.09 -1.45 13.95
C LYS I 32 -9.51 -2.64 13.12
N SER I 33 -8.59 -3.59 12.98
CA SER I 33 -8.83 -4.85 12.31
C SER I 33 -8.56 -5.97 13.31
N VAL I 34 -9.62 -6.64 13.73
CA VAL I 34 -9.61 -7.48 14.92
C VAL I 34 -9.83 -8.92 14.51
N GLY I 35 -9.08 -9.83 15.13
CA GLY I 35 -9.15 -11.26 14.84
C GLY I 35 -9.75 -12.03 16.00
N LEU I 36 -10.80 -12.79 15.70
CA LEU I 36 -11.63 -13.40 16.72
C LEU I 36 -11.35 -14.90 16.83
N ASN I 37 -11.56 -15.42 18.03
CA ASN I 37 -11.41 -16.85 18.28
C ASN I 37 -12.73 -17.57 18.11
N LEU I 38 -12.63 -18.84 17.71
CA LEU I 38 -13.76 -19.75 17.73
C LEU I 38 -13.77 -20.57 19.01
N GLU I 39 -13.76 -19.83 20.12
CA GLU I 39 -13.94 -20.38 21.44
C GLU I 39 -15.04 -19.68 22.20
N GLY I 40 -15.31 -18.42 21.90
CA GLY I 40 -16.46 -17.73 22.45
C GLY I 40 -17.79 -18.26 21.95
N ASN I 41 -17.78 -19.12 20.93
CA ASN I 41 -19.00 -19.63 20.32
C ASN I 41 -19.41 -20.99 20.85
N GLY I 42 -18.52 -21.69 21.54
CA GLY I 42 -18.86 -22.97 22.12
C GLY I 42 -18.69 -24.14 21.19
N VAL I 43 -17.93 -23.98 20.11
CA VAL I 43 -17.67 -25.08 19.19
C VAL I 43 -16.77 -26.09 19.86
N ALA I 44 -16.62 -27.26 19.23
CA ALA I 44 -15.59 -28.19 19.67
C ALA I 44 -14.22 -27.59 19.42
N THR I 45 -13.32 -27.80 20.37
CA THR I 45 -11.99 -27.22 20.32
C THR I 45 -10.94 -28.26 20.70
N ASP I 46 -11.21 -29.52 20.40
CA ASP I 46 -10.34 -30.62 20.75
C ASP I 46 -9.48 -31.04 19.57
N VAL I 47 -8.41 -31.76 19.89
CA VAL I 47 -7.43 -32.18 18.89
C VAL I 47 -8.08 -32.96 17.75
N PRO I 48 -8.96 -33.95 18.01
CA PRO I 48 -9.60 -34.66 16.90
C PRO I 48 -10.31 -33.74 15.94
N THR I 49 -11.25 -32.94 16.45
CA THR I 49 -11.99 -32.03 15.59
C THR I 49 -11.04 -31.11 14.84
N ALA I 50 -9.99 -30.64 15.52
CA ALA I 50 -8.96 -29.83 14.87
C ALA I 50 -8.37 -30.53 13.67
N THR I 51 -8.22 -31.85 13.72
CA THR I 51 -7.92 -32.55 12.48
C THR I 51 -9.10 -32.47 11.51
N LYS I 52 -10.31 -32.68 12.02
CA LYS I 52 -11.46 -32.81 11.12
C LYS I 52 -11.86 -31.47 10.52
N ARG I 53 -11.45 -30.36 11.14
CA ARG I 53 -11.84 -29.06 10.61
C ARG I 53 -11.06 -28.68 9.36
N TRP I 54 -10.17 -29.52 8.84
CA TRP I 54 -9.23 -29.12 7.80
C TRP I 54 -9.21 -30.14 6.67
N GLY I 55 -8.61 -29.72 5.56
CA GLY I 55 -8.38 -30.59 4.42
C GLY I 55 -7.23 -30.06 3.59
N PHE I 56 -7.00 -30.71 2.45
CA PHE I 56 -5.95 -30.34 1.53
C PHE I 56 -6.50 -30.11 0.13
N ARG I 57 -5.77 -29.29 -0.64
CA ARG I 57 -5.97 -29.10 -2.06
C ARG I 57 -4.83 -28.24 -2.58
N ALA I 58 -4.47 -28.48 -3.83
CA ALA I 58 -3.43 -27.73 -4.52
C ALA I 58 -4.06 -26.89 -5.63
N GLY I 59 -3.20 -26.22 -6.40
CA GLY I 59 -3.70 -25.31 -7.41
C GLY I 59 -4.31 -24.06 -6.84
N VAL I 60 -3.81 -23.62 -5.69
CA VAL I 60 -4.37 -22.51 -4.93
C VAL I 60 -3.19 -21.68 -4.44
N PRO I 61 -3.08 -20.39 -4.75
CA PRO I 61 -2.00 -19.61 -4.18
C PRO I 61 -2.17 -19.50 -2.68
N PRO I 62 -1.14 -19.10 -1.95
CA PRO I 62 -1.34 -18.69 -0.56
C PRO I 62 -1.80 -17.25 -0.45
N LYS I 63 -2.52 -17.01 0.63
CA LYS I 63 -3.32 -15.80 0.81
C LYS I 63 -3.23 -15.39 2.26
N VAL I 64 -2.75 -14.17 2.50
CA VAL I 64 -2.34 -13.73 3.82
C VAL I 64 -2.91 -12.35 4.09
N VAL I 65 -3.12 -12.04 5.37
CA VAL I 65 -3.78 -10.81 5.78
C VAL I 65 -3.22 -10.38 7.13
N ASN I 66 -3.37 -9.11 7.43
CA ASN I 66 -2.86 -8.56 8.68
C ASN I 66 -3.97 -7.99 9.58
N TYR I 67 -3.84 -8.25 10.88
CA TYR I 67 -4.81 -7.77 11.85
C TYR I 67 -4.09 -7.05 12.98
N GLU I 68 -4.79 -6.17 13.69
CA GLU I 68 -4.19 -5.44 14.79
C GLU I 68 -4.38 -6.15 16.12
N ALA I 69 -5.62 -6.41 16.49
CA ALA I 69 -5.97 -6.90 17.81
C ALA I 69 -6.70 -8.22 17.69
N GLY I 70 -6.96 -8.84 18.83
CA GLY I 70 -7.73 -10.06 18.88
C GLY I 70 -8.26 -10.36 20.24
N GLU I 71 -8.33 -11.65 20.56
CA GLU I 71 -8.83 -12.13 21.83
C GLU I 71 -7.90 -13.21 22.38
N TRP I 72 -7.72 -13.19 23.71
CA TRP I 72 -6.88 -14.17 24.38
C TRP I 72 -7.35 -15.58 24.06
N ALA I 73 -6.39 -16.50 23.97
CA ALA I 73 -6.66 -17.87 23.55
C ALA I 73 -6.70 -18.79 24.74
N GLU I 74 -7.75 -19.60 24.82
CA GLU I 74 -7.72 -20.77 25.68
C GLU I 74 -6.78 -21.82 25.11
N ASN I 75 -7.01 -22.21 23.85
CA ASN I 75 -6.29 -23.28 23.19
C ASN I 75 -5.57 -22.75 21.94
N CYS I 76 -4.57 -23.51 21.52
CA CYS I 76 -3.81 -23.18 20.31
C CYS I 76 -3.37 -24.48 19.67
N TYR I 77 -2.63 -24.37 18.57
CA TYR I 77 -2.26 -25.52 17.77
C TYR I 77 -0.92 -25.28 17.08
N ASN I 78 -0.15 -26.35 16.94
CA ASN I 78 1.12 -26.30 16.21
C ASN I 78 1.40 -27.69 15.66
N LEU I 79 2.19 -27.72 14.59
CA LEU I 79 2.42 -28.95 13.84
C LEU I 79 3.85 -29.08 13.37
N ASP I 80 4.28 -30.34 13.25
CA ASP I 80 5.56 -30.72 12.67
C ASP I 80 5.35 -32.11 12.06
N ILE I 81 5.07 -32.16 10.77
CA ILE I 81 4.55 -33.35 10.12
C ILE I 81 5.35 -33.68 8.88
N LYS I 82 5.46 -34.97 8.61
CA LYS I 82 6.02 -35.51 7.39
C LYS I 82 5.08 -36.55 6.82
N LYS I 83 5.52 -37.26 5.79
CA LYS I 83 4.76 -38.34 5.17
C LYS I 83 5.27 -39.67 5.71
N ALA I 84 4.71 -40.75 5.18
CA ALA I 84 5.12 -42.08 5.58
C ALA I 84 6.60 -42.30 5.31
N ASP I 85 7.10 -41.78 4.19
CA ASP I 85 8.51 -41.93 3.86
C ASP I 85 9.42 -41.14 4.79
N GLY I 86 8.86 -40.18 5.53
CA GLY I 86 9.67 -39.19 6.20
C GLY I 86 9.97 -37.99 5.35
N SER I 87 9.00 -37.56 4.55
CA SER I 87 9.10 -36.35 3.75
C SER I 87 8.04 -35.37 4.21
N GLU I 88 8.38 -34.08 4.19
CA GLU I 88 7.54 -33.06 4.80
C GLU I 88 6.15 -33.02 4.21
N CYS I 89 5.23 -32.49 5.00
CA CYS I 89 3.81 -32.43 4.66
C CYS I 89 3.33 -31.03 4.33
N LEU I 90 4.05 -30.00 4.74
CA LEU I 90 3.56 -28.63 4.79
C LEU I 90 4.56 -27.68 4.16
N PRO I 91 4.20 -26.42 4.00
CA PRO I 91 5.18 -25.39 3.65
C PRO I 91 5.96 -24.94 4.89
N GLU I 92 6.93 -24.07 4.64
CA GLU I 92 7.80 -23.52 5.68
C GLU I 92 7.30 -22.14 6.07
N ALA I 93 7.23 -21.89 7.37
CA ALA I 93 6.84 -20.59 7.88
C ALA I 93 7.82 -19.52 7.41
N PRO I 94 7.42 -18.56 6.56
CA PRO I 94 8.39 -17.55 6.12
C PRO I 94 8.86 -16.65 7.24
N GLU I 95 9.63 -15.63 6.89
CA GLU I 95 10.00 -14.64 7.88
C GLU I 95 8.78 -13.86 8.33
N GLY I 96 8.95 -13.08 9.38
CA GLY I 96 7.89 -12.21 9.86
C GLY I 96 6.80 -12.94 10.63
N VAL I 97 6.19 -13.93 9.98
CA VAL I 97 5.15 -14.73 10.62
C VAL I 97 5.72 -15.40 11.85
N ARG I 98 4.92 -15.45 12.91
CA ARG I 98 5.35 -16.02 14.17
C ARG I 98 4.16 -16.65 14.87
N GLY I 99 4.48 -17.46 15.88
CA GLY I 99 3.43 -18.11 16.65
C GLY I 99 2.52 -17.10 17.30
N PHE I 100 1.27 -17.49 17.47
CA PHE I 100 0.31 -16.60 18.09
C PHE I 100 0.74 -16.37 19.53
N PRO I 101 0.94 -15.13 19.96
CA PRO I 101 1.68 -14.88 21.20
C PRO I 101 1.02 -15.38 22.47
N ARG I 102 -0.31 -15.50 22.45
CA ARG I 102 -1.05 -15.89 23.63
C ARG I 102 -1.66 -17.26 23.50
N CYS I 103 -1.37 -18.11 24.48
CA CYS I 103 -1.90 -19.46 24.47
C CYS I 103 -1.91 -19.96 25.91
N ARG I 104 -3.09 -19.93 26.53
CA ARG I 104 -3.25 -20.62 27.81
C ARG I 104 -2.98 -22.11 27.64
N TYR I 105 -3.30 -22.65 26.47
CA TYR I 105 -3.01 -24.04 26.17
C TYR I 105 -2.48 -24.17 24.74
N VAL I 106 -1.69 -25.20 24.54
CA VAL I 106 -1.05 -25.48 23.25
C VAL I 106 -1.26 -26.93 22.94
N HIS I 107 -1.97 -27.21 21.85
CA HIS I 107 -2.12 -28.57 21.35
C HIS I 107 -1.08 -28.80 20.26
N LYS I 108 0.17 -28.89 20.69
CA LYS I 108 1.25 -29.21 19.78
C LYS I 108 1.22 -30.68 19.42
N VAL I 109 1.52 -30.98 18.17
CA VAL I 109 1.31 -32.29 17.58
C VAL I 109 2.47 -32.60 16.65
N SER I 110 2.72 -33.89 16.47
CA SER I 110 3.68 -34.37 15.48
C SER I 110 3.05 -35.60 14.82
N GLY I 111 3.87 -36.35 14.10
CA GLY I 111 3.44 -37.56 13.43
C GLY I 111 3.46 -37.39 11.93
N THR I 112 2.91 -38.39 11.24
CA THR I 112 2.88 -38.41 9.79
C THR I 112 1.57 -39.01 9.33
N GLY I 113 1.44 -39.14 8.02
CA GLY I 113 0.28 -39.69 7.38
C GLY I 113 0.50 -39.69 5.89
N PRO I 114 -0.55 -39.87 5.11
CA PRO I 114 -0.40 -39.77 3.66
C PRO I 114 -0.07 -38.34 3.25
N CYS I 115 -0.81 -37.39 3.83
CA CYS I 115 -0.66 -35.97 3.52
C CYS I 115 -0.75 -35.73 2.02
N PRO I 116 -1.93 -35.84 1.41
CA PRO I 116 -2.04 -35.56 -0.02
C PRO I 116 -1.65 -34.13 -0.32
N GLU I 117 -1.20 -33.90 -1.54
CA GLU I 117 -0.61 -32.62 -1.91
C GLU I 117 -1.64 -31.52 -1.85
N GLY I 118 -1.21 -30.36 -1.39
CA GLY I 118 -2.08 -29.23 -1.20
C GLY I 118 -1.59 -28.39 -0.04
N TYR I 119 -2.54 -27.87 0.73
CA TYR I 119 -2.23 -27.07 1.89
C TYR I 119 -3.34 -27.23 2.92
N ALA I 120 -3.00 -27.04 4.18
CA ALA I 120 -3.95 -27.24 5.26
C ALA I 120 -4.88 -26.04 5.34
N PHE I 121 -6.08 -26.21 4.79
CA PHE I 121 -7.12 -25.21 4.83
C PHE I 121 -8.13 -25.57 5.92
N HIS I 122 -9.24 -24.85 5.95
CA HIS I 122 -10.34 -25.06 6.88
C HIS I 122 -11.58 -25.46 6.10
N LYS I 123 -12.36 -26.38 6.66
CA LYS I 123 -13.59 -26.81 6.01
C LYS I 123 -14.50 -25.63 5.74
N GLU I 124 -14.91 -24.94 6.81
CA GLU I 124 -15.84 -23.84 6.69
C GLU I 124 -15.17 -22.56 6.19
N GLY I 125 -13.91 -22.60 5.82
CA GLY I 125 -13.27 -21.45 5.23
C GLY I 125 -12.81 -20.41 6.23
N ALA I 126 -12.37 -20.85 7.41
CA ALA I 126 -11.90 -19.94 8.44
C ALA I 126 -10.47 -19.51 8.13
N PHE I 127 -9.82 -18.89 9.09
CA PHE I 127 -8.47 -18.38 8.96
C PHE I 127 -7.54 -19.07 9.96
N PHE I 128 -6.27 -18.71 9.85
CA PHE I 128 -5.21 -19.33 10.63
C PHE I 128 -4.31 -18.22 11.11
N LEU I 129 -4.40 -17.95 12.41
CA LEU I 129 -4.10 -16.65 12.98
C LEU I 129 -2.76 -16.70 13.67
N TYR I 130 -1.85 -15.86 13.23
CA TYR I 130 -0.46 -15.84 13.67
C TYR I 130 -0.19 -14.49 14.32
N ASP I 131 1.08 -14.23 14.60
CA ASP I 131 1.45 -12.98 15.25
C ASP I 131 1.10 -11.80 14.35
N ARG I 132 -0.01 -11.15 14.63
CA ARG I 132 -0.52 -9.99 13.90
C ARG I 132 -0.76 -10.28 12.42
N LEU I 133 -0.81 -11.54 12.02
CA LEU I 133 -1.13 -11.92 10.67
C LEU I 133 -2.01 -13.15 10.72
N ALA I 134 -2.91 -13.24 9.74
CA ALA I 134 -3.75 -14.41 9.57
C ALA I 134 -3.67 -14.83 8.12
N SER I 135 -4.18 -16.02 7.85
CA SER I 135 -4.16 -16.56 6.50
C SER I 135 -5.03 -17.80 6.48
N THR I 136 -4.99 -18.49 5.36
CA THR I 136 -5.79 -19.68 5.11
C THR I 136 -4.96 -20.95 5.14
N ILE I 137 -3.70 -20.85 5.51
CA ILE I 137 -2.74 -21.93 5.32
C ILE I 137 -1.90 -22.09 6.57
N ILE I 138 -1.48 -23.31 6.81
CA ILE I 138 -0.64 -23.68 7.93
C ILE I 138 0.82 -23.61 7.50
N TYR I 139 1.68 -23.30 8.46
CA TYR I 139 3.11 -23.45 8.30
C TYR I 139 3.66 -24.24 9.47
N ARG I 140 4.78 -24.91 9.23
CA ARG I 140 5.33 -25.84 10.20
C ARG I 140 5.82 -25.12 11.45
N SER I 141 5.76 -25.82 12.57
CA SER I 141 6.45 -25.43 13.80
C SER I 141 6.00 -24.05 14.28
N THR I 142 4.71 -23.79 14.21
CA THR I 142 4.19 -22.47 14.51
C THR I 142 2.87 -22.58 15.25
N THR I 143 2.70 -21.66 16.19
CA THR I 143 1.50 -21.55 16.99
C THR I 143 0.47 -20.70 16.24
N PHE I 144 -0.80 -20.98 16.49
CA PHE I 144 -1.86 -20.19 15.88
C PHE I 144 -3.17 -20.52 16.58
N SER I 145 -4.26 -20.04 16.00
CA SER I 145 -5.59 -20.52 16.31
C SER I 145 -6.48 -20.24 15.11
N GLU I 146 -7.61 -20.93 15.09
CA GLU I 146 -8.61 -20.70 14.05
C GLU I 146 -9.46 -19.50 14.42
N GLY I 147 -9.85 -18.73 13.42
CA GLY I 147 -10.54 -17.50 13.71
C GLY I 147 -11.04 -16.80 12.47
N VAL I 148 -11.55 -15.59 12.70
CA VAL I 148 -12.12 -14.73 11.67
C VAL I 148 -11.58 -13.33 11.91
N VAL I 149 -12.10 -12.36 11.17
CA VAL I 149 -11.63 -10.99 11.23
C VAL I 149 -12.83 -10.05 11.32
N ALA I 150 -12.61 -8.91 11.97
CA ALA I 150 -13.57 -7.82 12.03
C ALA I 150 -12.92 -6.53 11.54
N PHE I 151 -13.77 -5.54 11.27
CA PHE I 151 -13.34 -4.24 10.80
C PHE I 151 -14.26 -3.19 11.42
N LEU I 152 -13.67 -2.22 12.09
CA LEU I 152 -14.40 -1.38 13.02
C LEU I 152 -13.93 0.07 12.92
N ILE I 153 -14.81 0.96 13.35
CA ILE I 153 -14.46 2.29 13.82
C ILE I 153 -14.70 2.29 15.32
N LEU I 154 -13.91 3.08 16.04
CA LEU I 154 -14.21 3.42 17.42
C LEU I 154 -14.38 4.94 17.54
N PRO I 155 -15.19 5.42 18.48
CA PRO I 155 -15.27 6.86 18.72
C PRO I 155 -14.11 7.31 19.58
N GLU I 156 -14.12 8.60 19.91
CA GLU I 156 -13.10 9.21 20.76
C GLU I 156 -13.47 9.19 22.24
N THR I 157 -14.29 8.23 22.65
CA THR I 157 -14.65 8.11 24.05
C THR I 157 -13.50 7.53 24.84
N LYS I 158 -13.63 7.58 26.17
CA LYS I 158 -12.55 7.22 27.08
C LYS I 158 -12.77 5.79 27.57
N LYS I 159 -12.44 4.83 26.71
CA LYS I 159 -12.42 3.42 27.08
C LYS I 159 -11.20 2.65 26.58
N ASP I 160 -10.54 3.09 25.51
CA ASP I 160 -9.31 2.51 24.96
C ASP I 160 -9.50 1.16 24.28
N PHE I 161 -10.70 0.57 24.38
CA PHE I 161 -11.08 -0.73 23.81
C PHE I 161 -9.97 -1.74 23.50
N THR I 183 2.44 -20.68 31.29
CA THR I 183 1.68 -21.21 30.16
C THR I 183 1.94 -22.71 30.01
N VAL I 184 1.48 -23.29 28.92
CA VAL I 184 1.29 -24.73 28.81
C VAL I 184 1.84 -25.22 27.47
N THR I 185 2.26 -26.49 27.46
CA THR I 185 2.64 -27.17 26.24
C THR I 185 2.27 -28.64 26.35
N LEU I 186 1.70 -29.18 25.28
CA LEU I 186 1.35 -30.59 25.17
C LEU I 186 2.14 -31.20 24.01
N ASN I 187 1.90 -32.49 23.78
CA ASN I 187 2.50 -33.19 22.65
C ASN I 187 1.53 -34.29 22.23
N TYR I 188 1.61 -34.67 20.96
CA TYR I 188 0.77 -35.73 20.43
C TYR I 188 1.51 -36.42 19.30
N VAL I 189 0.82 -37.32 18.62
CA VAL I 189 1.27 -37.87 17.36
C VAL I 189 0.04 -38.07 16.47
N ALA I 190 0.19 -37.77 15.19
CA ALA I 190 -0.84 -38.06 14.22
C ALA I 190 -0.93 -39.56 13.97
N ASP I 191 -1.99 -39.96 13.28
CA ASP I 191 -2.08 -41.31 12.73
C ASP I 191 -2.91 -41.23 11.46
N ASN I 192 -2.23 -41.04 10.34
CA ASN I 192 -2.77 -41.10 8.98
C ASN I 192 -3.69 -39.95 8.63
N PHE I 193 -3.96 -39.01 9.54
CA PHE I 193 -4.73 -37.81 9.25
C PHE I 193 -6.13 -38.16 8.73
N GLY I 194 -6.92 -38.73 9.63
CA GLY I 194 -8.37 -38.69 9.53
C GLY I 194 -8.95 -39.21 8.24
N THR I 195 -8.37 -40.27 7.69
CA THR I 195 -8.84 -40.88 6.45
C THR I 195 -10.03 -41.80 6.76
N ASN I 196 -11.07 -41.19 7.31
CA ASN I 196 -12.06 -41.84 8.16
C ASN I 196 -11.43 -42.46 9.40
N MET I 197 -10.19 -42.08 9.72
CA MET I 197 -9.31 -42.90 10.54
C MET I 197 -8.25 -42.04 11.19
N THR I 198 -8.18 -42.08 12.51
CA THR I 198 -7.01 -41.60 13.25
C THR I 198 -7.05 -42.15 14.65
N ASN I 199 -5.92 -42.68 15.10
CA ASN I 199 -5.64 -42.81 16.52
C ASN I 199 -4.78 -41.64 16.96
N PHE I 200 -5.19 -41.00 18.06
CA PHE I 200 -4.45 -39.89 18.65
C PHE I 200 -3.82 -40.37 19.94
N LEU I 201 -2.60 -39.91 20.21
CA LEU I 201 -1.89 -40.31 21.41
C LEU I 201 -1.11 -39.13 21.98
N PHE I 202 -1.58 -38.63 23.11
CA PHE I 202 -0.77 -37.73 23.91
C PHE I 202 0.50 -38.45 24.37
N GLN I 203 1.55 -37.68 24.59
CA GLN I 203 2.84 -38.20 25.03
C GLN I 203 3.21 -37.62 26.39
N VAL I 204 3.69 -38.49 27.27
CA VAL I 204 4.38 -38.10 28.48
C VAL I 204 5.88 -38.32 28.33
N ASP I 205 6.28 -39.48 27.82
CA ASP I 205 7.64 -39.67 27.34
C ASP I 205 7.61 -40.78 26.30
N HIS I 206 8.79 -41.15 25.82
CA HIS I 206 8.87 -42.11 24.73
C HIS I 206 8.35 -43.48 25.13
N LEU I 207 8.34 -43.79 26.42
CA LEU I 207 7.72 -45.00 26.95
C LEU I 207 6.44 -44.68 27.69
N THR I 208 5.69 -43.69 27.22
CA THR I 208 4.38 -43.42 27.79
C THR I 208 3.52 -42.68 26.77
N TYR I 209 2.29 -43.14 26.61
CA TYR I 209 1.32 -42.49 25.77
C TYR I 209 -0.06 -42.77 26.36
N VAL I 210 -1.08 -42.22 25.73
CA VAL I 210 -2.45 -42.33 26.21
C VAL I 210 -3.36 -42.38 25.01
N GLN I 211 -4.30 -43.32 24.99
CA GLN I 211 -5.35 -43.21 23.99
C GLN I 211 -6.12 -41.94 24.27
N LEU I 212 -5.93 -40.95 23.40
CA LEU I 212 -6.68 -39.72 23.52
C LEU I 212 -8.16 -40.01 23.28
N GLU I 213 -9.00 -39.19 23.91
CA GLU I 213 -10.44 -39.35 23.85
C GLU I 213 -11.06 -37.97 23.64
N PRO I 214 -12.15 -37.86 22.88
CA PRO I 214 -12.60 -36.51 22.47
C PRO I 214 -12.99 -35.59 23.61
N ARG I 215 -13.89 -36.01 24.50
CA ARG I 215 -14.54 -35.07 25.40
C ARG I 215 -13.69 -34.66 26.59
N PHE I 216 -12.41 -35.03 26.62
CA PHE I 216 -11.56 -34.77 27.77
C PHE I 216 -10.77 -33.49 27.58
N THR I 217 -10.63 -32.75 28.66
CA THR I 217 -10.17 -31.37 28.62
C THR I 217 -8.66 -31.32 28.65
N PRO I 218 -8.08 -30.14 28.43
CA PRO I 218 -6.68 -29.95 28.80
C PRO I 218 -6.45 -30.25 30.27
N GLN I 219 -7.28 -29.69 31.14
CA GLN I 219 -7.04 -29.76 32.58
C GLN I 219 -7.09 -31.20 33.06
N PHE I 220 -8.08 -31.95 32.56
CA PHE I 220 -8.20 -33.37 32.85
C PHE I 220 -6.89 -34.09 32.57
N LEU I 221 -6.25 -33.76 31.46
CA LEU I 221 -5.06 -34.46 31.05
C LEU I 221 -3.81 -33.88 31.68
N VAL I 222 -3.86 -32.66 32.18
CA VAL I 222 -2.78 -32.18 33.04
C VAL I 222 -2.79 -32.94 34.35
N GLN I 223 -3.99 -33.13 34.93
CA GLN I 223 -4.12 -34.00 36.09
C GLN I 223 -3.58 -35.38 35.78
N LEU I 224 -3.89 -35.88 34.59
CA LEU I 224 -3.44 -37.21 34.19
C LEU I 224 -1.91 -37.28 34.12
N ASN I 225 -1.30 -36.30 33.44
CA ASN I 225 0.15 -36.17 33.42
C ASN I 225 0.69 -36.22 34.82
N GLU I 226 0.18 -35.38 35.70
CA GLU I 226 0.82 -35.24 37.01
C GLU I 226 0.65 -36.49 37.85
N THR I 227 -0.50 -37.16 37.73
CA THR I 227 -0.74 -38.33 38.56
C THR I 227 0.10 -39.51 38.12
N ILE I 228 0.33 -39.66 36.80
CA ILE I 228 1.23 -40.74 36.38
C ILE I 228 2.68 -40.33 36.62
N TYR I 229 2.99 -39.05 36.46
CA TYR I 229 4.29 -38.49 36.78
C TYR I 229 4.65 -38.75 38.24
N THR I 230 3.64 -38.85 39.11
CA THR I 230 3.84 -39.36 40.45
C THR I 230 4.07 -40.86 40.46
N ASN I 231 3.33 -41.60 39.63
CA ASN I 231 3.22 -43.05 39.75
C ASN I 231 4.26 -43.79 38.90
N GLY I 232 5.43 -43.20 38.71
CA GLY I 232 6.56 -43.88 38.13
C GLY I 232 6.91 -43.48 36.71
N ARG I 233 6.04 -42.72 36.03
CA ARG I 233 6.30 -42.30 34.66
C ARG I 233 5.81 -40.88 34.43
N LEU I 241 3.06 -48.20 28.87
CA LEU I 241 3.37 -47.22 27.84
C LEU I 241 2.12 -46.57 27.28
N ILE I 242 1.00 -47.30 27.31
CA ILE I 242 -0.29 -46.82 26.84
C ILE I 242 -1.33 -47.16 27.89
N TRP I 243 -2.29 -46.26 28.08
CA TRP I 243 -3.30 -46.43 29.10
C TRP I 243 -4.60 -45.78 28.65
N LYS I 244 -5.64 -46.05 29.41
CA LYS I 244 -6.97 -45.51 29.15
C LYS I 244 -7.61 -45.19 30.49
N VAL I 245 -8.85 -44.71 30.44
CA VAL I 245 -9.54 -44.26 31.64
C VAL I 245 -10.41 -45.37 32.19
N ASN I 246 -10.98 -46.19 31.29
CA ASN I 246 -11.91 -47.24 31.66
C ASN I 246 -13.07 -46.59 32.42
N PRO I 247 -13.93 -45.81 31.72
CA PRO I 247 -14.93 -44.95 32.37
C PRO I 247 -15.85 -45.65 33.36
N TRP I 256 -20.31 -27.50 26.22
CA TRP I 256 -20.10 -26.99 27.57
C TRP I 256 -18.98 -25.95 27.60
N ALA I 257 -19.36 -24.68 27.46
CA ALA I 257 -18.39 -23.62 27.46
C ALA I 257 -17.71 -23.52 28.82
N PHE I 258 -16.51 -22.94 28.82
CA PHE I 258 -15.71 -22.86 30.05
C PHE I 258 -16.02 -21.62 30.87
N TRP I 259 -16.48 -20.54 30.24
CA TRP I 259 -16.97 -19.41 31.03
C TRP I 259 -18.20 -19.90 31.80
N GLU I 260 -18.07 -19.96 33.12
CA GLU I 260 -19.12 -20.52 33.97
C GLU I 260 -19.19 -19.75 35.29
N CYS J 10 -23.53 -18.52 22.65
CA CYS J 10 -22.38 -17.66 22.39
C CYS J 10 -21.86 -17.04 23.68
N ASN J 11 -20.57 -16.74 23.71
CA ASN J 11 -20.00 -16.08 24.87
C ASN J 11 -20.49 -14.64 24.93
N PRO J 12 -20.92 -14.17 26.08
CA PRO J 12 -21.00 -12.71 26.26
C PRO J 12 -19.65 -12.12 26.57
N ASN J 13 -18.85 -12.86 27.34
CA ASN J 13 -17.62 -12.30 27.87
C ASN J 13 -16.62 -12.04 26.75
N LEU J 14 -15.81 -11.02 26.96
CA LEU J 14 -14.86 -10.51 25.97
C LEU J 14 -13.52 -10.26 26.64
N HIS J 15 -12.91 -11.29 27.19
CA HIS J 15 -11.52 -11.17 27.61
C HIS J 15 -10.65 -11.04 26.36
N TYR J 16 -10.28 -9.81 26.01
CA TYR J 16 -9.65 -9.49 24.72
C TYR J 16 -8.28 -8.87 24.92
N TRP J 17 -7.69 -8.45 23.80
CA TRP J 17 -6.41 -7.77 23.80
C TRP J 17 -6.33 -6.84 22.60
N THR J 18 -5.26 -6.05 22.58
CA THR J 18 -4.84 -5.29 21.40
C THR J 18 -3.34 -5.10 21.51
N THR J 19 -2.79 -4.27 20.64
CA THR J 19 -1.36 -3.98 20.62
C THR J 19 -1.09 -2.64 21.25
N GLN J 20 0.02 -2.56 22.00
CA GLN J 20 0.44 -1.29 22.57
C GLN J 20 1.03 -0.46 21.43
N ASP J 21 0.14 0.21 20.70
CA ASP J 21 0.52 1.22 19.73
C ASP J 21 -0.40 2.42 19.86
N GLU J 22 -0.71 2.78 21.10
CA GLU J 22 -1.43 4.02 21.37
C GLU J 22 -0.45 5.17 21.31
N GLY J 23 -0.86 6.34 21.76
CA GLY J 23 -0.03 7.53 21.68
C GLY J 23 0.83 7.68 22.91
N ALA J 24 0.40 8.51 23.85
CA ALA J 24 1.20 8.79 25.03
C ALA J 24 1.16 7.63 26.00
N ALA J 25 2.09 6.70 25.82
CA ALA J 25 2.29 5.61 26.75
C ALA J 25 3.75 5.35 27.03
N ILE J 26 4.66 6.18 26.51
CA ILE J 26 6.07 5.84 26.40
C ILE J 26 6.93 6.99 26.89
N GLY J 27 8.06 6.62 27.48
CA GLY J 27 9.12 7.54 27.78
C GLY J 27 10.09 7.47 26.62
N LEU J 28 11.19 6.74 26.78
CA LEU J 28 12.12 6.49 25.68
C LEU J 28 12.25 5.00 25.37
N ALA J 29 11.36 4.16 25.88
CA ALA J 29 11.47 2.73 25.66
C ALA J 29 11.29 2.31 24.21
N TRP J 30 10.87 3.24 23.34
CA TRP J 30 10.76 2.98 21.90
C TRP J 30 12.02 2.47 21.25
N ILE J 31 13.18 2.66 21.88
CA ILE J 31 14.44 2.32 21.22
C ILE J 31 14.45 0.84 20.90
N PRO J 32 14.93 0.41 19.70
CA PRO J 32 14.58 -0.91 19.19
C PRO J 32 14.94 -2.07 20.11
N TYR J 33 16.21 -2.13 20.49
CA TYR J 33 16.71 -3.24 21.29
C TYR J 33 16.87 -2.90 22.74
N PHE J 34 16.50 -1.68 23.13
CA PHE J 34 16.04 -1.46 24.49
C PHE J 34 14.53 -1.46 24.53
N GLY J 35 14.00 -2.55 24.01
CA GLY J 35 12.59 -2.81 23.98
C GLY J 35 12.37 -4.27 23.62
N PRO J 36 11.25 -4.84 24.05
CA PRO J 36 11.07 -6.29 23.92
C PRO J 36 10.93 -6.79 22.49
N ALA J 37 10.00 -6.19 21.75
CA ALA J 37 9.67 -6.57 20.37
C ALA J 37 8.99 -7.94 20.25
N ALA J 38 8.83 -8.65 21.35
CA ALA J 38 8.41 -10.05 21.32
C ALA J 38 7.14 -10.30 22.11
N GLU J 39 7.09 -9.89 23.38
CA GLU J 39 5.93 -10.09 24.22
C GLU J 39 5.53 -8.87 25.02
N GLY J 40 6.32 -7.79 24.99
CA GLY J 40 6.06 -6.61 25.79
C GLY J 40 5.75 -5.41 24.92
N ILE J 41 5.06 -5.64 23.82
CA ILE J 41 4.64 -4.61 22.89
C ILE J 41 3.12 -4.55 22.79
N TYR J 42 2.45 -5.07 23.81
CA TYR J 42 1.09 -5.52 23.69
C TYR J 42 0.21 -4.88 24.75
N THR J 43 -1.09 -5.15 24.64
CA THR J 43 -2.09 -4.57 25.51
C THR J 43 -3.20 -5.59 25.68
N GLU J 44 -3.83 -5.58 26.85
CA GLU J 44 -4.92 -6.48 27.18
C GLU J 44 -6.19 -5.67 27.43
N GLY J 45 -7.24 -6.36 27.85
CA GLY J 45 -8.48 -5.69 28.19
C GLY J 45 -9.62 -6.67 28.30
N ILE J 46 -10.69 -6.22 28.95
CA ILE J 46 -11.88 -7.03 29.15
C ILE J 46 -13.11 -6.17 28.98
N MET J 47 -14.20 -6.78 28.52
CA MET J 47 -15.52 -6.16 28.52
C MET J 47 -16.55 -7.24 28.80
N HIS J 48 -17.80 -6.82 28.86
CA HIS J 48 -18.93 -7.72 29.05
C HIS J 48 -20.04 -7.31 28.10
N ASN J 49 -20.89 -8.28 27.77
CA ASN J 49 -21.76 -8.13 26.63
C ASN J 49 -22.90 -7.15 26.88
N GLN J 50 -22.55 -5.87 26.89
CA GLN J 50 -23.55 -4.82 26.82
C GLN J 50 -24.39 -5.00 25.55
N ASN J 51 -25.69 -5.20 25.72
CA ASN J 51 -26.66 -5.12 24.62
C ASN J 51 -26.45 -6.22 23.56
N GLY J 52 -26.01 -7.40 23.96
CA GLY J 52 -25.83 -8.47 22.98
C GLY J 52 -24.79 -8.16 21.92
N LEU J 53 -23.91 -7.20 22.21
CA LEU J 53 -23.11 -6.56 21.19
C LEU J 53 -22.06 -7.49 20.61
N ILE J 54 -21.38 -8.23 21.47
CA ILE J 54 -20.25 -9.01 20.99
C ILE J 54 -20.75 -10.26 20.29
N CYS J 55 -21.83 -10.87 20.77
CA CYS J 55 -22.42 -11.95 19.99
C CYS J 55 -22.93 -11.43 18.65
N GLY J 56 -23.40 -10.17 18.62
CA GLY J 56 -23.77 -9.57 17.37
C GLY J 56 -22.62 -9.52 16.39
N LEU J 57 -21.46 -9.05 16.85
CA LEU J 57 -20.34 -8.98 15.91
C LEU J 57 -19.75 -10.36 15.62
N ARG J 58 -19.94 -11.34 16.50
CA ARG J 58 -19.53 -12.69 16.15
C ARG J 58 -20.31 -13.18 14.95
N GLN J 59 -21.64 -13.02 15.01
CA GLN J 59 -22.49 -13.22 13.84
C GLN J 59 -21.95 -12.44 12.65
N LEU J 60 -21.59 -11.17 12.88
CA LEU J 60 -21.15 -10.30 11.81
C LEU J 60 -19.93 -10.87 11.11
N ALA J 61 -18.96 -11.37 11.87
CA ALA J 61 -17.72 -11.84 11.27
C ALA J 61 -17.94 -13.14 10.51
N ASN J 62 -18.78 -14.03 11.06
CA ASN J 62 -19.09 -15.24 10.32
C ASN J 62 -19.80 -14.91 9.02
N GLU J 63 -20.51 -13.79 8.99
CA GLU J 63 -21.12 -13.33 7.74
C GLU J 63 -20.09 -12.64 6.85
N THR J 64 -19.07 -12.03 7.44
CA THR J 64 -18.08 -11.28 6.69
C THR J 64 -17.23 -12.18 5.83
N THR J 65 -16.86 -13.35 6.38
CA THR J 65 -15.85 -14.24 5.79
C THR J 65 -16.03 -14.45 4.29
N GLN J 66 -17.29 -14.60 3.86
CA GLN J 66 -17.59 -14.88 2.46
C GLN J 66 -17.10 -13.77 1.55
N ALA J 67 -17.70 -12.59 1.69
CA ALA J 67 -17.32 -11.46 0.88
C ALA J 67 -15.86 -11.11 1.06
N LEU J 68 -15.32 -11.38 2.25
CA LEU J 68 -13.90 -11.14 2.47
C LEU J 68 -13.07 -11.98 1.51
N GLN J 69 -13.26 -13.29 1.53
CA GLN J 69 -12.41 -14.14 0.70
C GLN J 69 -12.63 -13.86 -0.76
N LEU J 70 -13.84 -13.46 -1.15
CA LEU J 70 -14.05 -13.21 -2.56
C LEU J 70 -13.40 -11.91 -3.01
N PHE J 71 -13.59 -10.84 -2.22
CA PHE J 71 -12.89 -9.60 -2.47
C PHE J 71 -11.39 -9.80 -2.48
N LEU J 72 -10.92 -10.74 -1.67
CA LEU J 72 -9.50 -11.07 -1.64
C LEU J 72 -9.07 -11.78 -2.90
N ARG J 73 -9.86 -12.76 -3.35
CA ARG J 73 -9.39 -13.78 -4.27
C ARG J 73 -8.86 -13.22 -5.58
N ALA J 74 -9.31 -12.03 -5.97
CA ALA J 74 -8.97 -11.51 -7.28
C ALA J 74 -7.46 -11.35 -7.45
N THR J 75 -6.82 -10.70 -6.48
CA THR J 75 -5.41 -10.39 -6.64
C THR J 75 -4.57 -11.66 -6.59
N THR J 76 -3.27 -11.47 -6.79
CA THR J 76 -2.25 -12.47 -6.53
C THR J 76 -1.44 -12.16 -5.29
N GLU J 77 -1.61 -10.98 -4.71
CA GLU J 77 -0.74 -10.53 -3.63
C GLU J 77 -0.92 -11.39 -2.40
N LEU J 78 0.18 -11.62 -1.69
CA LEU J 78 0.16 -12.47 -0.51
C LEU J 78 -0.36 -11.72 0.70
N ARG J 79 0.42 -10.74 1.16
CA ARG J 79 0.27 -10.16 2.48
C ARG J 79 -0.44 -8.83 2.32
N THR J 80 -1.76 -8.87 2.45
CA THR J 80 -2.55 -7.68 2.20
C THR J 80 -2.46 -6.73 3.38
N PHE J 81 -2.33 -5.44 3.07
CA PHE J 81 -2.30 -4.39 4.07
C PHE J 81 -3.12 -3.16 3.69
N SER J 82 -3.56 -3.02 2.46
CA SER J 82 -4.18 -1.79 1.96
C SER J 82 -5.70 -1.82 1.98
N ILE J 83 -6.30 -2.92 2.46
CA ILE J 83 -7.74 -3.07 2.42
C ILE J 83 -8.44 -1.99 3.22
N LEU J 84 -7.83 -1.56 4.31
CA LEU J 84 -8.56 -0.75 5.27
C LEU J 84 -8.65 0.70 4.80
N ASN J 85 -7.51 1.22 4.34
CA ASN J 85 -7.50 2.42 3.52
C ASN J 85 -8.59 2.35 2.46
N ARG J 86 -8.51 1.34 1.59
CA ARG J 86 -9.42 1.21 0.47
C ARG J 86 -10.87 1.27 0.91
N LYS J 87 -11.18 0.67 2.05
CA LYS J 87 -12.50 0.80 2.64
C LYS J 87 -12.81 2.26 2.97
N ALA J 88 -11.84 2.97 3.54
CA ALA J 88 -12.07 4.36 3.90
C ALA J 88 -12.31 5.22 2.65
N ILE J 89 -11.53 4.97 1.61
CA ILE J 89 -11.70 5.74 0.38
C ILE J 89 -13.05 5.42 -0.24
N ASP J 90 -13.49 4.16 -0.16
CA ASP J 90 -14.83 3.82 -0.61
C ASP J 90 -15.87 4.63 0.15
N PHE J 91 -15.69 4.75 1.46
CA PHE J 91 -16.59 5.55 2.27
C PHE J 91 -16.66 6.97 1.76
N LEU J 92 -15.49 7.56 1.49
CA LEU J 92 -15.49 8.95 1.10
C LEU J 92 -16.04 9.13 -0.31
N LEU J 93 -15.80 8.20 -1.20
CA LEU J 93 -16.34 8.32 -2.55
C LEU J 93 -17.85 8.19 -2.53
N GLN J 94 -18.37 7.34 -1.65
CA GLN J 94 -19.79 7.39 -1.36
C GLN J 94 -20.19 8.78 -0.91
N ARG J 95 -19.40 9.34 0.00
CA ARG J 95 -19.69 10.69 0.47
C ARG J 95 -19.33 11.74 -0.56
N TRP J 96 -18.33 11.47 -1.40
CA TRP J 96 -17.73 12.52 -2.23
C TRP J 96 -17.29 11.88 -3.55
N GLY J 97 -18.19 11.90 -4.53
CA GLY J 97 -17.87 11.35 -5.82
C GLY J 97 -17.20 12.31 -6.78
N GLY J 98 -17.20 13.60 -6.45
CA GLY J 98 -16.68 14.62 -7.35
C GLY J 98 -17.68 15.76 -7.56
N THR J 99 -18.92 15.57 -7.10
CA THR J 99 -19.94 16.60 -7.18
C THR J 99 -20.83 16.46 -5.96
N CYS J 100 -21.37 17.59 -5.50
CA CYS J 100 -22.18 17.67 -4.31
C CYS J 100 -23.48 18.39 -4.60
N HIS J 101 -24.54 17.94 -3.94
CA HIS J 101 -25.83 18.64 -3.93
C HIS J 101 -26.17 18.85 -2.46
N ILE J 102 -25.92 20.07 -1.98
CA ILE J 102 -26.13 20.38 -0.57
C ILE J 102 -27.58 20.19 -0.17
N LEU J 103 -28.51 20.45 -1.08
CA LEU J 103 -29.92 20.18 -0.80
C LEU J 103 -30.29 18.74 -1.06
N GLY J 104 -29.89 18.23 -2.23
CA GLY J 104 -30.14 16.85 -2.59
C GLY J 104 -29.53 15.98 -1.52
N PRO J 105 -30.36 15.34 -0.66
CA PRO J 105 -29.80 14.74 0.56
C PRO J 105 -28.93 13.53 0.24
N ASP J 106 -27.77 13.85 -0.33
CA ASP J 106 -26.78 12.88 -0.74
C ASP J 106 -25.36 13.30 -0.37
N CYS J 107 -25.14 14.55 0.00
CA CYS J 107 -23.82 15.11 0.22
C CYS J 107 -23.49 15.33 1.69
N CYS J 108 -24.51 15.42 2.54
CA CYS J 108 -24.35 15.39 3.99
C CYS J 108 -23.48 16.55 4.49
N ILE J 109 -24.05 17.74 4.35
CA ILE J 109 -23.53 18.95 4.95
C ILE J 109 -24.65 19.54 5.80
N GLU J 110 -24.27 20.30 6.82
CA GLU J 110 -25.21 21.06 7.65
C GLU J 110 -25.09 22.55 7.35
N PRO J 111 -25.75 23.06 6.31
CA PRO J 111 -25.80 24.51 6.08
C PRO J 111 -27.00 25.22 6.66
N HIS J 112 -27.87 24.50 7.39
CA HIS J 112 -29.17 25.05 7.75
C HIS J 112 -29.04 26.33 8.57
N ASP J 113 -28.08 26.35 9.50
CA ASP J 113 -27.91 27.49 10.38
C ASP J 113 -27.39 28.72 9.66
N TRP J 114 -26.88 28.57 8.42
CA TRP J 114 -26.52 29.72 7.58
C TRP J 114 -27.62 30.77 7.54
N THR J 115 -28.87 30.30 7.45
CA THR J 115 -30.01 31.19 7.43
C THR J 115 -30.06 32.10 8.66
N LYS J 116 -29.42 31.70 9.77
CA LYS J 116 -29.35 32.58 10.94
C LYS J 116 -28.65 33.89 10.59
N ASN J 117 -27.41 33.81 10.09
CA ASN J 117 -26.75 35.04 9.69
C ASN J 117 -27.46 35.71 8.53
N ILE J 118 -28.11 34.94 7.65
CA ILE J 118 -28.79 35.59 6.54
C ILE J 118 -29.95 36.46 7.05
N THR J 119 -30.74 35.94 7.98
CA THR J 119 -31.83 36.74 8.53
C THR J 119 -31.30 37.85 9.42
N ASP J 120 -30.12 37.66 10.03
CA ASP J 120 -29.48 38.77 10.74
C ASP J 120 -29.11 39.89 9.78
N LYS J 121 -28.74 39.55 8.53
CA LYS J 121 -28.41 40.58 7.55
C LYS J 121 -29.66 41.24 7.01
N ILE J 122 -30.75 40.47 6.80
CA ILE J 122 -31.94 41.06 6.20
C ILE J 122 -32.59 42.05 7.16
N ASP J 123 -32.48 41.82 8.47
CA ASP J 123 -32.98 42.77 9.46
C ASP J 123 -32.06 43.97 9.65
N GLN J 124 -30.97 44.07 8.89
CA GLN J 124 -30.07 45.22 8.95
C GLN J 124 -30.80 46.51 8.66
N ASP K 1 -25.43 -18.83 -14.29
CA ASP K 1 -24.87 -19.50 -15.45
C ASP K 1 -25.20 -20.98 -15.44
N ILE K 2 -24.95 -21.63 -14.30
CA ILE K 2 -25.11 -23.07 -14.22
C ILE K 2 -26.60 -23.41 -14.23
N VAL K 3 -26.90 -24.55 -14.83
CA VAL K 3 -28.27 -24.94 -15.14
C VAL K 3 -28.45 -26.38 -14.70
N LEU K 4 -29.38 -26.61 -13.78
CA LEU K 4 -29.69 -27.96 -13.34
C LEU K 4 -30.33 -28.75 -14.49
N THR K 5 -30.55 -30.04 -14.23
CA THR K 5 -31.23 -30.89 -15.20
C THR K 5 -32.00 -31.95 -14.41
N GLN K 6 -33.26 -31.65 -14.13
CA GLN K 6 -34.13 -32.68 -13.58
C GLN K 6 -34.34 -33.77 -14.63
N SER K 7 -34.50 -35.00 -14.15
CA SER K 7 -34.62 -36.12 -15.05
C SER K 7 -35.39 -37.26 -14.41
N PRO K 8 -36.62 -37.58 -14.88
CA PRO K 8 -37.51 -36.95 -15.86
C PRO K 8 -38.35 -35.84 -15.25
N SER K 9 -39.22 -35.24 -16.05
CA SER K 9 -40.05 -34.13 -15.59
C SER K 9 -41.26 -34.59 -14.81
N THR K 10 -41.74 -35.80 -15.02
CA THR K 10 -42.84 -36.32 -14.23
C THR K 10 -42.81 -37.83 -14.24
N LEU K 11 -43.49 -38.42 -13.26
CA LEU K 11 -43.59 -39.86 -13.11
C LEU K 11 -45.06 -40.25 -12.97
N SER K 12 -45.33 -41.51 -13.32
CA SER K 12 -46.56 -42.19 -12.94
C SER K 12 -46.19 -43.45 -12.19
N ALA K 13 -46.95 -43.76 -11.15
CA ALA K 13 -46.49 -44.71 -10.14
C ALA K 13 -47.71 -45.41 -9.54
N SER K 14 -47.53 -45.96 -8.34
CA SER K 14 -48.62 -46.45 -7.50
C SER K 14 -48.05 -46.74 -6.11
N VAL K 15 -48.85 -46.48 -5.08
CA VAL K 15 -48.41 -46.37 -3.69
C VAL K 15 -47.60 -47.60 -3.28
N GLY K 16 -46.62 -47.39 -2.41
CA GLY K 16 -45.74 -48.44 -1.96
C GLY K 16 -44.55 -48.70 -2.86
N ASP K 17 -44.59 -48.21 -4.10
CA ASP K 17 -43.50 -48.45 -5.03
C ASP K 17 -42.23 -47.74 -4.53
N ARG K 18 -41.11 -48.13 -5.12
CA ARG K 18 -39.82 -47.51 -4.87
C ARG K 18 -39.43 -46.73 -6.13
N VAL K 19 -39.03 -45.47 -5.94
CA VAL K 19 -38.89 -44.54 -7.04
C VAL K 19 -37.58 -43.77 -6.88
N THR K 20 -36.99 -43.40 -8.02
CA THR K 20 -35.69 -42.75 -8.08
C THR K 20 -35.78 -41.52 -8.97
N ILE K 21 -35.01 -40.50 -8.62
CA ILE K 21 -34.83 -39.32 -9.47
C ILE K 21 -33.33 -39.08 -9.60
N THR K 22 -32.96 -38.55 -10.77
CA THR K 22 -31.61 -38.05 -11.02
C THR K 22 -31.68 -36.58 -11.38
N CYS K 23 -30.67 -35.84 -10.94
CA CYS K 23 -30.53 -34.43 -11.25
C CYS K 23 -29.08 -34.17 -11.62
N ARG K 24 -28.88 -33.38 -12.67
CA ARG K 24 -27.57 -33.08 -13.19
C ARG K 24 -27.43 -31.58 -13.42
N ALA K 25 -26.25 -31.17 -13.85
CA ALA K 25 -25.97 -29.77 -14.10
C ALA K 25 -24.81 -29.69 -15.09
N SER K 26 -24.28 -28.47 -15.26
CA SER K 26 -23.20 -28.22 -16.19
C SER K 26 -21.83 -28.49 -15.58
N GLN K 27 -21.61 -28.01 -14.36
CA GLN K 27 -20.31 -28.04 -13.72
C GLN K 27 -20.40 -28.76 -12.38
N SER K 28 -19.24 -29.16 -11.88
CA SER K 28 -19.19 -29.99 -10.70
C SER K 28 -19.50 -29.20 -9.44
N ILE K 29 -20.14 -29.87 -8.50
CA ILE K 29 -20.49 -29.32 -7.20
C ILE K 29 -20.13 -30.37 -6.16
N SER K 30 -19.75 -29.90 -4.99
CA SER K 30 -19.17 -30.73 -3.95
C SER K 30 -20.24 -31.19 -2.96
N SER K 31 -21.26 -31.87 -3.48
CA SER K 31 -22.34 -32.39 -2.66
C SER K 31 -23.02 -31.27 -1.88
N TRP K 32 -23.24 -30.15 -2.56
CA TRP K 32 -23.89 -28.97 -2.01
C TRP K 32 -25.19 -28.78 -2.74
N LEU K 33 -25.94 -29.86 -2.86
CA LEU K 33 -27.25 -29.84 -3.45
C LEU K 33 -28.31 -30.06 -2.39
N ALA K 34 -29.51 -29.54 -2.65
CA ALA K 34 -30.64 -29.67 -1.76
C ALA K 34 -31.88 -30.00 -2.56
N TRP K 35 -32.86 -30.57 -1.87
CA TRP K 35 -34.12 -30.96 -2.48
C TRP K 35 -35.28 -30.27 -1.78
N TYR K 36 -36.39 -30.16 -2.48
CA TYR K 36 -37.58 -29.53 -1.96
C TYR K 36 -38.80 -30.27 -2.47
N GLN K 37 -39.96 -29.86 -1.94
CA GLN K 37 -41.23 -30.35 -2.42
C GLN K 37 -42.26 -29.26 -2.22
N GLN K 38 -43.26 -29.24 -3.09
CA GLN K 38 -44.48 -28.52 -2.84
C GLN K 38 -45.61 -29.17 -3.63
N LYS K 39 -46.78 -28.60 -3.51
CA LYS K 39 -48.01 -29.13 -4.07
C LYS K 39 -48.62 -28.05 -4.99
N PRO K 40 -49.73 -28.34 -5.68
CA PRO K 40 -50.28 -27.33 -6.58
C PRO K 40 -50.86 -26.12 -5.84
N GLY K 41 -49.96 -25.22 -5.43
CA GLY K 41 -50.35 -23.97 -4.81
C GLY K 41 -50.10 -23.93 -3.32
N GLU K 42 -49.06 -24.64 -2.88
CA GLU K 42 -48.67 -24.69 -1.49
C GLU K 42 -47.22 -24.28 -1.34
N ALA K 43 -46.89 -23.70 -0.20
CA ALA K 43 -45.54 -23.24 0.03
C ALA K 43 -44.63 -24.45 0.26
N PRO K 44 -43.40 -24.46 -0.32
CA PRO K 44 -42.59 -25.68 -0.22
C PRO K 44 -42.05 -26.00 1.16
N LYS K 45 -41.22 -27.04 1.22
CA LYS K 45 -40.45 -27.38 2.41
C LYS K 45 -39.08 -27.90 2.01
N LEU K 46 -38.14 -27.72 2.93
CA LEU K 46 -36.85 -28.37 2.83
C LEU K 46 -36.99 -29.87 3.02
N LEU K 47 -36.13 -30.61 2.33
CA LEU K 47 -36.02 -32.05 2.51
C LEU K 47 -34.62 -32.49 2.91
N ILE K 48 -33.61 -32.13 2.12
CA ILE K 48 -32.24 -32.59 2.35
C ILE K 48 -31.30 -31.42 2.15
N SER K 49 -30.25 -31.38 2.96
CA SER K 49 -29.11 -30.51 2.76
C SER K 49 -27.93 -31.34 2.28
N ASP K 50 -27.19 -30.82 1.31
CA ASP K 50 -26.01 -31.52 0.79
C ASP K 50 -26.31 -32.85 0.07
N ALA K 51 -27.58 -33.09 -0.21
CA ALA K 51 -28.01 -34.30 -0.90
C ALA K 51 -27.76 -35.58 -0.11
N SER K 52 -27.44 -35.47 1.18
CA SER K 52 -27.28 -36.64 2.03
C SER K 52 -27.86 -36.48 3.42
N SER K 53 -28.17 -35.27 3.87
CA SER K 53 -28.57 -35.01 5.24
C SER K 53 -30.05 -34.62 5.25
N LEU K 54 -30.89 -35.57 5.63
CA LEU K 54 -32.32 -35.31 5.75
C LEU K 54 -32.56 -34.39 6.94
N GLU K 55 -33.83 -34.03 7.15
CA GLU K 55 -34.20 -32.99 8.09
C GLU K 55 -35.29 -33.50 9.03
N SER K 56 -35.54 -32.72 10.08
CA SER K 56 -36.62 -33.04 11.00
C SER K 56 -37.96 -32.92 10.28
N GLY K 57 -38.88 -33.82 10.62
CA GLY K 57 -40.15 -33.90 9.93
C GLY K 57 -40.10 -34.64 8.61
N VAL K 58 -38.93 -34.99 8.13
CA VAL K 58 -38.80 -35.72 6.87
C VAL K 58 -39.02 -37.21 7.15
N PRO K 59 -39.89 -37.89 6.41
CA PRO K 59 -39.92 -39.36 6.51
C PRO K 59 -38.63 -39.97 5.97
N SER K 60 -38.17 -41.02 6.64
CA SER K 60 -36.98 -41.74 6.20
C SER K 60 -37.22 -42.57 4.95
N ARG K 61 -38.42 -42.56 4.38
CA ARG K 61 -38.67 -43.24 3.13
C ARG K 61 -37.77 -42.72 2.01
N PHE K 62 -37.36 -41.46 2.11
CA PHE K 62 -36.56 -40.83 1.07
C PHE K 62 -35.10 -41.22 1.20
N SER K 63 -34.34 -40.97 0.13
CA SER K 63 -32.91 -41.26 0.13
C SER K 63 -32.25 -40.44 -0.96
N GLY K 64 -31.46 -39.46 -0.55
CA GLY K 64 -30.70 -38.64 -1.48
C GLY K 64 -29.25 -39.08 -1.53
N SER K 65 -28.62 -38.85 -2.68
CA SER K 65 -27.21 -39.19 -2.85
C SER K 65 -26.70 -38.49 -4.10
N GLY K 66 -25.40 -38.60 -4.32
CA GLY K 66 -24.77 -38.05 -5.50
C GLY K 66 -23.44 -37.39 -5.23
N SER K 67 -22.80 -36.89 -6.28
CA SER K 67 -21.52 -36.22 -6.14
C SER K 67 -21.20 -35.51 -7.45
N GLY K 68 -20.40 -34.46 -7.33
CA GLY K 68 -19.88 -33.78 -8.51
C GLY K 68 -20.95 -33.08 -9.32
N THR K 69 -21.29 -33.65 -10.47
CA THR K 69 -22.32 -33.12 -11.35
C THR K 69 -23.62 -33.90 -11.24
N GLU K 70 -23.54 -35.23 -11.25
CA GLU K 70 -24.72 -36.05 -11.14
C GLU K 70 -25.17 -36.12 -9.70
N PHE K 71 -26.48 -36.04 -9.51
CA PHE K 71 -27.05 -36.18 -8.17
C PHE K 71 -28.39 -36.87 -8.30
N THR K 72 -28.85 -37.43 -7.19
CA THR K 72 -29.88 -38.45 -7.21
C THR K 72 -30.86 -38.23 -6.07
N LEU K 73 -31.89 -39.08 -6.07
CA LEU K 73 -32.85 -39.17 -5.00
C LEU K 73 -33.56 -40.50 -5.17
N THR K 74 -33.88 -41.15 -4.06
CA THR K 74 -34.69 -42.36 -4.09
C THR K 74 -35.71 -42.33 -2.98
N ILE K 75 -36.89 -42.85 -3.28
CA ILE K 75 -37.96 -43.04 -2.31
C ILE K 75 -38.14 -44.54 -2.13
N SER K 76 -38.07 -45.00 -0.89
CA SER K 76 -38.33 -46.41 -0.59
C SER K 76 -39.77 -46.77 -0.91
N SER K 77 -40.72 -46.10 -0.25
CA SER K 77 -42.13 -46.37 -0.38
C SER K 77 -42.87 -45.08 -0.70
N LEU K 78 -43.93 -45.19 -1.48
CA LEU K 78 -44.71 -44.04 -1.88
C LEU K 78 -45.87 -43.81 -0.93
N GLN K 79 -46.43 -42.61 -1.02
CA GLN K 79 -47.62 -42.23 -0.30
C GLN K 79 -48.43 -41.29 -1.17
N PRO K 80 -49.72 -41.12 -0.89
CA PRO K 80 -50.49 -40.11 -1.63
C PRO K 80 -49.92 -38.71 -1.50
N ASP K 81 -49.55 -38.33 -0.28
CA ASP K 81 -48.96 -37.02 -0.06
C ASP K 81 -47.64 -36.88 -0.80
N ASP K 82 -46.92 -37.99 -1.00
CA ASP K 82 -45.65 -37.97 -1.69
C ASP K 82 -45.79 -37.86 -3.20
N PHE K 83 -47.01 -37.75 -3.73
CA PHE K 83 -47.25 -37.62 -5.16
C PHE K 83 -47.15 -36.18 -5.64
N ALA K 84 -46.51 -35.30 -4.87
CA ALA K 84 -46.48 -33.88 -5.18
C ALA K 84 -45.31 -33.58 -6.10
N THR K 85 -45.03 -32.29 -6.27
CA THR K 85 -43.90 -31.83 -7.07
C THR K 85 -42.66 -31.74 -6.20
N TYR K 86 -41.53 -32.18 -6.76
CA TYR K 86 -40.24 -32.12 -6.10
C TYR K 86 -39.27 -31.33 -6.97
N TYR K 87 -38.23 -30.78 -6.34
CA TYR K 87 -37.31 -29.86 -7.00
C TYR K 87 -35.87 -30.09 -6.59
N CYS K 88 -35.00 -29.78 -7.54
CA CYS K 88 -33.55 -29.83 -7.38
C CYS K 88 -33.07 -28.39 -7.24
N GLN K 89 -32.20 -28.13 -6.26
CA GLN K 89 -31.82 -26.76 -5.90
C GLN K 89 -30.32 -26.61 -5.75
N GLN K 90 -29.67 -26.04 -6.76
CA GLN K 90 -28.29 -25.64 -6.62
C GLN K 90 -28.17 -24.55 -5.57
N TYR K 91 -27.13 -24.63 -4.75
CA TYR K 91 -26.75 -23.48 -3.94
C TYR K 91 -25.25 -23.22 -3.97
N TYR K 92 -24.52 -23.85 -4.89
CA TYR K 92 -23.07 -23.76 -4.96
C TYR K 92 -22.57 -22.34 -5.25
N SER K 93 -22.82 -21.85 -6.47
CA SER K 93 -22.39 -20.52 -6.88
C SER K 93 -23.58 -19.64 -7.25
N SER K 94 -24.38 -20.06 -8.21
CA SER K 94 -25.61 -19.39 -8.59
C SER K 94 -26.75 -20.18 -7.97
N PRO K 95 -27.25 -19.81 -6.80
CA PRO K 95 -28.22 -20.68 -6.13
C PRO K 95 -29.55 -20.69 -6.87
N THR K 96 -29.60 -21.53 -7.89
CA THR K 96 -30.64 -21.53 -8.89
C THR K 96 -31.49 -22.79 -8.80
N PHE K 97 -32.36 -22.95 -9.79
CA PHE K 97 -33.20 -24.12 -9.92
C PHE K 97 -33.19 -24.57 -11.38
N GLY K 98 -33.85 -25.70 -11.62
CA GLY K 98 -34.21 -26.13 -12.95
C GLY K 98 -35.72 -26.25 -13.03
N GLY K 99 -36.21 -27.23 -13.79
CA GLY K 99 -37.64 -27.36 -13.95
C GLY K 99 -38.34 -27.89 -12.71
N GLY K 100 -38.10 -29.16 -12.40
CA GLY K 100 -38.78 -29.86 -11.34
C GLY K 100 -39.27 -31.21 -11.79
N THR K 101 -39.91 -31.93 -10.87
CA THR K 101 -40.30 -33.31 -11.08
C THR K 101 -41.68 -33.52 -10.47
N LYS K 102 -42.39 -34.53 -10.97
CA LYS K 102 -43.81 -34.68 -10.66
C LYS K 102 -44.17 -36.16 -10.68
N VAL K 103 -45.31 -36.47 -10.05
CA VAL K 103 -45.76 -37.84 -9.82
C VAL K 103 -47.19 -37.98 -10.31
N GLU K 104 -47.56 -39.18 -10.76
CA GLU K 104 -48.89 -39.43 -11.28
C GLU K 104 -49.29 -40.88 -11.00
N ILE K 105 -50.53 -41.21 -11.38
CA ILE K 105 -50.97 -42.60 -11.54
C ILE K 105 -51.90 -42.62 -12.75
N LYS K 106 -51.89 -43.74 -13.47
CA LYS K 106 -52.87 -43.98 -14.52
C LYS K 106 -53.04 -45.47 -14.78
N VAL L 1 -42.52 -19.06 14.83
CA VAL L 1 -41.83 -19.40 13.59
C VAL L 1 -42.72 -19.07 12.41
N GLN L 2 -43.57 -18.07 12.59
CA GLN L 2 -44.68 -17.82 11.69
C GLN L 2 -44.33 -16.67 10.76
N LEU L 3 -44.60 -16.87 9.47
CA LEU L 3 -44.22 -15.92 8.44
C LEU L 3 -45.46 -15.36 7.77
N VAL L 4 -45.31 -14.14 7.27
CA VAL L 4 -46.43 -13.29 6.92
C VAL L 4 -46.17 -12.70 5.54
N GLN L 5 -46.93 -13.15 4.55
CA GLN L 5 -47.03 -12.42 3.29
C GLN L 5 -48.10 -11.35 3.43
N SER L 6 -47.80 -10.16 2.92
CA SER L 6 -48.59 -8.96 3.22
C SER L 6 -49.27 -8.37 1.99
N GLY L 7 -48.52 -8.01 0.95
CA GLY L 7 -48.96 -7.01 -0.01
C GLY L 7 -49.14 -7.40 -1.46
N VAL L 8 -49.79 -8.54 -1.73
CA VAL L 8 -50.04 -8.94 -3.12
C VAL L 8 -50.92 -7.92 -3.81
N THR L 9 -50.60 -7.59 -5.06
CA THR L 9 -51.29 -6.52 -5.76
C THR L 9 -51.05 -6.66 -7.27
N LEU L 10 -52.04 -6.22 -8.05
CA LEU L 10 -51.89 -5.99 -9.47
C LEU L 10 -51.61 -4.51 -9.70
N VAL L 11 -50.43 -4.22 -10.26
CA VAL L 11 -49.96 -2.86 -10.49
C VAL L 11 -49.56 -2.76 -11.95
N GLN L 12 -49.89 -1.63 -12.58
CA GLN L 12 -49.66 -1.50 -14.00
C GLN L 12 -48.16 -1.56 -14.31
N PRO L 13 -47.79 -1.84 -15.56
CA PRO L 13 -46.36 -1.91 -15.90
C PRO L 13 -45.65 -0.61 -15.61
N GLY L 14 -44.36 -0.73 -15.31
CA GLY L 14 -43.58 0.41 -14.88
C GLY L 14 -43.84 0.84 -13.45
N GLY L 15 -44.74 0.17 -12.74
CA GLY L 15 -45.05 0.56 -11.37
C GLY L 15 -43.94 0.26 -10.38
N SER L 16 -44.28 0.25 -9.10
CA SER L 16 -43.31 0.11 -8.03
C SER L 16 -44.05 -0.19 -6.74
N LEU L 17 -43.37 -0.84 -5.81
CA LEU L 17 -44.06 -1.40 -4.66
C LEU L 17 -43.03 -1.78 -3.59
N ARG L 18 -43.46 -1.72 -2.33
CA ARG L 18 -42.69 -2.23 -1.19
C ARG L 18 -43.47 -3.36 -0.55
N VAL L 19 -43.00 -4.58 -0.74
CA VAL L 19 -43.48 -5.70 0.05
C VAL L 19 -42.84 -5.62 1.43
N SER L 20 -43.54 -6.17 2.42
CA SER L 20 -42.95 -6.45 3.71
C SER L 20 -43.38 -7.83 4.15
N CYS L 21 -42.42 -8.61 4.66
CA CYS L 21 -42.68 -9.90 5.27
C CYS L 21 -42.25 -9.86 6.71
N ALA L 22 -43.18 -10.13 7.61
CA ALA L 22 -42.90 -10.18 9.03
C ALA L 22 -42.55 -11.61 9.45
N ALA L 23 -42.13 -11.76 10.70
CA ALA L 23 -41.77 -13.05 11.24
C ALA L 23 -42.05 -13.05 12.73
N SER L 24 -41.78 -14.20 13.37
CA SER L 24 -42.07 -14.35 14.78
C SER L 24 -41.49 -15.68 15.25
N GLY L 25 -41.35 -15.78 16.57
CA GLY L 25 -41.03 -17.06 17.18
C GLY L 25 -39.63 -17.57 16.92
N PHE L 26 -38.70 -16.71 16.52
CA PHE L 26 -37.31 -17.10 16.45
C PHE L 26 -36.44 -15.85 16.42
N THR L 27 -35.13 -16.08 16.30
CA THR L 27 -34.12 -15.03 16.45
C THR L 27 -33.81 -14.46 15.08
N PHE L 28 -34.74 -13.61 14.61
CA PHE L 28 -34.74 -13.17 13.22
C PHE L 28 -33.44 -12.49 12.83
N SER L 29 -32.89 -11.66 13.71
CA SER L 29 -31.60 -11.05 13.43
C SER L 29 -30.51 -12.09 13.26
N SER L 30 -30.67 -13.26 13.89
CA SER L 30 -29.70 -14.33 13.80
C SER L 30 -29.95 -15.27 12.63
N TYR L 31 -30.63 -14.78 11.59
CA TYR L 31 -30.87 -15.58 10.40
C TYR L 31 -30.83 -14.69 9.17
N ALA L 32 -30.75 -15.33 8.02
CA ALA L 32 -30.84 -14.67 6.74
C ALA L 32 -32.29 -14.63 6.28
N MET L 33 -32.52 -13.85 5.23
CA MET L 33 -33.81 -13.82 4.57
C MET L 33 -33.58 -13.64 3.09
N SER L 34 -34.64 -13.86 2.32
CA SER L 34 -34.51 -13.84 0.86
C SER L 34 -35.88 -13.57 0.25
N TRP L 35 -35.87 -13.43 -1.06
CA TRP L 35 -37.08 -13.36 -1.86
C TRP L 35 -36.90 -14.29 -3.05
N VAL L 36 -37.95 -15.02 -3.39
CA VAL L 36 -37.87 -16.12 -4.34
C VAL L 36 -39.14 -16.12 -5.18
N ARG L 37 -38.99 -16.42 -6.46
CA ARG L 37 -40.05 -16.28 -7.44
C ARG L 37 -40.58 -17.63 -7.88
N GLN L 38 -41.91 -17.74 -7.93
CA GLN L 38 -42.60 -18.78 -8.70
C GLN L 38 -43.40 -18.07 -9.78
N ALA L 39 -42.92 -18.13 -11.00
CA ALA L 39 -43.73 -17.75 -12.13
C ALA L 39 -44.74 -18.87 -12.38
N PRO L 40 -46.04 -18.61 -12.33
CA PRO L 40 -47.00 -19.68 -12.64
C PRO L 40 -46.81 -20.18 -14.06
N GLY L 41 -47.16 -21.45 -14.27
CA GLY L 41 -46.88 -22.12 -15.50
C GLY L 41 -45.47 -22.65 -15.64
N LYS L 42 -44.61 -22.40 -14.65
CA LYS L 42 -43.24 -22.89 -14.71
C LYS L 42 -42.66 -22.86 -13.31
N GLY L 43 -41.33 -23.05 -13.22
CA GLY L 43 -40.69 -23.32 -11.96
C GLY L 43 -40.12 -22.12 -11.21
N LEU L 44 -38.92 -22.31 -10.65
CA LEU L 44 -38.40 -21.48 -9.58
C LEU L 44 -37.13 -20.77 -10.00
N GLU L 45 -36.70 -19.83 -9.16
CA GLU L 45 -35.44 -19.12 -9.33
C GLU L 45 -35.22 -18.26 -8.09
N TRP L 46 -33.95 -18.06 -7.76
CA TRP L 46 -33.57 -17.22 -6.64
C TRP L 46 -33.32 -15.79 -7.09
N VAL L 47 -33.76 -14.83 -6.27
CA VAL L 47 -33.69 -13.42 -6.59
C VAL L 47 -32.59 -12.76 -5.78
N SER L 48 -32.74 -12.76 -4.46
CA SER L 48 -32.03 -11.81 -3.63
C SER L 48 -32.13 -12.21 -2.17
N ALA L 49 -31.19 -11.71 -1.39
CA ALA L 49 -31.09 -12.06 0.02
C ALA L 49 -30.19 -11.05 0.72
N ILE L 50 -29.93 -11.32 2.00
CA ILE L 50 -29.40 -10.32 2.93
C ILE L 50 -28.49 -11.01 3.93
N SER L 51 -27.69 -10.20 4.61
CA SER L 51 -26.90 -10.65 5.74
C SER L 51 -27.83 -10.82 6.96
N GLY L 52 -27.23 -11.03 8.13
CA GLY L 52 -27.99 -11.14 9.35
C GLY L 52 -28.38 -9.80 9.94
N LEU L 53 -27.74 -8.71 9.49
CA LEU L 53 -27.89 -7.42 10.14
C LEU L 53 -28.00 -6.26 9.15
N GLY L 54 -28.14 -6.53 7.86
CA GLY L 54 -28.35 -5.50 6.87
C GLY L 54 -27.09 -4.97 6.21
N GLY L 55 -25.93 -5.47 6.60
CA GLY L 55 -24.70 -5.07 5.95
C GLY L 55 -24.63 -5.50 4.51
N SER L 56 -24.54 -6.81 4.29
CA SER L 56 -24.39 -7.34 2.95
C SER L 56 -25.75 -7.68 2.34
N THR L 57 -25.83 -7.55 1.03
CA THR L 57 -27.02 -7.85 0.27
C THR L 57 -26.62 -8.56 -1.00
N TYR L 58 -27.60 -9.22 -1.61
CA TYR L 58 -27.35 -10.01 -2.80
C TYR L 58 -28.57 -9.94 -3.70
N TYR L 59 -28.34 -9.92 -5.00
CA TYR L 59 -29.39 -9.89 -6.00
C TYR L 59 -29.09 -10.87 -7.11
N ALA L 60 -30.15 -11.24 -7.81
CA ALA L 60 -30.01 -11.94 -9.07
C ALA L 60 -29.72 -10.93 -10.18
N ASP L 61 -29.31 -11.45 -11.33
CA ASP L 61 -28.90 -10.58 -12.43
C ASP L 61 -30.09 -9.96 -13.13
N SER L 62 -31.21 -10.69 -13.23
CA SER L 62 -32.31 -10.26 -14.08
C SER L 62 -32.93 -8.97 -13.59
N VAL L 63 -32.90 -8.72 -12.28
CA VAL L 63 -33.53 -7.56 -11.67
C VAL L 63 -32.51 -6.70 -10.93
N LYS L 64 -31.22 -6.89 -11.22
CA LYS L 64 -30.19 -6.14 -10.54
C LYS L 64 -30.32 -4.66 -10.84
N GLY L 65 -30.25 -3.85 -9.79
CA GLY L 65 -30.44 -2.41 -9.90
C GLY L 65 -31.88 -1.99 -9.79
N ARG L 66 -32.82 -2.80 -10.26
CA ARG L 66 -34.23 -2.48 -10.14
C ARG L 66 -34.66 -2.45 -8.68
N PHE L 67 -34.45 -3.55 -7.99
CA PHE L 67 -35.05 -3.77 -6.68
C PHE L 67 -34.08 -3.41 -5.57
N THR L 68 -34.63 -3.26 -4.38
CA THR L 68 -33.91 -2.73 -3.23
C THR L 68 -34.34 -3.54 -2.01
N ILE L 69 -33.54 -4.55 -1.66
CA ILE L 69 -33.82 -5.32 -0.47
C ILE L 69 -33.75 -4.42 0.76
N SER L 70 -34.46 -4.81 1.81
CA SER L 70 -34.54 -3.99 3.01
C SER L 70 -35.08 -4.83 4.15
N ARG L 71 -34.68 -4.46 5.36
CA ARG L 71 -34.96 -5.26 6.55
C ARG L 71 -35.13 -4.35 7.76
N ASP L 72 -35.82 -4.85 8.77
CA ASP L 72 -35.94 -4.18 10.06
C ASP L 72 -35.81 -5.24 11.15
N ASN L 73 -34.58 -5.46 11.59
CA ASN L 73 -34.35 -6.41 12.67
C ASN L 73 -34.85 -5.89 14.01
N SER L 74 -35.15 -4.60 14.12
CA SER L 74 -35.82 -4.10 15.31
C SER L 74 -37.25 -4.63 15.37
N LYS L 75 -37.99 -4.46 14.27
CA LYS L 75 -39.29 -5.10 14.12
C LYS L 75 -39.18 -6.56 13.70
N ASN L 76 -37.98 -7.02 13.38
CA ASN L 76 -37.77 -8.35 12.81
C ASN L 76 -38.61 -8.51 11.55
N THR L 77 -38.69 -7.44 10.77
CA THR L 77 -39.52 -7.37 9.58
C THR L 77 -38.64 -7.28 8.34
N LEU L 78 -39.05 -7.99 7.30
CA LEU L 78 -38.39 -7.92 6.01
C LEU L 78 -39.10 -6.92 5.12
N TYR L 79 -38.38 -6.43 4.10
CA TYR L 79 -38.93 -5.46 3.18
C TYR L 79 -38.30 -5.65 1.83
N LEU L 80 -38.99 -5.15 0.80
CA LEU L 80 -38.41 -5.12 -0.54
C LEU L 80 -39.12 -4.05 -1.36
N GLN L 81 -38.50 -2.88 -1.46
CA GLN L 81 -38.93 -1.91 -2.45
C GLN L 81 -38.59 -2.43 -3.84
N MET L 82 -39.42 -2.04 -4.81
CA MET L 82 -39.32 -2.57 -6.16
C MET L 82 -39.63 -1.47 -7.15
N ASN L 83 -38.78 -1.36 -8.16
CA ASN L 83 -38.87 -0.33 -9.19
C ASN L 83 -39.65 -0.89 -10.39
N SER L 84 -39.54 -0.22 -11.54
CA SER L 84 -40.30 -0.47 -12.76
C SER L 84 -40.56 -1.94 -13.04
N LEU L 85 -41.80 -2.24 -13.41
CA LEU L 85 -42.29 -3.60 -13.55
C LEU L 85 -42.37 -4.00 -15.01
N ARG L 86 -42.42 -5.31 -15.22
CA ARG L 86 -42.46 -5.90 -16.55
C ARG L 86 -43.36 -7.13 -16.49
N ALA L 87 -43.33 -7.95 -17.54
CA ALA L 87 -44.20 -9.10 -17.62
C ALA L 87 -43.71 -10.23 -16.74
N GLU L 88 -42.43 -10.60 -16.87
CA GLU L 88 -41.86 -11.68 -16.08
C GLU L 88 -41.96 -11.38 -14.58
N ASP L 89 -42.01 -10.12 -14.21
CA ASP L 89 -42.29 -9.74 -12.83
C ASP L 89 -43.63 -10.28 -12.34
N THR L 90 -44.54 -10.62 -13.25
CA THR L 90 -45.77 -11.30 -12.87
C THR L 90 -45.42 -12.66 -12.31
N ALA L 91 -45.49 -12.82 -10.98
CA ALA L 91 -45.14 -14.09 -10.36
C ALA L 91 -45.40 -13.99 -8.86
N VAL L 92 -45.40 -15.14 -8.22
CA VAL L 92 -45.41 -15.21 -6.76
C VAL L 92 -44.05 -14.77 -6.25
N TYR L 93 -44.02 -14.24 -5.03
CA TYR L 93 -42.78 -13.87 -4.39
C TYR L 93 -42.88 -14.17 -2.91
N TYR L 94 -42.14 -15.20 -2.47
CA TYR L 94 -42.13 -15.65 -1.09
C TYR L 94 -41.03 -14.96 -0.29
N CYS L 95 -41.20 -15.01 1.02
CA CYS L 95 -40.15 -14.68 1.98
C CYS L 95 -39.79 -15.93 2.77
N ALA L 96 -38.49 -16.18 2.93
CA ALA L 96 -38.02 -17.41 3.54
C ALA L 96 -36.73 -17.14 4.32
N LYS L 97 -36.25 -18.18 4.99
CA LYS L 97 -35.04 -18.11 5.80
C LYS L 97 -34.20 -19.35 5.55
N ASP L 98 -32.92 -19.23 5.88
CA ASP L 98 -31.96 -20.29 5.62
C ASP L 98 -31.80 -21.20 6.84
N HIS L 99 -31.26 -22.39 6.57
CA HIS L 99 -31.08 -23.39 7.61
C HIS L 99 -29.87 -23.11 8.48
N ARG L 100 -28.89 -22.41 7.96
CA ARG L 100 -27.69 -22.14 8.73
C ARG L 100 -27.94 -21.01 9.71
N VAL L 101 -27.03 -20.90 10.66
CA VAL L 101 -27.12 -19.93 11.73
C VAL L 101 -26.35 -18.68 11.32
N TRP L 102 -26.72 -17.55 11.90
CA TRP L 102 -26.02 -16.28 11.66
C TRP L 102 -26.08 -15.87 10.19
N ALA L 103 -27.17 -16.20 9.52
CA ALA L 103 -27.50 -15.68 8.21
C ALA L 103 -26.45 -16.00 7.13
N ALA L 104 -25.51 -16.88 7.42
CA ALA L 104 -24.44 -17.23 6.49
C ALA L 104 -24.84 -18.57 5.87
N GLY L 105 -25.74 -18.53 4.89
CA GLY L 105 -26.25 -19.78 4.38
C GLY L 105 -27.29 -19.62 3.31
N TYR L 106 -27.82 -20.78 2.94
CA TYR L 106 -28.73 -21.00 1.82
C TYR L 106 -29.60 -22.19 2.20
N HIS L 107 -30.20 -22.84 1.20
CA HIS L 107 -30.96 -24.09 1.36
C HIS L 107 -32.03 -23.93 2.43
N PHE L 108 -33.02 -23.11 2.06
CA PHE L 108 -34.02 -22.56 2.97
C PHE L 108 -34.70 -23.62 3.82
N ASP L 109 -35.10 -23.21 5.03
CA ASP L 109 -35.88 -24.06 5.91
C ASP L 109 -37.35 -24.10 5.49
N TYR L 110 -38.00 -22.94 5.56
CA TYR L 110 -39.44 -22.85 5.45
C TYR L 110 -39.78 -21.77 4.45
N TRP L 111 -41.07 -21.50 4.32
CA TRP L 111 -41.62 -20.54 3.40
C TRP L 111 -42.77 -19.83 4.07
N GLY L 112 -43.37 -18.88 3.36
CA GLY L 112 -44.50 -18.13 3.87
C GLY L 112 -45.79 -18.52 3.20
N GLN L 113 -46.35 -17.59 2.43
CA GLN L 113 -47.59 -17.77 1.71
C GLN L 113 -47.45 -17.48 0.22
N GLY L 114 -46.63 -16.51 -0.14
CA GLY L 114 -46.45 -16.14 -1.52
C GLY L 114 -47.47 -15.12 -1.96
N ALA L 115 -47.03 -14.16 -2.77
CA ALA L 115 -47.88 -13.08 -3.25
C ALA L 115 -47.77 -13.02 -4.76
N LEU L 116 -48.83 -13.45 -5.44
CA LEU L 116 -48.82 -13.41 -6.89
C LEU L 116 -48.88 -11.96 -7.31
N VAL L 117 -47.73 -11.33 -7.40
CA VAL L 117 -47.65 -9.98 -7.90
C VAL L 117 -47.73 -10.05 -9.42
N THR L 118 -48.33 -9.02 -10.01
CA THR L 118 -48.86 -9.10 -11.36
C THR L 118 -48.77 -7.73 -12.01
N VAL L 119 -48.97 -7.69 -13.33
CA VAL L 119 -49.10 -6.43 -14.06
C VAL L 119 -50.21 -6.56 -15.10
N SER L 120 -50.57 -5.42 -15.67
CA SER L 120 -51.66 -5.35 -16.64
C SER L 120 -51.44 -4.21 -17.62
#